data_2EJB
# 
_entry.id   2EJB 
# 
_audit_conform.dict_name       mmcif_pdbx.dic 
_audit_conform.dict_version    5.380 
_audit_conform.dict_location   http://mmcif.pdb.org/dictionaries/ascii/mmcif_pdbx.dic 
# 
loop_
_database_2.database_id 
_database_2.database_code 
_database_2.pdbx_database_accession 
_database_2.pdbx_DOI 
PDB   2EJB         pdb_00002ejb 10.2210/pdb2ejb/pdb 
RCSB  RCSB026733   ?            ?                   
WWPDB D_1000026733 ?            ?                   
# 
_pdbx_database_related.db_name        TargetDB 
_pdbx_database_related.db_id          aae001000528.1 
_pdbx_database_related.details        . 
_pdbx_database_related.content_type   unspecified 
# 
_pdbx_database_status.status_code                     REL 
_pdbx_database_status.entry_id                        2EJB 
_pdbx_database_status.recvd_initial_deposition_date   2007-03-16 
_pdbx_database_status.deposit_site                    PDBJ 
_pdbx_database_status.process_site                    PDBJ 
_pdbx_database_status.status_code_sf                  REL 
_pdbx_database_status.status_code_mr                  ? 
_pdbx_database_status.SG_entry                        Y 
_pdbx_database_status.pdb_format_compatible           Y 
_pdbx_database_status.status_code_cs                  ? 
_pdbx_database_status.status_code_nmr_data            ? 
_pdbx_database_status.methods_development_category    ? 
# 
loop_
_audit_author.name 
_audit_author.pdbx_ordinal 
'Bagautdinov, B.'                                        1 
'Kunishima, N.'                                          2 
'RIKEN Structural Genomics/Proteomics Initiative (RSGI)' 3 
# 
_citation.id                        primary 
_citation.title                     'Crystal Structure Of Phenylacrylic Acid Decarboxylase from Aquifex aeolicus' 
_citation.journal_abbrev            'To be Published' 
_citation.journal_volume            ? 
_citation.page_first                ? 
_citation.page_last                 ? 
_citation.year                      ? 
_citation.journal_id_ASTM           ? 
_citation.country                   ? 
_citation.journal_id_ISSN           ? 
_citation.journal_id_CSD            0353 
_citation.book_publisher            ? 
_citation.pdbx_database_id_PubMed   ? 
_citation.pdbx_database_id_DOI      ? 
# 
loop_
_citation_author.citation_id 
_citation_author.name 
_citation_author.ordinal 
_citation_author.identifier_ORCID 
primary 'Bagautdinov, B.' 1 ? 
primary 'Kunishima, N.'   2 ? 
# 
_cell.entry_id           2EJB 
_cell.length_a           130.934 
_cell.length_b           130.934 
_cell.length_c           130.934 
_cell.angle_alpha        90.00 
_cell.angle_beta         90.00 
_cell.angle_gamma        90.00 
_cell.Z_PDB              48 
_cell.pdbx_unique_axis   ? 
_cell.length_a_esd       ? 
_cell.length_b_esd       ? 
_cell.length_c_esd       ? 
_cell.angle_alpha_esd    ? 
_cell.angle_beta_esd     ? 
_cell.angle_gamma_esd    ? 
# 
_symmetry.entry_id                         2EJB 
_symmetry.space_group_name_H-M             'F 2 3' 
_symmetry.pdbx_full_space_group_name_H-M   ? 
_symmetry.cell_setting                     ? 
_symmetry.Int_Tables_number                196 
_symmetry.space_group_name_Hall            ? 
# 
loop_
_entity.id 
_entity.type 
_entity.src_method 
_entity.pdbx_description 
_entity.formula_weight 
_entity.pdbx_number_of_molecules 
_entity.pdbx_ec 
_entity.pdbx_mutation 
_entity.pdbx_fragment 
_entity.details 
1 polymer man 'Probable aromatic acid decarboxylase' 21285.934 1  4.1.1.- ? ? ? 
2 water   nat water                                  18.015    79 ?       ? ? ? 
# 
_entity_name_com.entity_id   1 
_entity_name_com.name        'phenylacrylic acid decarboxylase' 
# 
_entity_poly.entity_id                      1 
_entity_poly.type                           'polypeptide(L)' 
_entity_poly.nstd_linkage                   no 
_entity_poly.nstd_monomer                   no 
_entity_poly.pdbx_seq_one_letter_code       
;MQKIALCITGASGVIYGIKLLQVLEELDFSVDLVISRNAKVVLKEEHSLTFEEVLKGLKNVRIHEENDFTSPLASGSRLV
HYRGVYVVPCSTNTLSCIANGINKNLIHRVGEVALKERVPLVLLVREAPYNEIHLENMLKITRMGGVVVPASPAFYHKPQ
SIDDMINFVVGKLLDVLRIEHNLYKRWRG
;
_entity_poly.pdbx_seq_one_letter_code_can   
;MQKIALCITGASGVIYGIKLLQVLEELDFSVDLVISRNAKVVLKEEHSLTFEEVLKGLKNVRIHEENDFTSPLASGSRLV
HYRGVYVVPCSTNTLSCIANGINKNLIHRVGEVALKERVPLVLLVREAPYNEIHLENMLKITRMGGVVVPASPAFYHKPQ
SIDDMINFVVGKLLDVLRIEHNLYKRWRG
;
_entity_poly.pdbx_strand_id                 A 
_entity_poly.pdbx_target_identifier         aae001000528.1 
# 
loop_
_entity_poly_seq.entity_id 
_entity_poly_seq.num 
_entity_poly_seq.mon_id 
_entity_poly_seq.hetero 
1 1   MET n 
1 2   GLN n 
1 3   LYS n 
1 4   ILE n 
1 5   ALA n 
1 6   LEU n 
1 7   CYS n 
1 8   ILE n 
1 9   THR n 
1 10  GLY n 
1 11  ALA n 
1 12  SER n 
1 13  GLY n 
1 14  VAL n 
1 15  ILE n 
1 16  TYR n 
1 17  GLY n 
1 18  ILE n 
1 19  LYS n 
1 20  LEU n 
1 21  LEU n 
1 22  GLN n 
1 23  VAL n 
1 24  LEU n 
1 25  GLU n 
1 26  GLU n 
1 27  LEU n 
1 28  ASP n 
1 29  PHE n 
1 30  SER n 
1 31  VAL n 
1 32  ASP n 
1 33  LEU n 
1 34  VAL n 
1 35  ILE n 
1 36  SER n 
1 37  ARG n 
1 38  ASN n 
1 39  ALA n 
1 40  LYS n 
1 41  VAL n 
1 42  VAL n 
1 43  LEU n 
1 44  LYS n 
1 45  GLU n 
1 46  GLU n 
1 47  HIS n 
1 48  SER n 
1 49  LEU n 
1 50  THR n 
1 51  PHE n 
1 52  GLU n 
1 53  GLU n 
1 54  VAL n 
1 55  LEU n 
1 56  LYS n 
1 57  GLY n 
1 58  LEU n 
1 59  LYS n 
1 60  ASN n 
1 61  VAL n 
1 62  ARG n 
1 63  ILE n 
1 64  HIS n 
1 65  GLU n 
1 66  GLU n 
1 67  ASN n 
1 68  ASP n 
1 69  PHE n 
1 70  THR n 
1 71  SER n 
1 72  PRO n 
1 73  LEU n 
1 74  ALA n 
1 75  SER n 
1 76  GLY n 
1 77  SER n 
1 78  ARG n 
1 79  LEU n 
1 80  VAL n 
1 81  HIS n 
1 82  TYR n 
1 83  ARG n 
1 84  GLY n 
1 85  VAL n 
1 86  TYR n 
1 87  VAL n 
1 88  VAL n 
1 89  PRO n 
1 90  CYS n 
1 91  SER n 
1 92  THR n 
1 93  ASN n 
1 94  THR n 
1 95  LEU n 
1 96  SER n 
1 97  CYS n 
1 98  ILE n 
1 99  ALA n 
1 100 ASN n 
1 101 GLY n 
1 102 ILE n 
1 103 ASN n 
1 104 LYS n 
1 105 ASN n 
1 106 LEU n 
1 107 ILE n 
1 108 HIS n 
1 109 ARG n 
1 110 VAL n 
1 111 GLY n 
1 112 GLU n 
1 113 VAL n 
1 114 ALA n 
1 115 LEU n 
1 116 LYS n 
1 117 GLU n 
1 118 ARG n 
1 119 VAL n 
1 120 PRO n 
1 121 LEU n 
1 122 VAL n 
1 123 LEU n 
1 124 LEU n 
1 125 VAL n 
1 126 ARG n 
1 127 GLU n 
1 128 ALA n 
1 129 PRO n 
1 130 TYR n 
1 131 ASN n 
1 132 GLU n 
1 133 ILE n 
1 134 HIS n 
1 135 LEU n 
1 136 GLU n 
1 137 ASN n 
1 138 MET n 
1 139 LEU n 
1 140 LYS n 
1 141 ILE n 
1 142 THR n 
1 143 ARG n 
1 144 MET n 
1 145 GLY n 
1 146 GLY n 
1 147 VAL n 
1 148 VAL n 
1 149 VAL n 
1 150 PRO n 
1 151 ALA n 
1 152 SER n 
1 153 PRO n 
1 154 ALA n 
1 155 PHE n 
1 156 TYR n 
1 157 HIS n 
1 158 LYS n 
1 159 PRO n 
1 160 GLN n 
1 161 SER n 
1 162 ILE n 
1 163 ASP n 
1 164 ASP n 
1 165 MET n 
1 166 ILE n 
1 167 ASN n 
1 168 PHE n 
1 169 VAL n 
1 170 VAL n 
1 171 GLY n 
1 172 LYS n 
1 173 LEU n 
1 174 LEU n 
1 175 ASP n 
1 176 VAL n 
1 177 LEU n 
1 178 ARG n 
1 179 ILE n 
1 180 GLU n 
1 181 HIS n 
1 182 ASN n 
1 183 LEU n 
1 184 TYR n 
1 185 LYS n 
1 186 ARG n 
1 187 TRP n 
1 188 ARG n 
1 189 GLY n 
# 
_entity_src_gen.entity_id                          1 
_entity_src_gen.pdbx_src_id                        1 
_entity_src_gen.pdbx_alt_source_flag               sample 
_entity_src_gen.pdbx_seq_type                      ? 
_entity_src_gen.pdbx_beg_seq_num                   ? 
_entity_src_gen.pdbx_end_seq_num                   ? 
_entity_src_gen.gene_src_common_name               ? 
_entity_src_gen.gene_src_genus                     Aquifex 
_entity_src_gen.pdbx_gene_src_gene                 ? 
_entity_src_gen.gene_src_species                   ? 
_entity_src_gen.gene_src_strain                    ? 
_entity_src_gen.gene_src_tissue                    ? 
_entity_src_gen.gene_src_tissue_fraction           ? 
_entity_src_gen.gene_src_details                   ? 
_entity_src_gen.pdbx_gene_src_fragment             ? 
_entity_src_gen.pdbx_gene_src_scientific_name      'Aquifex aeolicus' 
_entity_src_gen.pdbx_gene_src_ncbi_taxonomy_id     63363 
_entity_src_gen.pdbx_gene_src_variant              ? 
_entity_src_gen.pdbx_gene_src_cell_line            ? 
_entity_src_gen.pdbx_gene_src_atcc                 ? 
_entity_src_gen.pdbx_gene_src_organ                ? 
_entity_src_gen.pdbx_gene_src_organelle            ? 
_entity_src_gen.pdbx_gene_src_cell                 ? 
_entity_src_gen.pdbx_gene_src_cellular_location    ? 
_entity_src_gen.host_org_common_name               ? 
_entity_src_gen.pdbx_host_org_scientific_name      'Escherichia coli' 
_entity_src_gen.pdbx_host_org_ncbi_taxonomy_id     562 
_entity_src_gen.host_org_genus                     Escherichia 
_entity_src_gen.pdbx_host_org_gene                 ? 
_entity_src_gen.pdbx_host_org_organ                ? 
_entity_src_gen.host_org_species                   ? 
_entity_src_gen.pdbx_host_org_tissue               ? 
_entity_src_gen.pdbx_host_org_tissue_fraction      ? 
_entity_src_gen.pdbx_host_org_strain               '(DE3)RIL' 
_entity_src_gen.pdbx_host_org_variant              ? 
_entity_src_gen.pdbx_host_org_cell_line            ? 
_entity_src_gen.pdbx_host_org_atcc                 ? 
_entity_src_gen.pdbx_host_org_culture_collection   ? 
_entity_src_gen.pdbx_host_org_cell                 ? 
_entity_src_gen.pdbx_host_org_organelle            ? 
_entity_src_gen.pdbx_host_org_cellular_location    ? 
_entity_src_gen.pdbx_host_org_vector_type          PLASMID 
_entity_src_gen.pdbx_host_org_vector               ? 
_entity_src_gen.host_org_details                   ? 
_entity_src_gen.expression_system_id               ? 
_entity_src_gen.plasmid_name                       pET11a 
_entity_src_gen.plasmid_details                    ? 
_entity_src_gen.pdbx_description                   ? 
# 
_struct_ref.id                         1 
_struct_ref.db_name                    UNP 
_struct_ref.db_code                    PAAD_AQUAE 
_struct_ref.pdbx_db_accession          O66811 
_struct_ref.entity_id                  1 
_struct_ref.pdbx_seq_one_letter_code   
;MQKIALCITGASGVIYGIKLLQVLEELDFSVDLVISRNAKVVLKEEHSLTFEEVLKGLKNVRIHEENDFTSPLASGSRLV
HYRGVYVVPCSTNTLSCIANGINKNLIHRVGEVALKERVPLVLLVREAPYNEIHLENMLKITRMGGVVVPASPAFYHKPQ
SIDDMINFVVGKLLDVLRIEHNLYKRWRG
;
_struct_ref.pdbx_align_begin           1 
_struct_ref.pdbx_db_isoform            ? 
# 
_struct_ref_seq.align_id                      1 
_struct_ref_seq.ref_id                        1 
_struct_ref_seq.pdbx_PDB_id_code              2EJB 
_struct_ref_seq.pdbx_strand_id                A 
_struct_ref_seq.seq_align_beg                 1 
_struct_ref_seq.pdbx_seq_align_beg_ins_code   ? 
_struct_ref_seq.seq_align_end                 189 
_struct_ref_seq.pdbx_seq_align_end_ins_code   ? 
_struct_ref_seq.pdbx_db_accession             O66811 
_struct_ref_seq.db_align_beg                  1 
_struct_ref_seq.pdbx_db_align_beg_ins_code    ? 
_struct_ref_seq.db_align_end                  189 
_struct_ref_seq.pdbx_db_align_end_ins_code    ? 
_struct_ref_seq.pdbx_auth_seq_align_beg       1 
_struct_ref_seq.pdbx_auth_seq_align_end       189 
# 
loop_
_chem_comp.id 
_chem_comp.type 
_chem_comp.mon_nstd_flag 
_chem_comp.name 
_chem_comp.pdbx_synonyms 
_chem_comp.formula 
_chem_comp.formula_weight 
ALA 'L-peptide linking' y ALANINE         ? 'C3 H7 N O2'     89.093  
ARG 'L-peptide linking' y ARGININE        ? 'C6 H15 N4 O2 1' 175.209 
ASN 'L-peptide linking' y ASPARAGINE      ? 'C4 H8 N2 O3'    132.118 
ASP 'L-peptide linking' y 'ASPARTIC ACID' ? 'C4 H7 N O4'     133.103 
CYS 'L-peptide linking' y CYSTEINE        ? 'C3 H7 N O2 S'   121.158 
GLN 'L-peptide linking' y GLUTAMINE       ? 'C5 H10 N2 O3'   146.144 
GLU 'L-peptide linking' y 'GLUTAMIC ACID' ? 'C5 H9 N O4'     147.129 
GLY 'peptide linking'   y GLYCINE         ? 'C2 H5 N O2'     75.067  
HIS 'L-peptide linking' y HISTIDINE       ? 'C6 H10 N3 O2 1' 156.162 
HOH non-polymer         . WATER           ? 'H2 O'           18.015  
ILE 'L-peptide linking' y ISOLEUCINE      ? 'C6 H13 N O2'    131.173 
LEU 'L-peptide linking' y LEUCINE         ? 'C6 H13 N O2'    131.173 
LYS 'L-peptide linking' y LYSINE          ? 'C6 H15 N2 O2 1' 147.195 
MET 'L-peptide linking' y METHIONINE      ? 'C5 H11 N O2 S'  149.211 
PHE 'L-peptide linking' y PHENYLALANINE   ? 'C9 H11 N O2'    165.189 
PRO 'L-peptide linking' y PROLINE         ? 'C5 H9 N O2'     115.130 
SER 'L-peptide linking' y SERINE          ? 'C3 H7 N O3'     105.093 
THR 'L-peptide linking' y THREONINE       ? 'C4 H9 N O3'     119.119 
TRP 'L-peptide linking' y TRYPTOPHAN      ? 'C11 H12 N2 O2'  204.225 
TYR 'L-peptide linking' y TYROSINE        ? 'C9 H11 N O3'    181.189 
VAL 'L-peptide linking' y VALINE          ? 'C5 H11 N O2'    117.146 
# 
_exptl.entry_id          2EJB 
_exptl.method            'X-RAY DIFFRACTION' 
_exptl.crystals_number   1 
# 
_exptl_crystal.id                    1 
_exptl_crystal.density_meas          ? 
_exptl_crystal.density_Matthews      2.20 
_exptl_crystal.density_percent_sol   43.99 
_exptl_crystal.description           ? 
_exptl_crystal.F_000                 ? 
_exptl_crystal.preparation           ? 
# 
_exptl_crystal_grow.crystal_id      1 
_exptl_crystal_grow.method          MICROBATCH 
_exptl_crystal_grow.temp            295 
_exptl_crystal_grow.temp_details    ? 
_exptl_crystal_grow.pH              4.5 
_exptl_crystal_grow.pdbx_details    '10% PEG 6000, 2M NaCl, pH 4.5, microbatch, temperature 295K' 
_exptl_crystal_grow.pdbx_pH_range   . 
# 
_diffrn.id                     1 
_diffrn.ambient_temp           100 
_diffrn.ambient_temp_details   ? 
_diffrn.crystal_id             1 
# 
_diffrn_detector.diffrn_id              1 
_diffrn_detector.detector               'IMAGE PLATE' 
_diffrn_detector.type                   'RIGAKU RAXIS IV' 
_diffrn_detector.pdbx_collection_date   2006-01-12 
_diffrn_detector.details                mirrors 
# 
_diffrn_radiation.diffrn_id                        1 
_diffrn_radiation.wavelength_id                    1 
_diffrn_radiation.pdbx_monochromatic_or_laue_m_l   M 
_diffrn_radiation.monochromator                    GRAPHITE 
_diffrn_radiation.pdbx_diffrn_protocol             'SINGLE WAVELENGTH' 
_diffrn_radiation.pdbx_scattering_type             x-ray 
# 
_diffrn_radiation_wavelength.id           1 
_diffrn_radiation_wavelength.wavelength   1.5418 
_diffrn_radiation_wavelength.wt           1.0 
# 
_diffrn_source.diffrn_id                   1 
_diffrn_source.source                      'ROTATING ANODE' 
_diffrn_source.type                        RIGAKU 
_diffrn_source.pdbx_synchrotron_site       ? 
_diffrn_source.pdbx_synchrotron_beamline   ? 
_diffrn_source.pdbx_wavelength             ? 
_diffrn_source.pdbx_wavelength_list        1.5418 
# 
_reflns.entry_id                     2EJB 
_reflns.observed_criterion_sigma_F   0.0 
_reflns.observed_criterion_sigma_I   0.0 
_reflns.d_resolution_high            2.15 
_reflns.d_resolution_low             32.73 
_reflns.number_all                   10214 
_reflns.number_obs                   9696 
_reflns.percent_possible_obs         94.9 
_reflns.pdbx_Rmerge_I_obs            0.048 
_reflns.pdbx_Rsym_value              0.038 
_reflns.pdbx_netI_over_sigmaI        36.8 
_reflns.B_iso_Wilson_estimate        44.3 
_reflns.pdbx_redundancy              3.5 
_reflns.R_free_details               ? 
_reflns.limit_h_max                  ? 
_reflns.limit_h_min                  ? 
_reflns.limit_k_max                  ? 
_reflns.limit_k_min                  ? 
_reflns.limit_l_max                  ? 
_reflns.limit_l_min                  ? 
_reflns.observed_criterion_F_max     ? 
_reflns.observed_criterion_F_min     ? 
_reflns.pdbx_chi_squared             ? 
_reflns.pdbx_scaling_rejects         ? 
_reflns.pdbx_diffrn_id               1 
_reflns.pdbx_ordinal                 1 
# 
_reflns_shell.d_res_high             2.15 
_reflns_shell.d_res_low              2.23 
_reflns_shell.percent_possible_all   95.4 
_reflns_shell.Rmerge_I_obs           0.309 
_reflns_shell.pdbx_Rsym_value        0.294 
_reflns_shell.meanI_over_sigI_obs    4.8 
_reflns_shell.pdbx_redundancy        3.0 
_reflns_shell.percent_possible_obs   ? 
_reflns_shell.number_unique_all      954 
_reflns_shell.number_measured_all    ? 
_reflns_shell.number_measured_obs    ? 
_reflns_shell.number_unique_obs      ? 
_reflns_shell.pdbx_chi_squared       ? 
_reflns_shell.pdbx_diffrn_id         ? 
_reflns_shell.pdbx_ordinal           1 
# 
_refine.entry_id                                 2EJB 
_refine.ls_d_res_high                            2.15 
_refine.ls_d_res_low                             32.73 
_refine.pdbx_ls_sigma_F                          0.0 
_refine.pdbx_ls_sigma_I                          0.0 
_refine.ls_number_reflns_all                     10214 
_refine.ls_number_reflns_obs                     9696 
_refine.ls_number_reflns_R_free                  493 
_refine.ls_percent_reflns_obs                    94.9 
_refine.ls_R_factor_all                          ? 
_refine.ls_R_factor_obs                          0.217 
_refine.ls_R_factor_R_work                       0.217 
_refine.ls_R_factor_R_free                       0.259 
_refine.ls_redundancy_reflns_obs                 ? 
_refine.pdbx_data_cutoff_high_absF               ? 
_refine.pdbx_data_cutoff_low_absF                ? 
_refine.ls_number_parameters                     ? 
_refine.ls_number_restraints                     ? 
_refine.ls_percent_reflns_R_free                 ? 
_refine.ls_R_factor_R_free_error                 ? 
_refine.ls_R_factor_R_free_error_details         ? 
_refine.pdbx_method_to_determine_struct          'MOLECULAR REPLACEMENT' 
_refine.pdbx_starting_model                      'PDB ENTRY 1SBZ' 
_refine.pdbx_ls_cross_valid_method               THROUGHOUT 
_refine.pdbx_R_Free_selection_details            RANDOM 
_refine.pdbx_stereochem_target_val_spec_case     ? 
_refine.pdbx_stereochemistry_target_values       'Engh & Huber' 
_refine.solvent_model_details                    ? 
_refine.solvent_model_param_bsol                 ? 
_refine.solvent_model_param_ksol                 ? 
_refine.occupancy_max                            ? 
_refine.occupancy_min                            ? 
_refine.pdbx_isotropic_thermal_model             OVERALL 
_refine.B_iso_mean                               46.7 
_refine.aniso_B[1][1]                            0.00 
_refine.aniso_B[1][2]                            0.00 
_refine.aniso_B[1][3]                            0.00 
_refine.aniso_B[2][2]                            0.00 
_refine.aniso_B[2][3]                            0.00 
_refine.aniso_B[3][3]                            0.00 
_refine.details                                  ? 
_refine.B_iso_min                                ? 
_refine.B_iso_max                                ? 
_refine.correlation_coeff_Fo_to_Fc               ? 
_refine.correlation_coeff_Fo_to_Fc_free          ? 
_refine.pdbx_solvent_vdw_probe_radii             ? 
_refine.pdbx_solvent_ion_probe_radii             ? 
_refine.pdbx_solvent_shrinkage_radii             ? 
_refine.overall_SU_R_Cruickshank_DPI             ? 
_refine.overall_SU_R_free                        ? 
_refine.overall_SU_ML                            ? 
_refine.overall_SU_B                             ? 
_refine.pdbx_overall_ESU_R_Free                  ? 
_refine.pdbx_data_cutoff_high_rms_absF           ? 
_refine.pdbx_overall_ESU_R                       ? 
_refine.ls_wR_factor_R_free                      ? 
_refine.ls_wR_factor_R_work                      ? 
_refine.overall_FOM_free_R_set                   ? 
_refine.overall_FOM_work_R_set                   ? 
_refine.pdbx_overall_phase_error                 ? 
_refine.pdbx_refine_id                           'X-RAY DIFFRACTION' 
_refine.pdbx_diffrn_id                           1 
_refine.pdbx_TLS_residual_ADP_flag               ? 
_refine.pdbx_overall_SU_R_free_Cruickshank_DPI   ? 
_refine.pdbx_overall_SU_R_Blow_DPI               ? 
_refine.pdbx_overall_SU_R_free_Blow_DPI          ? 
# 
_refine_analyze.entry_id                        2EJB 
_refine_analyze.Luzzati_coordinate_error_obs    0.26 
_refine_analyze.Luzzati_sigma_a_obs             0.13 
_refine_analyze.Luzzati_d_res_low_obs           5.00 
_refine_analyze.Luzzati_coordinate_error_free   0.35 
_refine_analyze.Luzzati_sigma_a_free            0.15 
_refine_analyze.Luzzati_d_res_low_free          ? 
_refine_analyze.number_disordered_residues      ? 
_refine_analyze.occupancy_sum_non_hydrogen      ? 
_refine_analyze.occupancy_sum_hydrogen          ? 
_refine_analyze.pdbx_Luzzati_d_res_high_obs     ? 
_refine_analyze.pdbx_refine_id                  'X-RAY DIFFRACTION' 
# 
_refine_hist.pdbx_refine_id                   'X-RAY DIFFRACTION' 
_refine_hist.cycle_id                         LAST 
_refine_hist.pdbx_number_atoms_protein        1373 
_refine_hist.pdbx_number_atoms_nucleic_acid   0 
_refine_hist.pdbx_number_atoms_ligand         0 
_refine_hist.number_atoms_solvent             79 
_refine_hist.number_atoms_total               1452 
_refine_hist.d_res_high                       2.15 
_refine_hist.d_res_low                        32.73 
# 
loop_
_refine_ls_restr.type 
_refine_ls_restr.dev_ideal 
_refine_ls_restr.dev_ideal_target 
_refine_ls_restr.weight 
_refine_ls_restr.number 
_refine_ls_restr.pdbx_refine_id 
_refine_ls_restr.pdbx_restraint_function 
c_bond_d           0.005 ? ? ? 'X-RAY DIFFRACTION' ? 
c_angle_deg        1.2   ? ? ? 'X-RAY DIFFRACTION' ? 
c_dihedral_angle_d 23.5  ? ? ? 'X-RAY DIFFRACTION' ? 
c_improper_angle_d 0.74  ? ? ? 'X-RAY DIFFRACTION' ? 
# 
_refine_ls_shell.pdbx_total_number_of_bins_used   ? 
_refine_ls_shell.d_res_high                       2.15 
_refine_ls_shell.d_res_low                        2.23 
_refine_ls_shell.number_reflns_R_work             ? 
_refine_ls_shell.R_factor_R_work                  0.249 
_refine_ls_shell.percent_reflns_obs               95.5 
_refine_ls_shell.R_factor_R_free                  0.283 
_refine_ls_shell.R_factor_R_free_error            0.038 
_refine_ls_shell.percent_reflns_R_free            ? 
_refine_ls_shell.number_reflns_R_free             57 
_refine_ls_shell.number_reflns_all                ? 
_refine_ls_shell.R_factor_all                     ? 
_refine_ls_shell.number_reflns_obs                966 
_refine_ls_shell.redundancy_reflns_obs            ? 
_refine_ls_shell.pdbx_refine_id                   'X-RAY DIFFRACTION' 
# 
_struct.entry_id                  2EJB 
_struct.title                     'Crystal Structure Of Phenylacrylic Acid Decarboxylase from Aquifex aeolicus' 
_struct.pdbx_model_details        ? 
_struct.pdbx_CASP_flag            ? 
_struct.pdbx_model_type_details   ? 
# 
_struct_keywords.entry_id        2EJB 
_struct_keywords.pdbx_keywords   LYASE 
_struct_keywords.text            
;Phenylacrylic Acid Decarboxylase, Structural Genomics, NPPSFA, National Project on Protein Structural and Functional Analyses, RIKEN Structural Genomics/Proteomics Initiative, RSGI, Lyase
;
# 
loop_
_struct_asym.id 
_struct_asym.pdbx_blank_PDB_chainid_flag 
_struct_asym.pdbx_modified 
_struct_asym.entity_id 
_struct_asym.details 
A N N 1 ? 
B N N 2 ? 
# 
_struct_biol.id        1 
_struct_biol.details   ? 
# 
loop_
_struct_conf.conf_type_id 
_struct_conf.id 
_struct_conf.pdbx_PDB_helix_id 
_struct_conf.beg_label_comp_id 
_struct_conf.beg_label_asym_id 
_struct_conf.beg_label_seq_id 
_struct_conf.pdbx_beg_PDB_ins_code 
_struct_conf.end_label_comp_id 
_struct_conf.end_label_asym_id 
_struct_conf.end_label_seq_id 
_struct_conf.pdbx_end_PDB_ins_code 
_struct_conf.beg_auth_comp_id 
_struct_conf.beg_auth_asym_id 
_struct_conf.beg_auth_seq_id 
_struct_conf.end_auth_comp_id 
_struct_conf.end_auth_asym_id 
_struct_conf.end_auth_seq_id 
_struct_conf.pdbx_PDB_helix_class 
_struct_conf.details 
_struct_conf.pdbx_PDB_helix_length 
HELX_P HELX_P1 1 GLY A 13  ? LEU A 27  ? GLY A 13  LEU A 27  1 ? 15 
HELX_P HELX_P2 2 SER A 36  ? GLU A 46  ? SER A 36  GLU A 46  1 ? 11 
HELX_P HELX_P3 3 SER A 71  ? ALA A 74  ? SER A 71  ALA A 74  5 ? 4  
HELX_P HELX_P4 4 SER A 75  ? VAL A 80  ? SER A 75  VAL A 80  1 ? 6  
HELX_P HELX_P5 5 SER A 91  ? GLY A 101 ? SER A 91  GLY A 101 1 ? 11 
HELX_P HELX_P6 6 ASN A 105 ? ARG A 118 ? ASN A 105 ARG A 118 1 ? 14 
HELX_P HELX_P7 7 ASN A 131 ? MET A 144 ? ASN A 131 MET A 144 1 ? 14 
HELX_P HELX_P8 8 SER A 161 ? LEU A 177 ? SER A 161 LEU A 177 1 ? 17 
# 
_struct_conf_type.id          HELX_P 
_struct_conf_type.criteria    ? 
_struct_conf_type.reference   ? 
# 
loop_
_struct_mon_prot_cis.pdbx_id 
_struct_mon_prot_cis.label_comp_id 
_struct_mon_prot_cis.label_seq_id 
_struct_mon_prot_cis.label_asym_id 
_struct_mon_prot_cis.label_alt_id 
_struct_mon_prot_cis.pdbx_PDB_ins_code 
_struct_mon_prot_cis.auth_comp_id 
_struct_mon_prot_cis.auth_seq_id 
_struct_mon_prot_cis.auth_asym_id 
_struct_mon_prot_cis.pdbx_label_comp_id_2 
_struct_mon_prot_cis.pdbx_label_seq_id_2 
_struct_mon_prot_cis.pdbx_label_asym_id_2 
_struct_mon_prot_cis.pdbx_PDB_ins_code_2 
_struct_mon_prot_cis.pdbx_auth_comp_id_2 
_struct_mon_prot_cis.pdbx_auth_seq_id_2 
_struct_mon_prot_cis.pdbx_auth_asym_id_2 
_struct_mon_prot_cis.pdbx_PDB_model_num 
_struct_mon_prot_cis.pdbx_omega_angle 
1 VAL 88  A . ? VAL 88  A PRO 89  A ? PRO 89  A 1 0.24 
2 ALA 128 A . ? ALA 128 A PRO 129 A ? PRO 129 A 1 0.55 
# 
_struct_sheet.id               A 
_struct_sheet.type             ? 
_struct_sheet.number_strands   6 
_struct_sheet.details          ? 
# 
loop_
_struct_sheet_order.sheet_id 
_struct_sheet_order.range_id_1 
_struct_sheet_order.range_id_2 
_struct_sheet_order.offset 
_struct_sheet_order.sense 
A 1 2 ? parallel 
A 2 3 ? parallel 
A 3 4 ? parallel 
A 4 5 ? parallel 
A 5 6 ? parallel 
# 
loop_
_struct_sheet_range.sheet_id 
_struct_sheet_range.id 
_struct_sheet_range.beg_label_comp_id 
_struct_sheet_range.beg_label_asym_id 
_struct_sheet_range.beg_label_seq_id 
_struct_sheet_range.pdbx_beg_PDB_ins_code 
_struct_sheet_range.end_label_comp_id 
_struct_sheet_range.end_label_asym_id 
_struct_sheet_range.end_label_seq_id 
_struct_sheet_range.pdbx_end_PDB_ins_code 
_struct_sheet_range.beg_auth_comp_id 
_struct_sheet_range.beg_auth_asym_id 
_struct_sheet_range.beg_auth_seq_id 
_struct_sheet_range.end_auth_comp_id 
_struct_sheet_range.end_auth_asym_id 
_struct_sheet_range.end_auth_seq_id 
A 1 VAL A 61  ? GLU A 65  ? VAL A 61  GLU A 65  
A 2 SER A 30  ? ILE A 35  ? SER A 30  ILE A 35  
A 3 LYS A 3   ? ILE A 8   ? LYS A 3   ILE A 8   
A 4 TYR A 82  ? CYS A 90  ? TYR A 82  CYS A 90  
A 5 LEU A 121 ? VAL A 125 ? LEU A 121 VAL A 125 
A 6 VAL A 147 ? PRO A 150 ? VAL A 147 PRO A 150 
# 
loop_
_pdbx_struct_sheet_hbond.sheet_id 
_pdbx_struct_sheet_hbond.range_id_1 
_pdbx_struct_sheet_hbond.range_id_2 
_pdbx_struct_sheet_hbond.range_1_label_atom_id 
_pdbx_struct_sheet_hbond.range_1_label_comp_id 
_pdbx_struct_sheet_hbond.range_1_label_asym_id 
_pdbx_struct_sheet_hbond.range_1_label_seq_id 
_pdbx_struct_sheet_hbond.range_1_PDB_ins_code 
_pdbx_struct_sheet_hbond.range_1_auth_atom_id 
_pdbx_struct_sheet_hbond.range_1_auth_comp_id 
_pdbx_struct_sheet_hbond.range_1_auth_asym_id 
_pdbx_struct_sheet_hbond.range_1_auth_seq_id 
_pdbx_struct_sheet_hbond.range_2_label_atom_id 
_pdbx_struct_sheet_hbond.range_2_label_comp_id 
_pdbx_struct_sheet_hbond.range_2_label_asym_id 
_pdbx_struct_sheet_hbond.range_2_label_seq_id 
_pdbx_struct_sheet_hbond.range_2_PDB_ins_code 
_pdbx_struct_sheet_hbond.range_2_auth_atom_id 
_pdbx_struct_sheet_hbond.range_2_auth_comp_id 
_pdbx_struct_sheet_hbond.range_2_auth_asym_id 
_pdbx_struct_sheet_hbond.range_2_auth_seq_id 
A 1 2 O HIS A 64  ? O HIS A 64  N LEU A 33  ? N LEU A 33  
A 2 3 O ASP A 32  ? O ASP A 32  N LEU A 6   ? N LEU A 6   
A 3 4 N ALA A 5   ? N ALA A 5   O TYR A 86  ? O TYR A 86  
A 4 5 N VAL A 85  ? N VAL A 85  O VAL A 122 ? O VAL A 122 
A 5 6 N LEU A 123 ? N LEU A 123 O VAL A 149 ? O VAL A 149 
# 
_atom_sites.entry_id                    2EJB 
_atom_sites.fract_transf_matrix[1][1]   0.00342560 
_atom_sites.fract_transf_matrix[1][2]   -0.00480660 
_atom_sites.fract_transf_matrix[1][3]   -0.00484620 
_atom_sites.fract_transf_matrix[2][1]   -0.00242922 
_atom_sites.fract_transf_matrix[2][2]   0.00420873 
_atom_sites.fract_transf_matrix[2][3]   -0.00589146 
_atom_sites.fract_transf_matrix[3][1]   0.00637871 
_atom_sites.fract_transf_matrix[3][2]   0.00418414 
_atom_sites.fract_transf_matrix[3][3]   0.00035893 
_atom_sites.fract_transf_vector[1]      0.036514 
_atom_sites.fract_transf_vector[2]      0.252246 
_atom_sites.fract_transf_vector[3]      0.134614 
# 
loop_
_atom_type.symbol 
C 
N 
O 
S 
# 
loop_
_atom_site.group_PDB 
_atom_site.id 
_atom_site.type_symbol 
_atom_site.label_atom_id 
_atom_site.label_alt_id 
_atom_site.label_comp_id 
_atom_site.label_asym_id 
_atom_site.label_entity_id 
_atom_site.label_seq_id 
_atom_site.pdbx_PDB_ins_code 
_atom_site.Cartn_x 
_atom_site.Cartn_y 
_atom_site.Cartn_z 
_atom_site.occupancy 
_atom_site.B_iso_or_equiv 
_atom_site.pdbx_formal_charge 
_atom_site.auth_seq_id 
_atom_site.auth_comp_id 
_atom_site.auth_asym_id 
_atom_site.auth_atom_id 
_atom_site.pdbx_PDB_model_num 
ATOM   1    N N   . MET A 1 1   ? -18.590 2.635   -8.891  1.00 77.50  ? 1   MET A N   1 
ATOM   2    C CA  . MET A 1 1   ? -17.307 2.934   -8.180  1.00 77.20  ? 1   MET A CA  1 
ATOM   3    C C   . MET A 1 1   ? -16.366 1.752   -8.358  1.00 73.98  ? 1   MET A C   1 
ATOM   4    O O   . MET A 1 1   ? -16.779 0.604   -8.214  1.00 71.99  ? 1   MET A O   1 
ATOM   5    C CB  . MET A 1 1   ? -17.562 3.143   -6.686  1.00 81.42  ? 1   MET A CB  1 
ATOM   6    C CG  . MET A 1 1   ? -17.762 1.852   -5.942  1.00 87.97  ? 1   MET A CG  1 
ATOM   7    S SD  . MET A 1 1   ? -18.426 2.033   -4.301  1.00 96.78  ? 1   MET A SD  1 
ATOM   8    C CE  . MET A 1 1   ? -19.969 1.143   -4.499  1.00 95.00  ? 1   MET A CE  1 
ATOM   9    N N   . GLN A 1 2   ? -15.106 2.027   -8.664  1.00 70.54  ? 2   GLN A N   1 
ATOM   10   C CA  . GLN A 1 2   ? -14.146 0.948   -8.854  1.00 65.51  ? 2   GLN A CA  1 
ATOM   11   C C   . GLN A 1 2   ? -13.616 0.378   -7.539  1.00 61.63  ? 2   GLN A C   1 
ATOM   12   O O   . GLN A 1 2   ? -13.857 0.923   -6.456  1.00 57.45  ? 2   GLN A O   1 
ATOM   13   C CB  . GLN A 1 2   ? -12.975 1.402   -9.741  1.00 68.52  ? 2   GLN A CB  1 
ATOM   14   C CG  . GLN A 1 2   ? -12.970 2.880   -10.116 1.00 76.18  ? 2   GLN A CG  1 
ATOM   15   C CD  . GLN A 1 2   ? -12.027 3.199   -11.266 1.00 79.81  ? 2   GLN A CD  1 
ATOM   16   O OE1 . GLN A 1 2   ? -10.890 2.738   -11.295 1.00 84.62  ? 2   GLN A OE1 1 
ATOM   17   N NE2 . GLN A 1 2   ? -12.506 3.986   -12.224 1.00 82.65  ? 2   GLN A NE2 1 
ATOM   18   N N   . LYS A 1 3   ? -12.906 -0.738  -7.648  1.00 56.54  ? 3   LYS A N   1 
ATOM   19   C CA  . LYS A 1 3   ? -12.337 -1.407  -6.490  1.00 48.15  ? 3   LYS A CA  1 
ATOM   20   C C   . LYS A 1 3   ? -10.861 -1.079  -6.328  1.00 45.76  ? 3   LYS A C   1 
ATOM   21   O O   . LYS A 1 3   ? -10.131 -0.921  -7.305  1.00 44.03  ? 3   LYS A O   1 
ATOM   22   C CB  . LYS A 1 3   ? -12.508 -2.920  -6.629  1.00 52.00  ? 3   LYS A CB  1 
ATOM   23   C CG  . LYS A 1 3   ? -13.952 -3.384  -6.641  1.00 50.78  ? 3   LYS A CG  1 
ATOM   24   C CD  . LYS A 1 3   ? -14.030 -4.877  -6.875  1.00 56.00  ? 3   LYS A CD  1 
ATOM   25   C CE  . LYS A 1 3   ? -15.396 -5.426  -6.511  1.00 59.83  ? 3   LYS A CE  1 
ATOM   26   N NZ  . LYS A 1 3   ? -16.484 -4.845  -7.345  1.00 66.24  ? 3   LYS A NZ  1 
ATOM   27   N N   . ILE A 1 4   ? -10.431 -0.982  -5.080  1.00 45.35  ? 4   ILE A N   1 
ATOM   28   C CA  . ILE A 1 4   ? -9.042  -0.699  -4.761  1.00 46.78  ? 4   ILE A CA  1 
ATOM   29   C C   . ILE A 1 4   ? -8.619  -1.675  -3.675  1.00 41.84  ? 4   ILE A C   1 
ATOM   30   O O   . ILE A 1 4   ? -9.403  -2.002  -2.782  1.00 40.69  ? 4   ILE A O   1 
ATOM   31   C CB  . ILE A 1 4   ? -8.857  0.746   -4.226  1.00 51.31  ? 4   ILE A CB  1 
ATOM   32   C CG1 . ILE A 1 4   ? -9.058  1.758   -5.355  1.00 52.83  ? 4   ILE A CG1 1 
ATOM   33   C CG2 . ILE A 1 4   ? -7.469  0.905   -3.626  1.00 55.03  ? 4   ILE A CG2 1 
ATOM   34   C CD1 . ILE A 1 4   ? -8.002  1.695   -6.441  1.00 57.41  ? 4   ILE A CD1 1 
ATOM   35   N N   . ALA A 1 5   ? -7.387  -2.155  -3.770  1.00 36.95  ? 5   ALA A N   1 
ATOM   36   C CA  . ALA A 1 5   ? -6.854  -3.079  -2.785  1.00 38.40  ? 5   ALA A CA  1 
ATOM   37   C C   . ALA A 1 5   ? -5.796  -2.327  -1.986  1.00 34.14  ? 5   ALA A C   1 
ATOM   38   O O   . ALA A 1 5   ? -4.922  -1.685  -2.562  1.00 39.07  ? 5   ALA A O   1 
ATOM   39   C CB  . ALA A 1 5   ? -6.238  -4.287  -3.478  1.00 43.85  ? 5   ALA A CB  1 
ATOM   40   N N   . LEU A 1 6   ? -5.891  -2.397  -0.663  1.00 35.87  ? 6   LEU A N   1 
ATOM   41   C CA  . LEU A 1 6   ? -4.946  -1.714  0.210   1.00 36.35  ? 6   LEU A CA  1 
ATOM   42   C C   . LEU A 1 6   ? -4.426  -2.655  1.282   1.00 39.24  ? 6   LEU A C   1 
ATOM   43   O O   . LEU A 1 6   ? -5.199  -3.241  2.049   1.00 38.21  ? 6   LEU A O   1 
ATOM   44   C CB  . LEU A 1 6   ? -5.609  -0.497  0.873   1.00 41.04  ? 6   LEU A CB  1 
ATOM   45   C CG  . LEU A 1 6   ? -4.803  0.285   1.927   1.00 38.33  ? 6   LEU A CG  1 
ATOM   46   C CD1 . LEU A 1 6   ? -3.479  0.784   1.342   1.00 36.89  ? 6   LEU A CD1 1 
ATOM   47   C CD2 . LEU A 1 6   ? -5.631  1.461   2.409   1.00 39.17  ? 6   LEU A CD2 1 
ATOM   48   N N   . CYS A 1 7   ? -3.107  -2.799  1.319   1.00 36.09  ? 7   CYS A N   1 
ATOM   49   C CA  . CYS A 1 7   ? -2.446  -3.651  2.295   1.00 37.23  ? 7   CYS A CA  1 
ATOM   50   C C   . CYS A 1 7   ? -1.572  -2.771  3.172   1.00 37.25  ? 7   CYS A C   1 
ATOM   51   O O   . CYS A 1 7   ? -0.813  -1.938  2.667   1.00 35.63  ? 7   CYS A O   1 
ATOM   52   C CB  . CYS A 1 7   ? -1.572  -4.690  1.594   1.00 34.40  ? 7   CYS A CB  1 
ATOM   53   S SG  . CYS A 1 7   ? -2.445  -5.745  0.406   1.00 39.09  ? 7   CYS A SG  1 
ATOM   54   N N   . ILE A 1 8   ? -1.677  -2.956  4.484   1.00 39.71  ? 8   ILE A N   1 
ATOM   55   C CA  . ILE A 1 8   ? -0.884  -2.177  5.427   1.00 38.53  ? 8   ILE A CA  1 
ATOM   56   C C   . ILE A 1 8   ? 0.025   -3.129  6.191   1.00 39.23  ? 8   ILE A C   1 
ATOM   57   O O   . ILE A 1 8   ? -0.443  -3.991  6.935   1.00 35.23  ? 8   ILE A O   1 
ATOM   58   C CB  . ILE A 1 8   ? -1.804  -1.407  6.396   1.00 42.67  ? 8   ILE A CB  1 
ATOM   59   C CG1 . ILE A 1 8   ? -2.825  -0.608  5.581   1.00 32.38  ? 8   ILE A CG1 1 
ATOM   60   C CG2 . ILE A 1 8   ? -0.982  -0.470  7.278   1.00 33.81  ? 8   ILE A CG2 1 
ATOM   61   C CD1 . ILE A 1 8   ? -3.770  0.239   6.415   1.00 46.19  ? 8   ILE A CD1 1 
ATOM   62   N N   . THR A 1 9   ? 1.332   -2.979  5.988   1.00 37.43  ? 9   THR A N   1 
ATOM   63   C CA  . THR A 1 9   ? 2.306   -3.842  6.639   1.00 34.80  ? 9   THR A CA  1 
ATOM   64   C C   . THR A 1 9   ? 2.919   -3.212  7.880   1.00 45.28  ? 9   THR A C   1 
ATOM   65   O O   . THR A 1 9   ? 2.719   -2.028  8.156   1.00 42.60  ? 9   THR A O   1 
ATOM   66   C CB  . THR A 1 9   ? 3.444   -4.223  5.676   1.00 38.00  ? 9   THR A CB  1 
ATOM   67   O OG1 . THR A 1 9   ? 4.172   -3.046  5.295   1.00 32.63  ? 9   THR A OG1 1 
ATOM   68   C CG2 . THR A 1 9   ? 2.875   -4.887  4.434   1.00 32.42  ? 9   THR A CG2 1 
ATOM   69   N N   . GLY A 1 10  ? 3.670   -4.023  8.620   1.00 49.94  ? 10  GLY A N   1 
ATOM   70   C CA  . GLY A 1 10  ? 4.308   -3.560  9.837   1.00 50.12  ? 10  GLY A CA  1 
ATOM   71   C C   . GLY A 1 10  ? 5.614   -2.830  9.594   1.00 55.22  ? 10  GLY A C   1 
ATOM   72   O O   . GLY A 1 10  ? 6.688   -3.436  9.550   1.00 55.01  ? 10  GLY A O   1 
ATOM   73   N N   . ALA A 1 11  ? 5.510   -1.515  9.435   1.00 52.40  ? 11  ALA A N   1 
ATOM   74   C CA  . ALA A 1 11  ? 6.666   -0.661  9.205   1.00 49.69  ? 11  ALA A CA  1 
ATOM   75   C C   . ALA A 1 11  ? 6.337   0.712   9.776   1.00 47.23  ? 11  ALA A C   1 
ATOM   76   O O   . ALA A 1 11  ? 5.170   1.104   9.815   1.00 46.64  ? 11  ALA A O   1 
ATOM   77   C CB  . ALA A 1 11  ? 6.957   -0.556  7.709   1.00 47.59  ? 11  ALA A CB  1 
ATOM   78   N N   . SER A 1 12  ? 7.357   1.435   10.226  1.00 45.52  ? 12  SER A N   1 
ATOM   79   C CA  . SER A 1 12  ? 7.142   2.763   10.790  1.00 45.90  ? 12  SER A CA  1 
ATOM   80   C C   . SER A 1 12  ? 6.541   3.643   9.705   1.00 44.07  ? 12  SER A C   1 
ATOM   81   O O   . SER A 1 12  ? 7.100   3.770   8.613   1.00 47.78  ? 12  SER A O   1 
ATOM   82   C CB  . SER A 1 12  ? 8.465   3.364   11.274  1.00 41.33  ? 12  SER A CB  1 
ATOM   83   O OG  . SER A 1 12  ? 8.267   4.647   11.840  1.00 48.94  ? 12  SER A OG  1 
ATOM   84   N N   . GLY A 1 13  ? 5.394   4.236   10.006  1.00 44.28  ? 13  GLY A N   1 
ATOM   85   C CA  . GLY A 1 13  ? 4.730   5.091   9.042   1.00 42.96  ? 13  GLY A CA  1 
ATOM   86   C C   . GLY A 1 13  ? 3.391   4.502   8.648   1.00 39.85  ? 13  GLY A C   1 
ATOM   87   O O   . GLY A 1 13  ? 2.846   4.828   7.590   1.00 41.62  ? 13  GLY A O   1 
ATOM   88   N N   . VAL A 1 14  ? 2.858   3.627   9.494   1.00 36.22  ? 14  VAL A N   1 
ATOM   89   C CA  . VAL A 1 14  ? 1.570   3.010   9.215   1.00 43.67  ? 14  VAL A CA  1 
ATOM   90   C C   . VAL A 1 14  ? 0.505   4.087   9.047   1.00 42.00  ? 14  VAL A C   1 
ATOM   91   O O   . VAL A 1 14  ? -0.553  3.839   8.470   1.00 41.66  ? 14  VAL A O   1 
ATOM   92   C CB  . VAL A 1 14  ? 1.135   2.046   10.345  1.00 49.63  ? 14  VAL A CB  1 
ATOM   93   C CG1 . VAL A 1 14  ? 1.876   0.727   10.219  1.00 53.80  ? 14  VAL A CG1 1 
ATOM   94   C CG2 . VAL A 1 14  ? 1.419   2.669   11.700  1.00 59.88  ? 14  VAL A CG2 1 
ATOM   95   N N   . ILE A 1 15  ? 0.802   5.286   9.542   1.00 41.34  ? 15  ILE A N   1 
ATOM   96   C CA  . ILE A 1 15  ? -0.125  6.409   9.454   1.00 39.55  ? 15  ILE A CA  1 
ATOM   97   C C   . ILE A 1 15  ? -0.431  6.766   7.997   1.00 39.54  ? 15  ILE A C   1 
ATOM   98   O O   . ILE A 1 15  ? -1.555  7.147   7.670   1.00 42.56  ? 15  ILE A O   1 
ATOM   99   C CB  . ILE A 1 15  ? 0.440   7.656   10.180  1.00 43.34  ? 15  ILE A CB  1 
ATOM   100  C CG1 . ILE A 1 15  ? -0.613  8.767   10.212  1.00 45.20  ? 15  ILE A CG1 1 
ATOM   101  C CG2 . ILE A 1 15  ? 1.710   8.136   9.496   1.00 43.26  ? 15  ILE A CG2 1 
ATOM   102  C CD1 . ILE A 1 15  ? -1.807  8.452   11.091  1.00 45.14  ? 15  ILE A CD1 1 
ATOM   103  N N   . TYR A 1 16  ? 0.569   6.642   7.126   1.00 36.81  ? 16  TYR A N   1 
ATOM   104  C CA  . TYR A 1 16  ? 0.385   6.933   5.705   1.00 38.63  ? 16  TYR A CA  1 
ATOM   105  C C   . TYR A 1 16  ? -0.731  6.055   5.144   1.00 35.03  ? 16  TYR A C   1 
ATOM   106  O O   . TYR A 1 16  ? -1.558  6.510   4.351   1.00 36.96  ? 16  TYR A O   1 
ATOM   107  C CB  . TYR A 1 16  ? 1.676   6.657   4.925   1.00 34.73  ? 16  TYR A CB  1 
ATOM   108  C CG  . TYR A 1 16  ? 2.788   7.656   5.175   1.00 36.87  ? 16  TYR A CG  1 
ATOM   109  C CD1 . TYR A 1 16  ? 2.658   8.986   4.772   1.00 41.90  ? 16  TYR A CD1 1 
ATOM   110  C CD2 . TYR A 1 16  ? 3.972   7.271   5.798   1.00 39.15  ? 16  TYR A CD2 1 
ATOM   111  C CE1 . TYR A 1 16  ? 3.679   9.905   4.980   1.00 42.05  ? 16  TYR A CE1 1 
ATOM   112  C CE2 . TYR A 1 16  ? 5.005   8.185   6.015   1.00 38.52  ? 16  TYR A CE2 1 
ATOM   113  C CZ  . TYR A 1 16  ? 4.849   9.498   5.603   1.00 38.68  ? 16  TYR A CZ  1 
ATOM   114  O OH  . TYR A 1 16  ? 5.858   10.404  5.820   1.00 37.41  ? 16  TYR A OH  1 
ATOM   115  N N   . GLY A 1 17  ? -0.747  4.794   5.565   1.00 37.16  ? 17  GLY A N   1 
ATOM   116  C CA  . GLY A 1 17  ? -1.760  3.864   5.091   1.00 41.53  ? 17  GLY A CA  1 
ATOM   117  C C   . GLY A 1 17  ? -3.152  4.172   5.609   1.00 41.86  ? 17  GLY A C   1 
ATOM   118  O O   . GLY A 1 17  ? -4.154  3.916   4.936   1.00 39.37  ? 17  GLY A O   1 
ATOM   119  N N   . ILE A 1 18  ? -3.212  4.711   6.819   1.00 39.36  ? 18  ILE A N   1 
ATOM   120  C CA  . ILE A 1 18  ? -4.481  5.076   7.441   1.00 40.03  ? 18  ILE A CA  1 
ATOM   121  C C   . ILE A 1 18  ? -5.072  6.249   6.668   1.00 38.16  ? 18  ILE A C   1 
ATOM   122  O O   . ILE A 1 18  ? -6.234  6.217   6.254   1.00 42.84  ? 18  ILE A O   1 
ATOM   123  C CB  . ILE A 1 18  ? -4.260  5.490   8.916   1.00 40.99  ? 18  ILE A CB  1 
ATOM   124  C CG1 . ILE A 1 18  ? -3.797  4.283   9.725   1.00 41.61  ? 18  ILE A CG1 1 
ATOM   125  C CG2 . ILE A 1 18  ? -5.532  6.086   9.505   1.00 45.21  ? 18  ILE A CG2 1 
ATOM   126  C CD1 . ILE A 1 18  ? -4.779  3.139   9.694   1.00 52.86  ? 18  ILE A CD1 1 
ATOM   127  N N   . LYS A 1 19  ? -4.252  7.275   6.462   1.00 39.70  ? 19  LYS A N   1 
ATOM   128  C CA  . LYS A 1 19  ? -4.669  8.471   5.739   1.00 40.18  ? 19  LYS A CA  1 
ATOM   129  C C   . LYS A 1 19  ? -5.119  8.135   4.321   1.00 41.16  ? 19  LYS A C   1 
ATOM   130  O O   . LYS A 1 19  ? -6.126  8.661   3.836   1.00 38.16  ? 19  LYS A O   1 
ATOM   131  C CB  . LYS A 1 19  ? -3.514  9.477   5.686   1.00 40.57  ? 19  LYS A CB  1 
ATOM   132  C CG  . LYS A 1 19  ? -3.889  10.822  5.073   1.00 50.72  ? 19  LYS A CG  1 
ATOM   133  C CD  . LYS A 1 19  ? -5.109  11.417  5.760   1.00 57.55  ? 19  LYS A CD  1 
ATOM   134  C CE  . LYS A 1 19  ? -4.852  11.659  7.241   1.00 67.41  ? 19  LYS A CE  1 
ATOM   135  N NZ  . LYS A 1 19  ? -6.067  12.166  7.946   1.00 73.28  ? 19  LYS A NZ  1 
ATOM   136  N N   . LEU A 1 20  ? -4.364  7.263   3.656   1.00 36.20  ? 20  LEU A N   1 
ATOM   137  C CA  . LEU A 1 20  ? -4.699  6.863   2.296   1.00 37.22  ? 20  LEU A CA  1 
ATOM   138  C C   . LEU A 1 20  ? -6.056  6.165   2.292   1.00 36.00  ? 20  LEU A C   1 
ATOM   139  O O   . LEU A 1 20  ? -6.879  6.379   1.401   1.00 37.92  ? 20  LEU A O   1 
ATOM   140  C CB  . LEU A 1 20  ? -3.623  5.922   1.734   1.00 27.36  ? 20  LEU A CB  1 
ATOM   141  C CG  . LEU A 1 20  ? -3.922  5.283   0.375   1.00 32.73  ? 20  LEU A CG  1 
ATOM   142  C CD1 . LEU A 1 20  ? -4.331  6.357   -0.617  1.00 32.02  ? 20  LEU A CD1 1 
ATOM   143  C CD2 . LEU A 1 20  ? -2.688  4.524   -0.121  1.00 31.52  ? 20  LEU A CD2 1 
ATOM   144  N N   . LEU A 1 21  ? -6.276  5.325   3.296   1.00 35.68  ? 21  LEU A N   1 
ATOM   145  C CA  . LEU A 1 21  ? -7.529  4.594   3.424   1.00 41.69  ? 21  LEU A CA  1 
ATOM   146  C C   . LEU A 1 21  ? -8.697  5.559   3.556   1.00 36.27  ? 21  LEU A C   1 
ATOM   147  O O   . LEU A 1 21  ? -9.700  5.439   2.857   1.00 40.17  ? 21  LEU A O   1 
ATOM   148  C CB  . LEU A 1 21  ? -7.483  3.681   4.652   1.00 41.99  ? 21  LEU A CB  1 
ATOM   149  C CG  . LEU A 1 21  ? -8.798  3.001   5.054   1.00 40.30  ? 21  LEU A CG  1 
ATOM   150  C CD1 . LEU A 1 21  ? -9.199  1.981   3.997   1.00 46.51  ? 21  LEU A CD1 1 
ATOM   151  C CD2 . LEU A 1 21  ? -8.629  2.327   6.404   1.00 40.93  ? 21  LEU A CD2 1 
ATOM   152  N N   . GLN A 1 22  ? -8.558  6.524   4.450   1.00 41.34  ? 22  GLN A N   1 
ATOM   153  C CA  . GLN A 1 22  ? -9.617  7.494   4.669   1.00 40.31  ? 22  GLN A CA  1 
ATOM   154  C C   . GLN A 1 22  ? -9.944  8.244   3.390   1.00 46.14  ? 22  GLN A C   1 
ATOM   155  O O   . GLN A 1 22  ? -11.115 8.421   3.049   1.00 48.84  ? 22  GLN A O   1 
ATOM   156  C CB  . GLN A 1 22  ? -9.204  8.477   5.767   1.00 39.46  ? 22  GLN A CB  1 
ATOM   157  C CG  . GLN A 1 22  ? -8.920  7.807   7.094   1.00 45.13  ? 22  GLN A CG  1 
ATOM   158  C CD  . GLN A 1 22  ? -8.269  8.746   8.085   1.00 47.42  ? 22  GLN A CD  1 
ATOM   159  O OE1 . GLN A 1 22  ? -7.329  9.461   7.747   1.00 48.96  ? 22  GLN A OE1 1 
ATOM   160  N NE2 . GLN A 1 22  ? -8.754  8.738   9.320   1.00 48.05  ? 22  GLN A NE2 1 
ATOM   161  N N   . VAL A 1 23  ? -8.913  8.674   2.670   1.00 41.87  ? 23  VAL A N   1 
ATOM   162  C CA  . VAL A 1 23  ? -9.142  9.419   1.442   1.00 42.88  ? 23  VAL A CA  1 
ATOM   163  C C   . VAL A 1 23  ? -9.865  8.596   0.380   1.00 42.40  ? 23  VAL A C   1 
ATOM   164  O O   . VAL A 1 23  ? -10.779 9.093   -0.277  1.00 39.39  ? 23  VAL A O   1 
ATOM   165  C CB  . VAL A 1 23  ? -7.823  9.962   0.866   1.00 44.90  ? 23  VAL A CB  1 
ATOM   166  C CG1 . VAL A 1 23  ? -8.104  10.807  -0.368  1.00 51.98  ? 23  VAL A CG1 1 
ATOM   167  C CG2 . VAL A 1 23  ? -7.115  10.798  1.919   1.00 54.86  ? 23  VAL A CG2 1 
ATOM   168  N N   . LEU A 1 24  ? -9.464  7.339   0.213   1.00 40.48  ? 24  LEU A N   1 
ATOM   169  C CA  . LEU A 1 24  ? -10.099 6.467   -0.770  1.00 36.74  ? 24  LEU A CA  1 
ATOM   170  C C   . LEU A 1 24  ? -11.598 6.335   -0.497  1.00 38.62  ? 24  LEU A C   1 
ATOM   171  O O   . LEU A 1 24  ? -12.412 6.368   -1.421  1.00 38.33  ? 24  LEU A O   1 
ATOM   172  C CB  . LEU A 1 24  ? -9.444  5.083   -0.760  1.00 38.66  ? 24  LEU A CB  1 
ATOM   173  C CG  . LEU A 1 24  ? -8.021  5.037   -1.324  1.00 40.60  ? 24  LEU A CG  1 
ATOM   174  C CD1 . LEU A 1 24  ? -7.461  3.635   -1.222  1.00 42.99  ? 24  LEU A CD1 1 
ATOM   175  C CD2 . LEU A 1 24  ? -8.040  5.505   -2.772  1.00 34.03  ? 24  LEU A CD2 1 
ATOM   176  N N   . GLU A 1 25  ? -11.954 6.183   0.775   1.00 41.30  ? 25  GLU A N   1 
ATOM   177  C CA  . GLU A 1 25  ? -13.361 6.072   1.162   1.00 45.51  ? 25  GLU A CA  1 
ATOM   178  C C   . GLU A 1 25  ? -14.087 7.365   0.813   1.00 43.37  ? 25  GLU A C   1 
ATOM   179  O O   . GLU A 1 25  ? -15.169 7.355   0.232   1.00 48.16  ? 25  GLU A O   1 
ATOM   180  C CB  . GLU A 1 25  ? -13.493 5.835   2.668   1.00 50.54  ? 25  GLU A CB  1 
ATOM   181  C CG  . GLU A 1 25  ? -14.477 6.799   3.340   1.00 62.61  ? 25  GLU A CG  1 
ATOM   182  C CD  . GLU A 1 25  ? -15.680 6.112   3.932   1.00 65.49  ? 25  GLU A CD  1 
ATOM   183  O OE1 . GLU A 1 25  ? -15.496 5.323   4.871   1.00 76.13  ? 25  GLU A OE1 1 
ATOM   184  O OE2 . GLU A 1 25  ? -16.807 6.356   3.455   1.00 70.21  ? 25  GLU A OE2 1 
ATOM   185  N N   . GLU A 1 26  ? -13.477 8.484   1.184   1.00 44.98  ? 26  GLU A N   1 
ATOM   186  C CA  . GLU A 1 26  ? -14.067 9.784   0.927   1.00 43.46  ? 26  GLU A CA  1 
ATOM   187  C C   . GLU A 1 26  ? -14.287 10.004  -0.557  1.00 43.63  ? 26  GLU A C   1 
ATOM   188  O O   . GLU A 1 26  ? -15.258 10.645  -0.959  1.00 43.63  ? 26  GLU A O   1 
ATOM   189  C CB  . GLU A 1 26  ? -13.179 10.886  1.507   1.00 51.88  ? 26  GLU A CB  1 
ATOM   190  C CG  . GLU A 1 26  ? -13.107 10.863  3.030   1.00 64.25  ? 26  GLU A CG  1 
ATOM   191  C CD  . GLU A 1 26  ? -12.339 12.041  3.609   1.00 72.44  ? 26  GLU A CD  1 
ATOM   192  O OE1 . GLU A 1 26  ? -12.672 13.195  3.266   1.00 77.96  ? 26  GLU A OE1 1 
ATOM   193  O OE2 . GLU A 1 26  ? -11.409 11.815  4.412   1.00 76.92  ? 26  GLU A OE2 1 
ATOM   194  N N   . LEU A 1 27  ? -13.394 9.459   -1.376  1.00 45.01  ? 27  LEU A N   1 
ATOM   195  C CA  . LEU A 1 27  ? -13.518 9.606   -2.821  1.00 44.37  ? 27  LEU A CA  1 
ATOM   196  C C   . LEU A 1 27  ? -14.429 8.538   -3.418  1.00 44.78  ? 27  LEU A C   1 
ATOM   197  O O   . LEU A 1 27  ? -14.525 8.400   -4.636  1.00 55.01  ? 27  LEU A O   1 
ATOM   198  C CB  . LEU A 1 27  ? -12.137 9.570   -3.477  1.00 42.67  ? 27  LEU A CB  1 
ATOM   199  C CG  . LEU A 1 27  ? -11.253 10.772  -3.124  1.00 43.87  ? 27  LEU A CG  1 
ATOM   200  C CD1 . LEU A 1 27  ? -9.847  10.564  -3.673  1.00 50.00  ? 27  LEU A CD1 1 
ATOM   201  C CD2 . LEU A 1 27  ? -11.867 12.051  -3.708  1.00 36.81  ? 27  LEU A CD2 1 
ATOM   202  N N   . ASP A 1 28  ? -15.093 7.787   -2.545  1.00 47.01  ? 28  ASP A N   1 
ATOM   203  C CA  . ASP A 1 28  ? -16.036 6.743   -2.942  1.00 51.98  ? 28  ASP A CA  1 
ATOM   204  C C   . ASP A 1 28  ? -15.477 5.530   -3.675  1.00 50.32  ? 28  ASP A C   1 
ATOM   205  O O   . ASP A 1 28  ? -15.947 5.178   -4.756  1.00 54.15  ? 28  ASP A O   1 
ATOM   206  C CB  . ASP A 1 28  ? -17.172 7.352   -3.772  1.00 55.62  ? 28  ASP A CB  1 
ATOM   207  C CG  . ASP A 1 28  ? -18.026 8.311   -2.969  1.00 61.20  ? 28  ASP A CG  1 
ATOM   208  O OD1 . ASP A 1 28  ? -17.987 8.236   -1.722  1.00 57.13  ? 28  ASP A OD1 1 
ATOM   209  O OD2 . ASP A 1 28  ? -18.745 9.128   -3.586  1.00 70.38  ? 28  ASP A OD2 1 
ATOM   210  N N   . PHE A 1 29  ? -14.486 4.887   -3.069  1.00 49.32  ? 29  PHE A N   1 
ATOM   211  C CA  . PHE A 1 29  ? -13.872 3.688   -3.627  1.00 42.52  ? 29  PHE A CA  1 
ATOM   212  C C   . PHE A 1 29  ? -14.251 2.511   -2.731  1.00 46.84  ? 29  PHE A C   1 
ATOM   213  O O   . PHE A 1 29  ? -14.339 2.662   -1.515  1.00 44.08  ? 29  PHE A O   1 
ATOM   214  C CB  . PHE A 1 29  ? -12.345 3.816   -3.632  1.00 45.77  ? 29  PHE A CB  1 
ATOM   215  C CG  . PHE A 1 29  ? -11.789 4.570   -4.806  1.00 43.65  ? 29  PHE A CG  1 
ATOM   216  C CD1 . PHE A 1 29  ? -11.664 3.955   -6.047  1.00 44.94  ? 29  PHE A CD1 1 
ATOM   217  C CD2 . PHE A 1 29  ? -11.392 5.896   -4.672  1.00 43.81  ? 29  PHE A CD2 1 
ATOM   218  C CE1 . PHE A 1 29  ? -11.132 4.648   -7.135  1.00 44.25  ? 29  PHE A CE1 1 
ATOM   219  C CE2 . PHE A 1 29  ? -10.862 6.597   -5.752  1.00 44.13  ? 29  PHE A CE2 1 
ATOM   220  C CZ  . PHE A 1 29  ? -10.738 5.973   -6.989  1.00 41.40  ? 29  PHE A CZ  1 
ATOM   221  N N   . SER A 1 30  ? -14.487 1.345   -3.326  1.00 48.06  ? 30  SER A N   1 
ATOM   222  C CA  . SER A 1 30  ? -14.795 0.153   -2.538  1.00 51.07  ? 30  SER A CA  1 
ATOM   223  C C   . SER A 1 30  ? -13.433 -0.399  -2.167  1.00 47.68  ? 30  SER A C   1 
ATOM   224  O O   . SER A 1 30  ? -12.720 -0.930  -3.016  1.00 48.67  ? 30  SER A O   1 
ATOM   225  C CB  . SER A 1 30  ? -15.562 -0.879  -3.366  1.00 49.87  ? 30  SER A CB  1 
ATOM   226  O OG  . SER A 1 30  ? -16.937 -0.546  -3.439  1.00 69.56  ? 30  SER A OG  1 
ATOM   227  N N   . VAL A 1 31  ? -13.064 -0.271  -0.900  1.00 45.65  ? 31  VAL A N   1 
ATOM   228  C CA  . VAL A 1 31  ? -11.756 -0.730  -0.472  1.00 43.04  ? 31  VAL A CA  1 
ATOM   229  C C   . VAL A 1 31  ? -11.689 -2.089  0.200   1.00 44.60  ? 31  VAL A C   1 
ATOM   230  O O   . VAL A 1 31  ? -12.414 -2.375  1.153   1.00 45.20  ? 31  VAL A O   1 
ATOM   231  C CB  . VAL A 1 31  ? -11.097 0.298   0.467   1.00 42.46  ? 31  VAL A CB  1 
ATOM   232  C CG1 . VAL A 1 31  ? -9.697  -0.163  0.847   1.00 40.69  ? 31  VAL A CG1 1 
ATOM   233  C CG2 . VAL A 1 31  ? -11.048 1.657   -0.209  1.00 41.46  ? 31  VAL A CG2 1 
ATOM   234  N N   . ASP A 1 32  ? -10.804 -2.927  -0.327  1.00 43.48  ? 32  ASP A N   1 
ATOM   235  C CA  . ASP A 1 32  ? -10.553 -4.245  0.229   1.00 40.47  ? 32  ASP A CA  1 
ATOM   236  C C   . ASP A 1 32  ? -9.263  -4.035  1.013   1.00 40.82  ? 32  ASP A C   1 
ATOM   237  O O   . ASP A 1 32  ? -8.213  -3.726  0.443   1.00 36.82  ? 32  ASP A O   1 
ATOM   238  C CB  . ASP A 1 32  ? -10.374 -5.274  -0.890  1.00 40.20  ? 32  ASP A CB  1 
ATOM   239  C CG  . ASP A 1 32  ? -11.704 -5.802  -1.407  1.00 37.93  ? 32  ASP A CG  1 
ATOM   240  O OD1 . ASP A 1 32  ? -12.433 -6.433  -0.617  1.00 41.03  ? 32  ASP A OD1 1 
ATOM   241  O OD2 . ASP A 1 32  ? -12.022 -5.587  -2.593  1.00 39.57  ? 32  ASP A OD2 1 
ATOM   242  N N   . LEU A 1 33  ? -9.355  -4.189  2.325   1.00 38.50  ? 33  LEU A N   1 
ATOM   243  C CA  . LEU A 1 33  ? -8.226  -3.951  3.205   1.00 37.79  ? 33  LEU A CA  1 
ATOM   244  C C   . LEU A 1 33  ? -7.594  -5.169  3.853   1.00 38.73  ? 33  LEU A C   1 
ATOM   245  O O   . LEU A 1 33  ? -8.283  -6.069  4.330   1.00 46.75  ? 33  LEU A O   1 
ATOM   246  C CB  . LEU A 1 33  ? -8.661  -2.981  4.303   1.00 37.84  ? 33  LEU A CB  1 
ATOM   247  C CG  . LEU A 1 33  ? -7.654  -2.683  5.409   1.00 37.19  ? 33  LEU A CG  1 
ATOM   248  C CD1 . LEU A 1 33  ? -6.447  -1.951  4.831   1.00 31.87  ? 33  LEU A CD1 1 
ATOM   249  C CD2 . LEU A 1 33  ? -8.337  -1.838  6.474   1.00 41.86  ? 33  LEU A CD2 1 
ATOM   250  N N   . VAL A 1 34  ? -6.268  -5.184  3.868   1.00 37.34  ? 34  VAL A N   1 
ATOM   251  C CA  . VAL A 1 34  ? -5.531  -6.265  4.502   1.00 35.39  ? 34  VAL A CA  1 
ATOM   252  C C   . VAL A 1 34  ? -4.603  -5.594  5.500   1.00 42.19  ? 34  VAL A C   1 
ATOM   253  O O   . VAL A 1 34  ? -3.805  -4.731  5.126   1.00 40.12  ? 34  VAL A O   1 
ATOM   254  C CB  . VAL A 1 34  ? -4.658  -7.065  3.506   1.00 36.06  ? 34  VAL A CB  1 
ATOM   255  C CG1 . VAL A 1 34  ? -4.071  -8.273  4.216   1.00 27.63  ? 34  VAL A CG1 1 
ATOM   256  C CG2 . VAL A 1 34  ? -5.473  -7.503  2.304   1.00 31.52  ? 34  VAL A CG2 1 
ATOM   257  N N   . ILE A 1 35  ? -4.715  -5.979  6.767   1.00 45.03  ? 35  ILE A N   1 
ATOM   258  C CA  . ILE A 1 35  ? -3.875  -5.402  7.810   1.00 50.78  ? 35  ILE A CA  1 
ATOM   259  C C   . ILE A 1 35  ? -3.051  -6.480  8.492   1.00 51.49  ? 35  ILE A C   1 
ATOM   260  O O   . ILE A 1 35  ? -3.602  -7.441  9.032   1.00 55.45  ? 35  ILE A O   1 
ATOM   261  C CB  . ILE A 1 35  ? -4.719  -4.699  8.882   1.00 52.22  ? 35  ILE A CB  1 
ATOM   262  C CG1 . ILE A 1 35  ? -5.714  -3.748  8.218   1.00 49.68  ? 35  ILE A CG1 1 
ATOM   263  C CG2 . ILE A 1 35  ? -3.810  -3.922  9.827   1.00 48.93  ? 35  ILE A CG2 1 
ATOM   264  C CD1 . ILE A 1 35  ? -6.676  -3.094  9.184   1.00 50.55  ? 35  ILE A CD1 1 
ATOM   265  N N   . SER A 1 36  ? -1.732  -6.321  8.459   1.00 54.22  ? 36  SER A N   1 
ATOM   266  C CA  . SER A 1 36  ? -0.836  -7.285  9.088   1.00 58.27  ? 36  SER A CA  1 
ATOM   267  C C   . SER A 1 36  ? -0.895  -7.104  10.605  1.00 62.02  ? 36  SER A C   1 
ATOM   268  O O   . SER A 1 36  ? -1.312  -6.052  11.092  1.00 58.71  ? 36  SER A O   1 
ATOM   269  C CB  . SER A 1 36  ? 0.604   -7.073  8.607   1.00 60.77  ? 36  SER A CB  1 
ATOM   270  O OG  . SER A 1 36  ? 1.177   -5.919  9.200   1.00 60.59  ? 36  SER A OG  1 
ATOM   271  N N   . ARG A 1 37  ? -0.493  -8.132  11.348  1.00 62.88  ? 37  ARG A N   1 
ATOM   272  C CA  . ARG A 1 37  ? -0.491  -8.061  12.808  1.00 67.48  ? 37  ARG A CA  1 
ATOM   273  C C   . ARG A 1 37  ? 0.571   -7.032  13.162  1.00 64.97  ? 37  ARG A C   1 
ATOM   274  O O   . ARG A 1 37  ? 0.375   -6.180  14.033  1.00 62.55  ? 37  ARG A O   1 
ATOM   275  C CB  . ARG A 1 37  ? -0.110  -9.419  13.411  1.00 67.47  ? 37  ARG A CB  1 
ATOM   276  C CG  . ARG A 1 37  ? 1.358   -9.750  13.230  1.00 71.98  ? 37  ARG A CG  1 
ATOM   277  C CD  . ARG A 1 37  ? 1.685   -11.223 13.371  1.00 78.25  ? 37  ARG A CD  1 
ATOM   278  N NE  . ARG A 1 37  ? 3.008   -11.474 12.804  1.00 83.94  ? 37  ARG A NE  1 
ATOM   279  C CZ  . ARG A 1 37  ? 3.352   -12.566 12.129  1.00 89.25  ? 37  ARG A CZ  1 
ATOM   280  N NH1 . ARG A 1 37  ? 2.473   -13.539 11.926  1.00 91.83  ? 37  ARG A NH1 1 
ATOM   281  N NH2 . ARG A 1 37  ? 4.578   -12.676 11.635  1.00 91.60  ? 37  ARG A NH2 1 
ATOM   282  N N   . ASN A 1 38  ? 1.697   -7.124  12.457  1.00 64.40  ? 38  ASN A N   1 
ATOM   283  C CA  . ASN A 1 38  ? 2.816   -6.223  12.654  1.00 65.41  ? 38  ASN A CA  1 
ATOM   284  C C   . ASN A 1 38  ? 2.359   -4.776  12.545  1.00 67.19  ? 38  ASN A C   1 
ATOM   285  O O   . ASN A 1 38  ? 2.865   -3.910  13.252  1.00 63.24  ? 38  ASN A O   1 
ATOM   286  C CB  . ASN A 1 38  ? 3.919   -6.517  11.627  1.00 72.82  ? 38  ASN A CB  1 
ATOM   287  C CG  . ASN A 1 38  ? 5.104   -7.249  12.237  1.00 76.86  ? 38  ASN A CG  1 
ATOM   288  O OD1 . ASN A 1 38  ? 5.242   -8.467  12.106  1.00 78.01  ? 38  ASN A OD1 1 
ATOM   289  N ND2 . ASN A 1 38  ? 5.960   -6.503  12.926  1.00 84.56  ? 38  ASN A ND2 1 
ATOM   290  N N   . ALA A 1 39  ? 1.389   -4.525  11.672  1.00 63.60  ? 39  ALA A N   1 
ATOM   291  C CA  . ALA A 1 39  ? 0.870   -3.177  11.475  1.00 62.11  ? 39  ALA A CA  1 
ATOM   292  C C   . ALA A 1 39  ? -0.008  -2.724  12.637  1.00 62.08  ? 39  ALA A C   1 
ATOM   293  O O   . ALA A 1 39  ? -0.003  -1.551  13.012  1.00 62.73  ? 39  ALA A O   1 
ATOM   294  C CB  . ALA A 1 39  ? 0.084   -3.105  10.171  1.00 55.55  ? 39  ALA A CB  1 
ATOM   295  N N   . LYS A 1 40  ? -0.763  -3.657  13.205  1.00 62.80  ? 40  LYS A N   1 
ATOM   296  C CA  . LYS A 1 40  ? -1.645  -3.332  14.318  1.00 61.82  ? 40  LYS A CA  1 
ATOM   297  C C   . LYS A 1 40  ? -0.857  -2.745  15.490  1.00 59.93  ? 40  LYS A C   1 
ATOM   298  O O   . LYS A 1 40  ? -1.184  -1.670  15.993  1.00 55.01  ? 40  LYS A O   1 
ATOM   299  C CB  . LYS A 1 40  ? -2.407  -4.582  14.775  1.00 61.63  ? 40  LYS A CB  1 
ATOM   300  C CG  . LYS A 1 40  ? -3.262  -5.244  13.699  1.00 57.01  ? 40  LYS A CG  1 
ATOM   301  C CD  . LYS A 1 40  ? -4.558  -5.772  14.287  1.00 65.75  ? 40  LYS A CD  1 
ATOM   302  C CE  . LYS A 1 40  ? -5.452  -6.449  13.259  1.00 65.50  ? 40  LYS A CE  1 
ATOM   303  N NZ  . LYS A 1 40  ? -6.766  -6.811  13.868  1.00 73.47  ? 40  LYS A NZ  1 
ATOM   304  N N   . VAL A 1 41  ? 0.190   -3.446  15.909  1.00 58.62  ? 41  VAL A N   1 
ATOM   305  C CA  . VAL A 1 41  ? 1.014   -2.988  17.022  1.00 63.87  ? 41  VAL A CA  1 
ATOM   306  C C   . VAL A 1 41  ? 1.636   -1.623  16.744  1.00 62.25  ? 41  VAL A C   1 
ATOM   307  O O   . VAL A 1 41  ? 1.565   -0.717  17.576  1.00 62.69  ? 41  VAL A O   1 
ATOM   308  C CB  . VAL A 1 41  ? 2.133   -4.006  17.335  1.00 65.69  ? 41  VAL A CB  1 
ATOM   309  C CG1 . VAL A 1 41  ? 1.517   -5.343  17.717  1.00 67.22  ? 41  VAL A CG1 1 
ATOM   310  C CG2 . VAL A 1 41  ? 3.046   -4.174  16.135  1.00 67.33  ? 41  VAL A CG2 1 
ATOM   311  N N   . VAL A 1 42  ? 2.225   -1.475  15.560  1.00 61.06  ? 42  VAL A N   1 
ATOM   312  C CA  . VAL A 1 42  ? 2.870   -0.229  15.158  1.00 50.92  ? 42  VAL A CA  1 
ATOM   313  C C   . VAL A 1 42  ? 1.993   1.016   15.303  1.00 50.20  ? 42  VAL A C   1 
ATOM   314  O O   . VAL A 1 42  ? 2.428   2.015   15.874  1.00 45.18  ? 42  VAL A O   1 
ATOM   315  C CB  . VAL A 1 42  ? 3.363   -0.311  13.695  1.00 51.18  ? 42  VAL A CB  1 
ATOM   316  C CG1 . VAL A 1 42  ? 4.056   0.998   13.294  1.00 46.92  ? 42  VAL A CG1 1 
ATOM   317  C CG2 . VAL A 1 42  ? 4.320   -1.476  13.540  1.00 44.92  ? 42  VAL A CG2 1 
ATOM   318  N N   . LEU A 1 43  ? 0.765   0.972   14.797  1.00 54.08  ? 43  LEU A N   1 
ATOM   319  C CA  . LEU A 1 43  ? -0.092  2.150   14.896  1.00 59.82  ? 43  LEU A CA  1 
ATOM   320  C C   . LEU A 1 43  ? -0.374  2.521   16.346  1.00 62.71  ? 43  LEU A C   1 
ATOM   321  O O   . LEU A 1 43  ? -0.737  3.662   16.648  1.00 63.71  ? 43  LEU A O   1 
ATOM   322  C CB  . LEU A 1 43  ? -1.415  1.945   14.158  1.00 61.55  ? 43  LEU A CB  1 
ATOM   323  C CG  . LEU A 1 43  ? -2.142  3.278   13.917  1.00 62.70  ? 43  LEU A CG  1 
ATOM   324  C CD1 . LEU A 1 43  ? -1.341  4.138   12.953  1.00 66.07  ? 43  LEU A CD1 1 
ATOM   325  C CD2 . LEU A 1 43  ? -3.533  3.026   13.368  1.00 66.25  ? 43  LEU A CD2 1 
ATOM   326  N N   . LYS A 1 44  ? -0.213  1.553   17.241  1.00 66.45  ? 44  LYS A N   1 
ATOM   327  C CA  . LYS A 1 44  ? -0.435  1.794   18.662  1.00 73.69  ? 44  LYS A CA  1 
ATOM   328  C C   . LYS A 1 44  ? 0.826   2.429   19.228  1.00 73.30  ? 44  LYS A C   1 
ATOM   329  O O   . LYS A 1 44  ? 0.801   3.561   19.714  1.00 69.95  ? 44  LYS A O   1 
ATOM   330  C CB  . LYS A 1 44  ? -0.713  0.484   19.408  1.00 80.79  ? 44  LYS A CB  1 
ATOM   331  C CG  . LYS A 1 44  ? -1.993  -0.239  19.014  1.00 88.45  ? 44  LYS A CG  1 
ATOM   332  C CD  . LYS A 1 44  ? -2.167  -1.481  19.880  1.00 92.39  ? 44  LYS A CD  1 
ATOM   333  C CE  . LYS A 1 44  ? -3.448  -2.232  19.559  1.00 94.80  ? 44  LYS A CE  1 
ATOM   334  N NZ  . LYS A 1 44  ? -3.582  -3.431  20.434  1.00 96.73  ? 44  LYS A NZ  1 
ATOM   335  N N   . GLU A 1 45  ? 1.928   1.689   19.155  1.00 72.65  ? 45  GLU A N   1 
ATOM   336  C CA  . GLU A 1 45  ? 3.212   2.165   19.654  1.00 75.02  ? 45  GLU A CA  1 
ATOM   337  C C   . GLU A 1 45  ? 3.668   3.446   18.960  1.00 73.73  ? 45  GLU A C   1 
ATOM   338  O O   . GLU A 1 45  ? 4.680   4.030   19.344  1.00 75.23  ? 45  GLU A O   1 
ATOM   339  C CB  . GLU A 1 45  ? 4.134   0.936   19.749  1.00 79.06  ? 45  GLU A CB  1 
ATOM   340  C CG  . GLU A 1 45  ? 4.024   -0.229  20.734  1.00 86.94  ? 45  GLU A CG  1 
ATOM   341  C CD  . GLU A 1 45  ? 5.019   -1.365  20.787  1.00 90.97  ? 45  GLU A CD  1 
ATOM   342  O OE1 . GLU A 1 45  ? 5.872   -1.549  19.920  1.00 97.44  ? 45  GLU A OE1 1 
ATOM   343  O OE2 . GLU A 1 45  ? 4.674   -2.232  21.578  1.00 86.78  ? 45  GLU A OE2 1 
ATOM   344  N N   . GLU A 1 46  ? 2.931   3.877   17.939  1.00 70.56  ? 46  GLU A N   1 
ATOM   345  C CA  . GLU A 1 46  ? 3.277   5.101   17.222  1.00 70.23  ? 46  GLU A CA  1 
ATOM   346  C C   . GLU A 1 46  ? 2.153   6.129   17.325  1.00 70.35  ? 46  GLU A C   1 
ATOM   347  O O   . GLU A 1 46  ? 2.362   7.318   17.088  1.00 67.14  ? 46  GLU A O   1 
ATOM   348  C CB  . GLU A 1 46  ? 3.563   4.820   15.740  1.00 69.50  ? 46  GLU A CB  1 
ATOM   349  C CG  . GLU A 1 46  ? 4.731   3.882   15.474  1.00 71.53  ? 46  GLU A CG  1 
ATOM   350  C CD  . GLU A 1 46  ? 5.296   4.039   14.069  1.00 75.07  ? 46  GLU A CD  1 
ATOM   351  O OE1 . GLU A 1 46  ? 4.508   4.052   13.097  1.00 73.23  ? 46  GLU A OE1 1 
ATOM   352  O OE2 . GLU A 1 46  ? 6.533   4.142   13.938  1.00 68.49  ? 46  GLU A OE2 1 
ATOM   353  N N   . VAL A 1 54  ? -9.232  0.860   14.460  1.00 78.68  ? 54  VAL A N   1 
ATOM   354  C CA  . VAL A 1 54  ? -10.122 -0.248  14.774  1.00 79.31  ? 54  VAL A CA  1 
ATOM   355  C C   . VAL A 1 54  ? -11.590 0.149   14.644  1.00 82.24  ? 54  VAL A C   1 
ATOM   356  O O   . VAL A 1 54  ? -12.267 -0.257  13.696  1.00 85.81  ? 54  VAL A O   1 
ATOM   357  C CB  . VAL A 1 54  ? -9.928  -1.258  15.920  1.00 79.67  ? 54  VAL A CB  1 
ATOM   358  C CG1 . VAL A 1 54  ? -11.319 -1.028  16.506  1.00 81.09  ? 54  VAL A CG1 1 
ATOM   359  C CG2 . VAL A 1 54  ? -9.671  -2.751  15.813  1.00 79.20  ? 54  VAL A CG2 1 
ATOM   360  N N   . LEU A 1 55  ? -12.087 0.933   15.595  1.00 84.74  ? 55  LEU A N   1 
ATOM   361  C CA  . LEU A 1 55  ? -13.475 1.360   15.562  1.00 84.53  ? 55  LEU A CA  1 
ATOM   362  C C   . LEU A 1 55  ? -13.546 2.472   14.532  1.00 83.44  ? 55  LEU A C   1 
ATOM   363  O O   . LEU A 1 55  ? -13.120 3.597   14.782  1.00 84.50  ? 55  LEU A O   1 
ATOM   364  C CB  . LEU A 1 55  ? -13.915 1.845   16.951  1.00 86.00  ? 55  LEU A CB  1 
ATOM   365  C CG  . LEU A 1 55  ? -15.369 1.560   17.352  1.00 83.38  ? 55  LEU A CG  1 
ATOM   366  C CD1 . LEU A 1 55  ? -16.290 2.122   16.285  1.00 83.41  ? 55  LEU A CD1 1 
ATOM   367  C CD2 . LEU A 1 55  ? -15.603 0.061   17.529  1.00 82.49  ? 55  LEU A CD2 1 
ATOM   368  N N   . LYS A 1 56  ? -14.069 2.136   13.359  1.00 79.71  ? 56  LYS A N   1 
ATOM   369  C CA  . LYS A 1 56  ? -14.155 3.093   12.271  1.00 75.18  ? 56  LYS A CA  1 
ATOM   370  C C   . LYS A 1 56  ? -15.557 3.343   11.738  1.00 76.65  ? 56  LYS A C   1 
ATOM   371  O O   . LYS A 1 56  ? -16.392 2.441   11.674  1.00 80.46  ? 56  LYS A O   1 
ATOM   372  C CB  . LYS A 1 56  ? -13.240 2.637   11.132  1.00 71.22  ? 56  LYS A CB  1 
ATOM   373  C CG  . LYS A 1 56  ? -11.753 2.893   11.387  1.00 65.60  ? 56  LYS A CG  1 
ATOM   374  C CD  . LYS A 1 56  ? -11.435 4.361   11.156  1.00 61.06  ? 56  LYS A CD  1 
ATOM   375  C CE  . LYS A 1 56  ? -10.013 4.734   11.535  1.00 67.92  ? 56  LYS A CE  1 
ATOM   376  N NZ  . LYS A 1 56  ? -9.807  6.190   11.337  1.00 69.62  ? 56  LYS A NZ  1 
ATOM   377  N N   . GLY A 1 57  ? -15.801 4.594   11.365  1.00 74.69  ? 57  GLY A N   1 
ATOM   378  C CA  . GLY A 1 57  ? -17.087 4.971   10.817  1.00 72.68  ? 57  GLY A CA  1 
ATOM   379  C C   . GLY A 1 57  ? -16.980 5.034   9.310   1.00 72.45  ? 57  GLY A C   1 
ATOM   380  O O   . GLY A 1 57  ? -17.757 5.719   8.648   1.00 77.36  ? 57  GLY A O   1 
ATOM   381  N N   . LEU A 1 58  ? -16.011 4.305   8.763   1.00 65.05  ? 58  LEU A N   1 
ATOM   382  C CA  . LEU A 1 58  ? -15.791 4.279   7.323   1.00 59.47  ? 58  LEU A CA  1 
ATOM   383  C C   . LEU A 1 58  ? -16.760 3.368   6.581   1.00 56.31  ? 58  LEU A C   1 
ATOM   384  O O   . LEU A 1 58  ? -17.182 2.334   7.097   1.00 47.45  ? 58  LEU A O   1 
ATOM   385  C CB  . LEU A 1 58  ? -14.359 3.845   7.021   1.00 55.34  ? 58  LEU A CB  1 
ATOM   386  C CG  . LEU A 1 58  ? -13.258 4.790   7.505   1.00 58.81  ? 58  LEU A CG  1 
ATOM   387  C CD1 . LEU A 1 58  ? -11.905 4.182   7.175   1.00 56.60  ? 58  LEU A CD1 1 
ATOM   388  C CD2 . LEU A 1 58  ? -13.409 6.152   6.860   1.00 57.52  ? 58  LEU A CD2 1 
ATOM   389  N N   . LYS A 1 59  ? -17.091 3.754   5.353   1.00 53.97  ? 59  LYS A N   1 
ATOM   390  C CA  . LYS A 1 59  ? -18.025 3.002   4.531   1.00 56.73  ? 59  LYS A CA  1 
ATOM   391  C C   . LYS A 1 59  ? -17.374 2.168   3.433   1.00 54.95  ? 59  LYS A C   1 
ATOM   392  O O   . LYS A 1 59  ? -16.277 2.471   2.967   1.00 51.87  ? 59  LYS A O   1 
ATOM   393  C CB  . LYS A 1 59  ? -19.045 3.953   3.895   1.00 58.39  ? 59  LYS A CB  1 
ATOM   394  C CG  . LYS A 1 59  ? -19.936 4.679   4.893   1.00 62.27  ? 59  LYS A CG  1 
ATOM   395  C CD  . LYS A 1 59  ? -19.648 6.178   4.963   1.00 70.56  ? 59  LYS A CD  1 
ATOM   396  C CE  . LYS A 1 59  ? -20.202 6.925   3.752   1.00 72.07  ? 59  LYS A CE  1 
ATOM   397  N NZ  . LYS A 1 59  ? -20.193 8.398   3.963   1.00 72.19  ? 59  LYS A NZ  1 
ATOM   398  N N   . ASN A 1 60  ? -18.085 1.118   3.035   1.00 53.06  ? 60  ASN A N   1 
ATOM   399  C CA  . ASN A 1 60  ? -17.677 0.191   1.984   1.00 52.09  ? 60  ASN A CA  1 
ATOM   400  C C   . ASN A 1 60  ? -16.279 -0.411  2.073   1.00 51.07  ? 60  ASN A C   1 
ATOM   401  O O   . ASN A 1 60  ? -15.597 -0.546  1.062   1.00 45.07  ? 60  ASN A O   1 
ATOM   402  C CB  . ASN A 1 60  ? -17.869 0.844   0.606   1.00 58.29  ? 60  ASN A CB  1 
ATOM   403  C CG  . ASN A 1 60  ? -19.261 1.398   0.421   1.00 59.01  ? 60  ASN A CG  1 
ATOM   404  O OD1 . ASN A 1 60  ? -20.227 0.844   0.936   1.00 64.90  ? 60  ASN A OD1 1 
ATOM   405  N ND2 . ASN A 1 60  ? -19.374 2.487   -0.327  1.00 60.55  ? 60  ASN A ND2 1 
ATOM   406  N N   . VAL A 1 61  ? -15.849 -0.775  3.273   1.00 46.05  ? 61  VAL A N   1 
ATOM   407  C CA  . VAL A 1 61  ? -14.540 -1.384  3.415   1.00 46.01  ? 61  VAL A CA  1 
ATOM   408  C C   . VAL A 1 61  ? -14.720 -2.853  3.793   1.00 48.66  ? 61  VAL A C   1 
ATOM   409  O O   . VAL A 1 61  ? -15.424 -3.176  4.754   1.00 45.67  ? 61  VAL A O   1 
ATOM   410  C CB  . VAL A 1 61  ? -13.695 -0.680  4.494   1.00 46.37  ? 61  VAL A CB  1 
ATOM   411  C CG1 . VAL A 1 61  ? -12.330 -1.338  4.592   1.00 47.89  ? 61  VAL A CG1 1 
ATOM   412  C CG2 . VAL A 1 61  ? -13.549 0.797   4.158   1.00 45.44  ? 61  VAL A CG2 1 
ATOM   413  N N   . ARG A 1 62  ? -14.106 -3.738  3.012   1.00 45.18  ? 62  ARG A N   1 
ATOM   414  C CA  . ARG A 1 62  ? -14.175 -5.171  3.266   1.00 44.96  ? 62  ARG A CA  1 
ATOM   415  C C   . ARG A 1 62  ? -12.790 -5.583  3.725   1.00 46.10  ? 62  ARG A C   1 
ATOM   416  O O   . ARG A 1 62  ? -11.805 -5.407  3.006   1.00 51.37  ? 62  ARG A O   1 
ATOM   417  C CB  . ARG A 1 62  ? -14.576 -5.926  1.993   1.00 42.12  ? 62  ARG A CB  1 
ATOM   418  C CG  . ARG A 1 62  ? -14.690 -7.434  2.176   1.00 47.32  ? 62  ARG A CG  1 
ATOM   419  C CD  . ARG A 1 62  ? -15.363 -8.118  0.986   1.00 44.45  ? 62  ARG A CD  1 
ATOM   420  N NE  . ARG A 1 62  ? -14.722 -7.784  -0.283  1.00 48.05  ? 62  ARG A NE  1 
ATOM   421  C CZ  . ARG A 1 62  ? -14.952 -8.419  -1.427  1.00 55.81  ? 62  ARG A CZ  1 
ATOM   422  N NH1 . ARG A 1 62  ? -15.809 -9.433  -1.470  1.00 54.88  ? 62  ARG A NH1 1 
ATOM   423  N NH2 . ARG A 1 62  ? -14.326 -8.043  -2.535  1.00 52.85  ? 62  ARG A NH2 1 
ATOM   424  N N   . ILE A 1 63  ? -12.720 -6.116  4.937   1.00 42.21  ? 63  ILE A N   1 
ATOM   425  C CA  . ILE A 1 63  ? -11.454 -6.531  5.522   1.00 41.67  ? 63  ILE A CA  1 
ATOM   426  C C   . ILE A 1 63  ? -11.158 -8.005  5.310   1.00 44.63  ? 63  ILE A C   1 
ATOM   427  O O   . ILE A 1 63  ? -12.038 -8.854  5.453   1.00 39.93  ? 63  ILE A O   1 
ATOM   428  C CB  . ILE A 1 63  ? -11.428 -6.237  7.030   1.00 46.72  ? 63  ILE A CB  1 
ATOM   429  C CG1 . ILE A 1 63  ? -11.688 -4.747  7.264   1.00 45.62  ? 63  ILE A CG1 1 
ATOM   430  C CG2 . ILE A 1 63  ? -10.085 -6.648  7.623   1.00 41.83  ? 63  ILE A CG2 1 
ATOM   431  C CD1 . ILE A 1 63  ? -11.765 -4.361  8.724   1.00 51.14  ? 63  ILE A CD1 1 
ATOM   432  N N   . HIS A 1 64  ? -9.906  -8.300  4.975   1.00 44.59  ? 64  HIS A N   1 
ATOM   433  C CA  . HIS A 1 64  ? -9.469  -9.672  4.741   1.00 45.37  ? 64  HIS A CA  1 
ATOM   434  C C   . HIS A 1 64  ? -8.350  -10.038 5.711   1.00 47.43  ? 64  HIS A C   1 
ATOM   435  O O   . HIS A 1 64  ? -7.444  -9.238  5.957   1.00 46.38  ? 64  HIS A O   1 
ATOM   436  C CB  . HIS A 1 64  ? -8.969  -9.821  3.303   1.00 41.10  ? 64  HIS A CB  1 
ATOM   437  C CG  . HIS A 1 64  ? -9.963  -9.398  2.266   1.00 38.46  ? 64  HIS A CG  1 
ATOM   438  N ND1 . HIS A 1 64  ? -10.582 -10.290 1.421   1.00 41.08  ? 64  HIS A ND1 1 
ATOM   439  C CD2 . HIS A 1 64  ? -10.449 -8.173  1.946   1.00 41.14  ? 64  HIS A CD2 1 
ATOM   440  C CE1 . HIS A 1 64  ? -11.411 -9.634  0.621   1.00 41.00  ? 64  HIS A CE1 1 
ATOM   441  N NE2 . HIS A 1 64  ? -11.346 -8.351  0.920   1.00 41.53  ? 64  HIS A NE2 1 
ATOM   442  N N   . GLU A 1 65  ? -8.419  -11.247 6.256   1.00 50.10  ? 65  GLU A N   1 
ATOM   443  C CA  . GLU A 1 65  ? -7.410  -11.725 7.197   1.00 52.29  ? 65  GLU A CA  1 
ATOM   444  C C   . GLU A 1 65  ? -6.068  -11.900 6.504   1.00 48.70  ? 65  GLU A C   1 
ATOM   445  O O   . GLU A 1 65  ? -5.985  -12.511 5.438   1.00 45.33  ? 65  GLU A O   1 
ATOM   446  C CB  . GLU A 1 65  ? -7.846  -13.055 7.812   1.00 57.64  ? 65  GLU A CB  1 
ATOM   447  C CG  . GLU A 1 65  ? -8.931  -12.918 8.858   1.00 64.39  ? 65  GLU A CG  1 
ATOM   448  C CD  . GLU A 1 65  ? -8.422  -12.283 10.135  1.00 69.03  ? 65  GLU A CD  1 
ATOM   449  O OE1 . GLU A 1 65  ? -7.949  -11.129 10.086  1.00 73.99  ? 65  GLU A OE1 1 
ATOM   450  O OE2 . GLU A 1 65  ? -8.490  -12.942 11.193  1.00 80.66  ? 65  GLU A OE2 1 
ATOM   451  N N   . GLU A 1 66  ? -5.019  -11.370 7.123   1.00 49.38  ? 66  GLU A N   1 
ATOM   452  C CA  . GLU A 1 66  ? -3.674  -11.446 6.564   1.00 47.98  ? 66  GLU A CA  1 
ATOM   453  C C   . GLU A 1 66  ? -3.238  -12.871 6.276   1.00 45.63  ? 66  GLU A C   1 
ATOM   454  O O   . GLU A 1 66  ? -2.271  -13.094 5.555   1.00 49.36  ? 66  GLU A O   1 
ATOM   455  C CB  . GLU A 1 66  ? -2.668  -10.804 7.516   1.00 45.62  ? 66  GLU A CB  1 
ATOM   456  C CG  . GLU A 1 66  ? -2.511  -11.542 8.831   1.00 54.32  ? 66  GLU A CG  1 
ATOM   457  C CD  . GLU A 1 66  ? -1.429  -10.936 9.703   1.00 56.58  ? 66  GLU A CD  1 
ATOM   458  O OE1 . GLU A 1 66  ? -0.246  -10.981 9.304   1.00 60.54  ? 66  GLU A OE1 1 
ATOM   459  O OE2 . GLU A 1 66  ? -1.762  -10.407 10.782  1.00 60.49  ? 66  GLU A OE2 1 
ATOM   460  N N   . ASN A 1 67  ? -3.954  -13.836 6.836   1.00 47.85  ? 67  ASN A N   1 
ATOM   461  C CA  . ASN A 1 67  ? -3.607  -15.239 6.635   1.00 51.55  ? 67  ASN A CA  1 
ATOM   462  C C   . ASN A 1 67  ? -4.615  -15.980 5.767   1.00 45.68  ? 67  ASN A C   1 
ATOM   463  O O   . ASN A 1 67  ? -4.413  -17.146 5.438   1.00 55.29  ? 67  ASN A O   1 
ATOM   464  C CB  . ASN A 1 67  ? -3.504  -15.944 7.988   1.00 56.06  ? 67  ASN A CB  1 
ATOM   465  C CG  . ASN A 1 67  ? -4.836  -15.995 8.720   1.00 64.89  ? 67  ASN A CG  1 
ATOM   466  O OD1 . ASN A 1 67  ? -5.494  -14.969 8.919   1.00 63.78  ? 67  ASN A OD1 1 
ATOM   467  N ND2 . ASN A 1 67  ? -5.238  -17.192 9.127   1.00 68.03  ? 67  ASN A ND2 1 
ATOM   468  N N   . ASP A 1 68  ? -5.690  -15.303 5.385   1.00 46.30  ? 68  ASP A N   1 
ATOM   469  C CA  . ASP A 1 68  ? -6.733  -15.931 4.585   1.00 45.57  ? 68  ASP A CA  1 
ATOM   470  C C   . ASP A 1 68  ? -6.478  -15.960 3.086   1.00 47.25  ? 68  ASP A C   1 
ATOM   471  O O   . ASP A 1 68  ? -6.795  -15.006 2.368   1.00 45.20  ? 68  ASP A O   1 
ATOM   472  C CB  . ASP A 1 68  ? -8.079  -15.257 4.858   1.00 46.48  ? 68  ASP A CB  1 
ATOM   473  C CG  . ASP A 1 68  ? -9.190  -15.828 4.005   1.00 39.98  ? 68  ASP A CG  1 
ATOM   474  O OD1 . ASP A 1 68  ? -9.081  -17.010 3.621   1.00 46.13  ? 68  ASP A OD1 1 
ATOM   475  O OD2 . ASP A 1 68  ? -10.172 -15.109 3.726   1.00 46.90  ? 68  ASP A OD2 1 
ATOM   476  N N   . PHE A 1 69  ? -5.932  -17.078 2.616   1.00 47.83  ? 69  PHE A N   1 
ATOM   477  C CA  . PHE A 1 69  ? -5.626  -17.254 1.202   1.00 51.03  ? 69  PHE A CA  1 
ATOM   478  C C   . PHE A 1 69  ? -6.828  -17.658 0.351   1.00 55.39  ? 69  PHE A C   1 
ATOM   479  O O   . PHE A 1 69  ? -6.665  -17.989 -0.826  1.00 54.14  ? 69  PHE A O   1 
ATOM   480  C CB  . PHE A 1 69  ? -4.514  -18.289 1.021   1.00 54.13  ? 69  PHE A CB  1 
ATOM   481  C CG  . PHE A 1 69  ? -3.184  -17.847 1.556   1.00 56.94  ? 69  PHE A CG  1 
ATOM   482  C CD1 . PHE A 1 69  ? -2.981  -17.710 2.924   1.00 60.45  ? 69  PHE A CD1 1 
ATOM   483  C CD2 . PHE A 1 69  ? -2.133  -17.564 0.692   1.00 55.49  ? 69  PHE A CD2 1 
ATOM   484  C CE1 . PHE A 1 69  ? -1.752  -17.296 3.425   1.00 60.76  ? 69  PHE A CE1 1 
ATOM   485  C CE2 . PHE A 1 69  ? -0.899  -17.149 1.181   1.00 58.60  ? 69  PHE A CE2 1 
ATOM   486  C CZ  . PHE A 1 69  ? -0.707  -17.016 2.552   1.00 54.54  ? 69  PHE A CZ  1 
ATOM   487  N N   . THR A 1 70  ? -8.023  -17.646 0.941   1.00 49.15  ? 70  THR A N   1 
ATOM   488  C CA  . THR A 1 70  ? -9.229  -17.986 0.190   1.00 50.89  ? 70  THR A CA  1 
ATOM   489  C C   . THR A 1 70  ? -9.791  -16.664 -0.302  1.00 47.02  ? 70  THR A C   1 
ATOM   490  O O   . THR A 1 70  ? -10.649 -16.620 -1.185  1.00 52.03  ? 70  THR A O   1 
ATOM   491  C CB  . THR A 1 70  ? -10.301 -18.684 1.069   1.00 48.83  ? 70  THR A CB  1 
ATOM   492  O OG1 . THR A 1 70  ? -10.887 -17.736 1.971   1.00 55.87  ? 70  THR A OG1 1 
ATOM   493  C CG2 . THR A 1 70  ? -9.686  -19.817 1.862   1.00 51.09  ? 70  THR A CG2 1 
ATOM   494  N N   . SER A 1 71  ? -9.284  -15.589 0.291   1.00 46.72  ? 71  SER A N   1 
ATOM   495  C CA  . SER A 1 71  ? -9.681  -14.227 -0.045  1.00 46.30  ? 71  SER A CA  1 
ATOM   496  C C   . SER A 1 71  ? -9.793  -14.033 -1.551  1.00 46.83  ? 71  SER A C   1 
ATOM   497  O O   . SER A 1 71  ? -9.006  -14.583 -2.318  1.00 44.47  ? 71  SER A O   1 
ATOM   498  C CB  . SER A 1 71  ? -8.650  -13.241 0.512   1.00 42.13  ? 71  SER A CB  1 
ATOM   499  O OG  . SER A 1 71  ? -8.917  -11.922 0.071   1.00 38.69  ? 71  SER A OG  1 
ATOM   500  N N   . PRO A 1 72  ? -10.785 -13.249 -1.995  1.00 47.89  ? 72  PRO A N   1 
ATOM   501  C CA  . PRO A 1 72  ? -10.959 -13.006 -3.429  1.00 49.29  ? 72  PRO A CA  1 
ATOM   502  C C   . PRO A 1 72  ? -9.701  -12.376 -4.012  1.00 46.08  ? 72  PRO A C   1 
ATOM   503  O O   . PRO A 1 72  ? -9.320  -12.661 -5.147  1.00 51.31  ? 72  PRO A O   1 
ATOM   504  C CB  . PRO A 1 72  ? -12.136 -12.040 -3.475  1.00 50.25  ? 72  PRO A CB  1 
ATOM   505  C CG  . PRO A 1 72  ? -12.924 -12.407 -2.257  1.00 56.21  ? 72  PRO A CG  1 
ATOM   506  C CD  . PRO A 1 72  ? -11.844 -12.582 -1.221  1.00 53.04  ? 72  PRO A CD  1 
ATOM   507  N N   . LEU A 1 73  ? -9.060  -11.522 -3.219  1.00 44.75  ? 73  LEU A N   1 
ATOM   508  C CA  . LEU A 1 73  ? -7.853  -10.827 -3.647  1.00 41.67  ? 73  LEU A CA  1 
ATOM   509  C C   . LEU A 1 73  ? -6.730  -11.759 -4.070  1.00 38.91  ? 73  LEU A C   1 
ATOM   510  O O   . LEU A 1 73  ? -5.815  -11.345 -4.781  1.00 37.73  ? 73  LEU A O   1 
ATOM   511  C CB  . LEU A 1 73  ? -7.340  -9.915  -2.532  1.00 40.73  ? 73  LEU A CB  1 
ATOM   512  C CG  . LEU A 1 73  ? -8.259  -8.801  -2.026  1.00 46.36  ? 73  LEU A CG  1 
ATOM   513  C CD1 . LEU A 1 73  ? -7.500  -7.977  -0.995  1.00 38.32  ? 73  LEU A CD1 1 
ATOM   514  C CD2 . LEU A 1 73  ? -8.726  -7.918  -3.186  1.00 37.91  ? 73  LEU A CD2 1 
ATOM   515  N N   . ALA A 1 74  ? -6.791  -13.011 -3.631  1.00 40.90  ? 74  ALA A N   1 
ATOM   516  C CA  . ALA A 1 74  ? -5.751  -13.973 -3.974  1.00 36.65  ? 74  ALA A CA  1 
ATOM   517  C C   . ALA A 1 74  ? -6.033  -14.661 -5.300  1.00 42.18  ? 74  ALA A C   1 
ATOM   518  O O   . ALA A 1 74  ? -5.309  -15.578 -5.698  1.00 38.96  ? 74  ALA A O   1 
ATOM   519  C CB  . ALA A 1 74  ? -5.606  -15.006 -2.867  1.00 34.99  ? 74  ALA A CB  1 
ATOM   520  N N   . SER A 1 75  ? -7.081  -14.217 -5.984  1.00 38.40  ? 75  SER A N   1 
ATOM   521  C CA  . SER A 1 75  ? -7.439  -14.801 -7.272  1.00 40.60  ? 75  SER A CA  1 
ATOM   522  C C   . SER A 1 75  ? -7.248  -13.787 -8.389  1.00 38.45  ? 75  SER A C   1 
ATOM   523  O O   . SER A 1 75  ? -7.799  -12.688 -8.333  1.00 38.21  ? 75  SER A O   1 
ATOM   524  C CB  . SER A 1 75  ? -8.895  -15.279 -7.259  1.00 43.59  ? 75  SER A CB  1 
ATOM   525  O OG  . SER A 1 75  ? -9.094  -16.271 -6.266  1.00 58.31  ? 75  SER A OG  1 
ATOM   526  N N   . GLY A 1 76  ? -6.458  -14.160 -9.394  1.00 38.52  ? 76  GLY A N   1 
ATOM   527  C CA  . GLY A 1 76  ? -6.214  -13.268 -10.514 1.00 37.57  ? 76  GLY A CA  1 
ATOM   528  C C   . GLY A 1 76  ? -7.511  -12.924 -11.210 1.00 38.10  ? 76  GLY A C   1 
ATOM   529  O O   . GLY A 1 76  ? -7.739  -11.777 -11.600 1.00 38.35  ? 76  GLY A O   1 
ATOM   530  N N   . SER A 1 77  ? -8.373  -13.926 -11.360 1.00 39.38  ? 77  SER A N   1 
ATOM   531  C CA  . SER A 1 77  ? -9.666  -13.732 -12.005 1.00 44.32  ? 77  SER A CA  1 
ATOM   532  C C   . SER A 1 77  ? -10.437 -12.597 -11.334 1.00 44.97  ? 77  SER A C   1 
ATOM   533  O O   . SER A 1 77  ? -11.212 -11.896 -11.981 1.00 46.48  ? 77  SER A O   1 
ATOM   534  C CB  . SER A 1 77  ? -10.484 -15.027 -11.944 1.00 44.17  ? 77  SER A CB  1 
ATOM   535  O OG  . SER A 1 77  ? -10.615 -15.488 -10.609 1.00 52.32  ? 77  SER A OG  1 
ATOM   536  N N   . ARG A 1 78  ? -10.212 -12.416 -10.037 1.00 46.26  ? 78  ARG A N   1 
ATOM   537  C CA  . ARG A 1 78  ? -10.878 -11.359 -9.282  1.00 47.46  ? 78  ARG A CA  1 
ATOM   538  C C   . ARG A 1 78  ? -10.073 -10.060 -9.295  1.00 45.84  ? 78  ARG A C   1 
ATOM   539  O O   . ARG A 1 78  ? -10.622 -8.980  -9.494  1.00 47.68  ? 78  ARG A O   1 
ATOM   540  C CB  . ARG A 1 78  ? -11.077 -11.787 -7.822  1.00 48.54  ? 78  ARG A CB  1 
ATOM   541  C CG  . ARG A 1 78  ? -12.016 -12.962 -7.610  1.00 57.17  ? 78  ARG A CG  1 
ATOM   542  C CD  . ARG A 1 78  ? -13.444 -12.608 -7.985  1.00 50.55  ? 78  ARG A CD  1 
ATOM   543  N NE  . ARG A 1 78  ? -14.363 -13.712 -7.721  1.00 61.88  ? 78  ARG A NE  1 
ATOM   544  C CZ  . ARG A 1 78  ? -14.666 -14.167 -6.508  1.00 65.57  ? 78  ARG A CZ  1 
ATOM   545  N NH1 . ARG A 1 78  ? -14.128 -13.615 -5.427  1.00 60.63  ? 78  ARG A NH1 1 
ATOM   546  N NH2 . ARG A 1 78  ? -15.510 -15.180 -6.376  1.00 69.10  ? 78  ARG A NH2 1 
ATOM   547  N N   . LEU A 1 79  ? -8.768  -10.175 -9.086  1.00 44.68  ? 79  LEU A N   1 
ATOM   548  C CA  . LEU A 1 79  ? -7.898  -9.007  -9.027  1.00 45.28  ? 79  LEU A CA  1 
ATOM   549  C C   . LEU A 1 79  ? -7.802  -8.165  -10.294 1.00 39.72  ? 79  LEU A C   1 
ATOM   550  O O   . LEU A 1 79  ? -7.592  -6.954  -10.216 1.00 40.67  ? 79  LEU A O   1 
ATOM   551  C CB  . LEU A 1 79  ? -6.492  -9.430  -8.595  1.00 41.77  ? 79  LEU A CB  1 
ATOM   552  C CG  . LEU A 1 79  ? -5.761  -8.602  -7.520  1.00 51.34  ? 79  LEU A CG  1 
ATOM   553  C CD1 . LEU A 1 79  ? -4.475  -8.032  -8.098  1.00 49.99  ? 79  LEU A CD1 1 
ATOM   554  C CD2 . LEU A 1 79  ? -6.658  -7.496  -6.971  1.00 42.73  ? 79  LEU A CD2 1 
ATOM   555  N N   . VAL A 1 80  ? -7.962  -8.786  -11.458 1.00 34.97  ? 80  VAL A N   1 
ATOM   556  C CA  . VAL A 1 80  ? -7.859  -8.048  -12.714 1.00 37.01  ? 80  VAL A CA  1 
ATOM   557  C C   . VAL A 1 80  ? -8.888  -6.931  -12.860 1.00 40.46  ? 80  VAL A C   1 
ATOM   558  O O   . VAL A 1 80  ? -8.757  -6.073  -13.729 1.00 45.36  ? 80  VAL A O   1 
ATOM   559  C CB  . VAL A 1 80  ? -7.977  -8.994  -13.941 1.00 38.15  ? 80  VAL A CB  1 
ATOM   560  C CG1 . VAL A 1 80  ? -6.864  -10.031 -13.904 1.00 36.94  ? 80  VAL A CG1 1 
ATOM   561  C CG2 . VAL A 1 80  ? -9.352  -9.677  -13.959 1.00 36.61  ? 80  VAL A CG2 1 
ATOM   562  N N   . HIS A 1 81  ? -9.905  -6.927  -12.004 1.00 42.62  ? 81  HIS A N   1 
ATOM   563  C CA  . HIS A 1 81  ? -10.947 -5.907  -12.082 1.00 47.66  ? 81  HIS A CA  1 
ATOM   564  C C   . HIS A 1 81  ? -10.716 -4.702  -11.167 1.00 48.45  ? 81  HIS A C   1 
ATOM   565  O O   . HIS A 1 81  ? -11.531 -3.781  -11.121 1.00 46.93  ? 81  HIS A O   1 
ATOM   566  C CB  . HIS A 1 81  ? -12.305 -6.548  -11.785 1.00 52.07  ? 81  HIS A CB  1 
ATOM   567  C CG  . HIS A 1 81  ? -12.681 -7.626  -12.752 1.00 52.27  ? 81  HIS A CG  1 
ATOM   568  N ND1 . HIS A 1 81  ? -12.940 -7.371  -14.084 1.00 59.38  ? 81  HIS A ND1 1 
ATOM   569  C CD2 . HIS A 1 81  ? -12.812 -8.963  -12.595 1.00 55.88  ? 81  HIS A CD2 1 
ATOM   570  C CE1 . HIS A 1 81  ? -13.215 -8.508  -14.702 1.00 57.22  ? 81  HIS A CE1 1 
ATOM   571  N NE2 . HIS A 1 81  ? -13.143 -9.487  -13.820 1.00 56.96  ? 81  HIS A NE2 1 
ATOM   572  N N   . TYR A 1 82  ? -9.599  -4.709  -10.448 1.00 45.67  ? 82  TYR A N   1 
ATOM   573  C CA  . TYR A 1 82  ? -9.266  -3.611  -9.545  1.00 43.36  ? 82  TYR A CA  1 
ATOM   574  C C   . TYR A 1 82  ? -8.477  -2.529  -10.269 1.00 39.74  ? 82  TYR A C   1 
ATOM   575  O O   . TYR A 1 82  ? -7.774  -2.803  -11.237 1.00 41.70  ? 82  TYR A O   1 
ATOM   576  C CB  . TYR A 1 82  ? -8.441  -4.127  -8.367  1.00 42.27  ? 82  TYR A CB  1 
ATOM   577  C CG  . TYR A 1 82  ? -9.229  -4.952  -7.375  1.00 38.61  ? 82  TYR A CG  1 
ATOM   578  C CD1 . TYR A 1 82  ? -9.420  -4.502  -6.070  1.00 39.64  ? 82  TYR A CD1 1 
ATOM   579  C CD2 . TYR A 1 82  ? -9.790  -6.173  -7.740  1.00 41.63  ? 82  TYR A CD2 1 
ATOM   580  C CE1 . TYR A 1 82  ? -10.149 -5.246  -5.151  1.00 38.58  ? 82  TYR A CE1 1 
ATOM   581  C CE2 . TYR A 1 82  ? -10.528 -6.932  -6.822  1.00 44.03  ? 82  TYR A CE2 1 
ATOM   582  C CZ  . TYR A 1 82  ? -10.701 -6.456  -5.532  1.00 36.81  ? 82  TYR A CZ  1 
ATOM   583  O OH  . TYR A 1 82  ? -11.426 -7.174  -4.617  1.00 45.61  ? 82  TYR A OH  1 
ATOM   584  N N   . ARG A 1 83  ? -8.589  -1.297  -9.791  1.00 38.12  ? 83  ARG A N   1 
ATOM   585  C CA  . ARG A 1 83  ? -7.873  -0.191  -10.402 1.00 38.73  ? 83  ARG A CA  1 
ATOM   586  C C   . ARG A 1 83  ? -6.401  -0.228  -10.001 1.00 34.86  ? 83  ARG A C   1 
ATOM   587  O O   . ARG A 1 83  ? -5.546  0.314   -10.695 1.00 37.41  ? 83  ARG A O   1 
ATOM   588  C CB  . ARG A 1 83  ? -8.494  1.137   -9.975  1.00 48.33  ? 83  ARG A CB  1 
ATOM   589  C CG  . ARG A 1 83  ? -7.832  2.347   -10.610 1.00 46.04  ? 83  ARG A CG  1 
ATOM   590  C CD  . ARG A 1 83  ? -8.563  3.620   -10.266 1.00 49.57  ? 83  ARG A CD  1 
ATOM   591  N NE  . ARG A 1 83  ? -7.956  4.776   -10.913 1.00 51.25  ? 83  ARG A NE  1 
ATOM   592  C CZ  . ARG A 1 83  ? -8.522  5.974   -10.981 1.00 56.95  ? 83  ARG A CZ  1 
ATOM   593  N NH1 . ARG A 1 83  ? -9.718  6.182   -10.445 1.00 55.75  ? 83  ARG A NH1 1 
ATOM   594  N NH2 . ARG A 1 83  ? -7.885  6.972   -11.572 1.00 53.50  ? 83  ARG A NH2 1 
ATOM   595  N N   . GLY A 1 84  ? -6.110  -0.870  -8.875  1.00 41.22  ? 84  GLY A N   1 
ATOM   596  C CA  . GLY A 1 84  ? -4.733  -0.957  -8.422  1.00 35.36  ? 84  GLY A CA  1 
ATOM   597  C C   . GLY A 1 84  ? -4.586  -1.542  -7.032  1.00 39.99  ? 84  GLY A C   1 
ATOM   598  O O   . GLY A 1 84  ? -5.564  -1.721  -6.299  1.00 39.77  ? 84  GLY A O   1 
ATOM   599  N N   . VAL A 1 85  ? -3.351  -1.852  -6.667  1.00 37.53  ? 85  VAL A N   1 
ATOM   600  C CA  . VAL A 1 85  ? -3.071  -2.410  -5.357  1.00 35.31  ? 85  VAL A CA  1 
ATOM   601  C C   . VAL A 1 85  ? -2.032  -1.578  -4.638  1.00 33.20  ? 85  VAL A C   1 
ATOM   602  O O   . VAL A 1 85  ? -0.939  -1.349  -5.162  1.00 35.28  ? 85  VAL A O   1 
ATOM   603  C CB  . VAL A 1 85  ? -2.540  -3.848  -5.450  1.00 35.77  ? 85  VAL A CB  1 
ATOM   604  C CG1 . VAL A 1 85  ? -2.090  -4.325  -4.071  1.00 34.91  ? 85  VAL A CG1 1 
ATOM   605  C CG2 . VAL A 1 85  ? -3.622  -4.761  -5.994  1.00 39.76  ? 85  VAL A CG2 1 
ATOM   606  N N   . TYR A 1 86  ? -2.381  -1.128  -3.439  1.00 27.04  ? 86  TYR A N   1 
ATOM   607  C CA  . TYR A 1 86  ? -1.477  -0.340  -2.608  1.00 33.80  ? 86  TYR A CA  1 
ATOM   608  C C   . TYR A 1 86  ? -0.956  -1.184  -1.460  1.00 33.16  ? 86  TYR A C   1 
ATOM   609  O O   . TYR A 1 86  ? -1.694  -1.982  -0.876  1.00 29.93  ? 86  TYR A O   1 
ATOM   610  C CB  . TYR A 1 86  ? -2.185  0.875   -1.996  1.00 28.47  ? 86  TYR A CB  1 
ATOM   611  C CG  . TYR A 1 86  ? -2.478  2.007   -2.952  1.00 38.43  ? 86  TYR A CG  1 
ATOM   612  C CD1 . TYR A 1 86  ? -3.792  2.335   -3.291  1.00 34.59  ? 86  TYR A CD1 1 
ATOM   613  C CD2 . TYR A 1 86  ? -1.447  2.770   -3.497  1.00 32.40  ? 86  TYR A CD2 1 
ATOM   614  C CE1 . TYR A 1 86  ? -4.071  3.395   -4.149  1.00 35.36  ? 86  TYR A CE1 1 
ATOM   615  C CE2 . TYR A 1 86  ? -1.716  3.831   -4.355  1.00 35.95  ? 86  TYR A CE2 1 
ATOM   616  C CZ  . TYR A 1 86  ? -3.029  4.139   -4.675  1.00 34.21  ? 86  TYR A CZ  1 
ATOM   617  O OH  . TYR A 1 86  ? -3.305  5.190   -5.516  1.00 29.45  ? 86  TYR A OH  1 
ATOM   618  N N   . VAL A 1 87  ? 0.321   -1.004  -1.150  1.00 32.22  ? 87  VAL A N   1 
ATOM   619  C CA  . VAL A 1 87  ? 0.968   -1.678  -0.031  1.00 32.23  ? 87  VAL A CA  1 
ATOM   620  C C   . VAL A 1 87  ? 1.612   -0.488  0.671   1.00 36.27  ? 87  VAL A C   1 
ATOM   621  O O   . VAL A 1 87  ? 2.768   -0.131  0.415   1.00 31.37  ? 87  VAL A O   1 
ATOM   622  C CB  . VAL A 1 87  ? 2.044   -2.687  -0.495  1.00 38.07  ? 87  VAL A CB  1 
ATOM   623  C CG1 . VAL A 1 87  ? 2.732   -3.301  0.713   1.00 30.61  ? 87  VAL A CG1 1 
ATOM   624  C CG2 . VAL A 1 87  ? 1.398   -3.787  -1.333  1.00 35.60  ? 87  VAL A CG2 1 
ATOM   625  N N   . VAL A 1 88  ? 0.820   0.135   1.540   1.00 34.79  ? 88  VAL A N   1 
ATOM   626  C CA  . VAL A 1 88  ? 1.215   1.334   2.264   1.00 35.43  ? 88  VAL A CA  1 
ATOM   627  C C   . VAL A 1 88  ? 0.960   1.249   3.771   1.00 40.26  ? 88  VAL A C   1 
ATOM   628  O O   . VAL A 1 88  ? -0.188  1.202   4.214   1.00 33.30  ? 88  VAL A O   1 
ATOM   629  C CB  . VAL A 1 88  ? 0.436   2.558   1.719   1.00 32.31  ? 88  VAL A CB  1 
ATOM   630  C CG1 . VAL A 1 88  ? 0.851   3.820   2.460   1.00 24.63  ? 88  VAL A CG1 1 
ATOM   631  C CG2 . VAL A 1 88  ? 0.661   2.698   0.212   1.00 30.99  ? 88  VAL A CG2 1 
ATOM   632  N N   . PRO A 1 89  ? 2.033   1.197   4.574   1.00 39.23  ? 89  PRO A N   1 
ATOM   633  C CA  . PRO A 1 89  ? 3.418   1.222   4.100   1.00 39.22  ? 89  PRO A CA  1 
ATOM   634  C C   . PRO A 1 89  ? 3.873   -0.198  3.789   1.00 33.20  ? 89  PRO A C   1 
ATOM   635  O O   . PRO A 1 89  ? 3.284   -1.160  4.272   1.00 33.38  ? 89  PRO A O   1 
ATOM   636  C CB  . PRO A 1 89  ? 4.174   1.815   5.281   1.00 36.98  ? 89  PRO A CB  1 
ATOM   637  C CG  . PRO A 1 89  ? 3.444   1.220   6.447   1.00 43.25  ? 89  PRO A CG  1 
ATOM   638  C CD  . PRO A 1 89  ? 1.979   1.365   6.040   1.00 42.78  ? 89  PRO A CD  1 
ATOM   639  N N   . CYS A 1 90  ? 4.923   -0.318  2.986   1.00 32.95  ? 90  CYS A N   1 
ATOM   640  C CA  . CYS A 1 90  ? 5.471   -1.614  2.616   1.00 30.61  ? 90  CYS A CA  1 
ATOM   641  C C   . CYS A 1 90  ? 6.808   -1.818  3.329   1.00 35.60  ? 90  CYS A C   1 
ATOM   642  O O   . CYS A 1 90  ? 7.799   -1.176  2.987   1.00 33.91  ? 90  CYS A O   1 
ATOM   643  C CB  . CYS A 1 90  ? 5.678   -1.679  1.099   1.00 29.30  ? 90  CYS A CB  1 
ATOM   644  S SG  . CYS A 1 90  ? 6.399   -3.234  0.510   1.00 31.79  ? 90  CYS A SG  1 
ATOM   645  N N   . SER A 1 91  ? 6.829   -2.716  4.314   1.00 33.49  ? 91  SER A N   1 
ATOM   646  C CA  . SER A 1 91  ? 8.039   -3.004  5.076   1.00 35.30  ? 91  SER A CA  1 
ATOM   647  C C   . SER A 1 91  ? 9.101   -3.578  4.145   1.00 37.25  ? 91  SER A C   1 
ATOM   648  O O   . SER A 1 91  ? 8.779   -4.072  3.064   1.00 35.29  ? 91  SER A O   1 
ATOM   649  C CB  . SER A 1 91  ? 7.740   -4.011  6.196   1.00 35.25  ? 91  SER A CB  1 
ATOM   650  O OG  . SER A 1 91  ? 7.375   -5.280  5.670   1.00 30.91  ? 91  SER A OG  1 
ATOM   651  N N   . THR A 1 92  ? 10.363  -3.512  4.567   1.00 34.62  ? 92  THR A N   1 
ATOM   652  C CA  . THR A 1 92  ? 11.455  -4.030  3.757   1.00 31.11  ? 92  THR A CA  1 
ATOM   653  C C   . THR A 1 92  ? 11.279  -5.523  3.548   1.00 27.25  ? 92  THR A C   1 
ATOM   654  O O   . THR A 1 92  ? 11.654  -6.065  2.503   1.00 25.29  ? 92  THR A O   1 
ATOM   655  C CB  . THR A 1 92  ? 12.839  -3.755  4.409   1.00 31.69  ? 92  THR A CB  1 
ATOM   656  O OG1 . THR A 1 92  ? 12.851  -4.241  5.759   1.00 35.39  ? 92  THR A OG1 1 
ATOM   657  C CG2 . THR A 1 92  ? 13.131  -2.260  4.405   1.00 36.03  ? 92  THR A CG2 1 
ATOM   658  N N   . ASN A 1 93  ? 10.686  -6.183  4.540   1.00 25.01  ? 93  ASN A N   1 
ATOM   659  C CA  . ASN A 1 93  ? 10.445  -7.619  4.459   1.00 34.93  ? 93  ASN A CA  1 
ATOM   660  C C   . ASN A 1 93  ? 9.420   -7.930  3.367   1.00 30.52  ? 93  ASN A C   1 
ATOM   661  O O   . ASN A 1 93  ? 9.631   -8.818  2.540   1.00 38.33  ? 93  ASN A O   1 
ATOM   662  C CB  . ASN A 1 93  ? 9.967   -8.154  5.820   1.00 30.29  ? 93  ASN A CB  1 
ATOM   663  C CG  . ASN A 1 93  ? 9.491   -9.599  5.748   1.00 34.13  ? 93  ASN A CG  1 
ATOM   664  O OD1 . ASN A 1 93  ? 8.293   -9.870  5.773   1.00 41.65  ? 93  ASN A OD1 1 
ATOM   665  N ND2 . ASN A 1 93  ? 10.428  -10.527 5.652   1.00 29.73  ? 93  ASN A ND2 1 
ATOM   666  N N   . THR A 1 94  ? 8.314   -7.197  3.365   1.00 33.67  ? 94  THR A N   1 
ATOM   667  C CA  . THR A 1 94  ? 7.271   -7.397  2.362   1.00 33.05  ? 94  THR A CA  1 
ATOM   668  C C   . THR A 1 94  ? 7.815   -7.062  0.980   1.00 34.00  ? 94  THR A C   1 
ATOM   669  O O   . THR A 1 94  ? 7.510   -7.744  0.001   1.00 33.23  ? 94  THR A O   1 
ATOM   670  C CB  . THR A 1 94  ? 6.039   -6.522  2.667   1.00 32.75  ? 94  THR A CB  1 
ATOM   671  O OG1 . THR A 1 94  ? 5.364   -7.059  3.805   1.00 38.94  ? 94  THR A OG1 1 
ATOM   672  C CG2 . THR A 1 94  ? 5.082   -6.485  1.480   1.00 24.85  ? 94  THR A CG2 1 
ATOM   673  N N   . LEU A 1 95  ? 8.623   -6.008  0.907   1.00 31.99  ? 95  LEU A N   1 
ATOM   674  C CA  . LEU A 1 95  ? 9.224   -5.603  -0.356  1.00 30.40  ? 95  LEU A CA  1 
ATOM   675  C C   . LEU A 1 95  ? 10.020  -6.770  -0.918  1.00 31.34  ? 95  LEU A C   1 
ATOM   676  O O   . LEU A 1 95  ? 9.918   -7.100  -2.101  1.00 28.94  ? 95  LEU A O   1 
ATOM   677  C CB  . LEU A 1 95  ? 10.159  -4.408  -0.148  1.00 28.98  ? 95  LEU A CB  1 
ATOM   678  C CG  . LEU A 1 95  ? 11.137  -4.128  -1.297  1.00 37.94  ? 95  LEU A CG  1 
ATOM   679  C CD1 . LEU A 1 95  ? 10.363  -3.798  -2.580  1.00 25.60  ? 95  LEU A CD1 1 
ATOM   680  C CD2 . LEU A 1 95  ? 12.071  -2.987  -0.912  1.00 30.66  ? 95  LEU A CD2 1 
ATOM   681  N N   . SER A 1 96  ? 10.807  -7.397  -0.050  1.00 32.32  ? 96  SER A N   1 
ATOM   682  C CA  . SER A 1 96  ? 11.640  -8.524  -0.442  1.00 32.72  ? 96  SER A CA  1 
ATOM   683  C C   . SER A 1 96  ? 10.783  -9.718  -0.844  1.00 31.68  ? 96  SER A C   1 
ATOM   684  O O   . SER A 1 96  ? 10.977  -10.299 -1.910  1.00 34.17  ? 96  SER A O   1 
ATOM   685  C CB  . SER A 1 96  ? 12.579  -8.907  0.707   1.00 36.10  ? 96  SER A CB  1 
ATOM   686  O OG  . SER A 1 96  ? 13.418  -9.989  0.342   1.00 40.85  ? 96  SER A OG  1 
ATOM   687  N N   . CYS A 1 97  ? 9.826   -10.077 0.000   1.00 27.08  ? 97  CYS A N   1 
ATOM   688  C CA  . CYS A 1 97  ? 8.957   -11.202 -0.309  1.00 33.76  ? 97  CYS A CA  1 
ATOM   689  C C   . CYS A 1 97  ? 8.306   -11.082 -1.686  1.00 29.93  ? 97  CYS A C   1 
ATOM   690  O O   . CYS A 1 97  ? 8.323   -12.035 -2.467  1.00 30.70  ? 97  CYS A O   1 
ATOM   691  C CB  . CYS A 1 97  ? 7.895   -11.361 0.783   1.00 33.13  ? 97  CYS A CB  1 
ATOM   692  S SG  . CYS A 1 97  ? 8.599   -11.983 2.347   1.00 32.90  ? 97  CYS A SG  1 
ATOM   693  N N   . ILE A 1 98  ? 7.761   -9.910  -1.994  1.00 33.38  ? 98  ILE A N   1 
ATOM   694  C CA  . ILE A 1 98  ? 7.109   -9.689  -3.280  1.00 31.72  ? 98  ILE A CA  1 
ATOM   695  C C   . ILE A 1 98  ? 8.114   -9.710  -4.436  1.00 35.80  ? 98  ILE A C   1 
ATOM   696  O O   . ILE A 1 98  ? 7.859   -10.330 -5.468  1.00 38.41  ? 98  ILE A O   1 
ATOM   697  C CB  . ILE A 1 98  ? 6.320   -8.351  -3.270  1.00 29.66  ? 98  ILE A CB  1 
ATOM   698  C CG1 . ILE A 1 98  ? 5.171   -8.444  -2.259  1.00 37.00  ? 98  ILE A CG1 1 
ATOM   699  C CG2 . ILE A 1 98  ? 5.759   -8.048  -4.647  1.00 24.85  ? 98  ILE A CG2 1 
ATOM   700  C CD1 . ILE A 1 98  ? 4.395   -7.142  -2.073  1.00 31.75  ? 98  ILE A CD1 1 
ATOM   701  N N   . ALA A 1 99  ? 9.258   -9.056  -4.249  1.00 34.42  ? 99  ALA A N   1 
ATOM   702  C CA  . ALA A 1 99  ? 10.303  -9.013  -5.269  1.00 36.39  ? 99  ALA A CA  1 
ATOM   703  C C   . ALA A 1 99  ? 10.854  -10.402 -5.577  1.00 31.85  ? 99  ALA A C   1 
ATOM   704  O O   . ALA A 1 99  ? 11.302  -10.658 -6.690  1.00 31.53  ? 99  ALA A O   1 
ATOM   705  C CB  . ALA A 1 99  ? 11.442  -8.099  -4.819  1.00 32.49  ? 99  ALA A CB  1 
ATOM   706  N N   . ASN A 1 100 ? 10.834  -11.286 -4.586  1.00 28.27  ? 100 ASN A N   1 
ATOM   707  C CA  . ASN A 1 100 ? 11.342  -12.643 -4.757  1.00 29.03  ? 100 ASN A CA  1 
ATOM   708  C C   . ASN A 1 100 ? 10.245  -13.682 -4.969  1.00 28.31  ? 100 ASN A C   1 
ATOM   709  O O   . ASN A 1 100 ? 10.530  -14.843 -5.255  1.00 33.31  ? 100 ASN A O   1 
ATOM   710  C CB  . ASN A 1 100 ? 12.212  -13.031 -3.554  1.00 33.55  ? 100 ASN A CB  1 
ATOM   711  C CG  . ASN A 1 100 ? 13.565  -12.341 -3.573  1.00 36.01  ? 100 ASN A CG  1 
ATOM   712  O OD1 . ASN A 1 100 ? 14.360  -12.559 -4.486  1.00 44.56  ? 100 ASN A OD1 1 
ATOM   713  N ND2 . ASN A 1 100 ? 13.829  -11.505 -2.574  1.00 39.14  ? 100 ASN A ND2 1 
ATOM   714  N N   . GLY A 1 101 ? 8.995   -13.267 -4.824  1.00 30.06  ? 101 GLY A N   1 
ATOM   715  C CA  . GLY A 1 101 ? 7.899   -14.192 -5.035  1.00 33.82  ? 101 GLY A CA  1 
ATOM   716  C C   . GLY A 1 101 ? 7.683   -15.158 -3.892  1.00 36.24  ? 101 GLY A C   1 
ATOM   717  O O   . GLY A 1 101 ? 7.054   -16.204 -4.068  1.00 36.49  ? 101 GLY A O   1 
ATOM   718  N N   . ILE A 1 102 ? 8.227   -14.820 -2.730  1.00 33.96  ? 102 ILE A N   1 
ATOM   719  C CA  . ILE A 1 102 ? 8.053   -15.638 -1.538  1.00 39.06  ? 102 ILE A CA  1 
ATOM   720  C C   . ILE A 1 102 ? 6.772   -15.124 -0.885  1.00 44.67  ? 102 ILE A C   1 
ATOM   721  O O   . ILE A 1 102 ? 6.630   -13.923 -0.658  1.00 45.58  ? 102 ILE A O   1 
ATOM   722  C CB  . ILE A 1 102 ? 9.241   -15.477 -0.565  1.00 41.57  ? 102 ILE A CB  1 
ATOM   723  C CG1 . ILE A 1 102 ? 10.507  -16.036 -1.215  1.00 33.36  ? 102 ILE A CG1 1 
ATOM   724  C CG2 . ILE A 1 102 ? 8.939   -16.194 0.747   1.00 38.92  ? 102 ILE A CG2 1 
ATOM   725  C CD1 . ILE A 1 102 ? 11.733  -15.969 -0.332  1.00 53.06  ? 102 ILE A CD1 1 
ATOM   726  N N   . ASN A 1 103 ? 5.840   -16.024 -0.590  1.00 43.07  ? 103 ASN A N   1 
ATOM   727  C CA  . ASN A 1 103 ? 4.577   -15.615 0.008   1.00 50.75  ? 103 ASN A CA  1 
ATOM   728  C C   . ASN A 1 103 ? 4.322   -16.187 1.396   1.00 53.02  ? 103 ASN A C   1 
ATOM   729  O O   . ASN A 1 103 ? 3.961   -17.352 1.541   1.00 54.38  ? 103 ASN A O   1 
ATOM   730  C CB  . ASN A 1 103 ? 3.431   -15.961 -0.950  1.00 52.46  ? 103 ASN A CB  1 
ATOM   731  C CG  . ASN A 1 103 ? 3.462   -15.120 -2.217  1.00 52.49  ? 103 ASN A CG  1 
ATOM   732  O OD1 . ASN A 1 103 ? 4.416   -14.383 -2.456  1.00 70.05  ? 103 ASN A OD1 1 
ATOM   733  N ND2 . ASN A 1 103 ? 2.418   -15.229 -3.035  1.00 62.52  ? 103 ASN A ND2 1 
ATOM   734  N N   . LYS A 1 104 ? 4.518   -15.346 2.409   1.00 53.87  ? 104 LYS A N   1 
ATOM   735  C CA  . LYS A 1 104 ? 4.318   -15.744 3.795   1.00 56.26  ? 104 LYS A CA  1 
ATOM   736  C C   . LYS A 1 104 ? 2.920   -15.383 4.285   1.00 52.29  ? 104 LYS A C   1 
ATOM   737  O O   . LYS A 1 104 ? 2.439   -15.949 5.263   1.00 46.16  ? 104 LYS A O   1 
ATOM   738  C CB  . LYS A 1 104 ? 5.356   -15.073 4.694   1.00 56.27  ? 104 LYS A CB  1 
ATOM   739  C CG  . LYS A 1 104 ? 5.209   -15.400 6.173   1.00 68.57  ? 104 LYS A CG  1 
ATOM   740  C CD  . LYS A 1 104 ? 6.435   -14.952 6.950   1.00 71.02  ? 104 LYS A CD  1 
ATOM   741  C CE  . LYS A 1 104 ? 6.293   -15.204 8.442   1.00 73.16  ? 104 LYS A CE  1 
ATOM   742  N NZ  . LYS A 1 104 ? 7.537   -14.807 9.158   1.00 75.68  ? 104 LYS A NZ  1 
ATOM   743  N N   . ASN A 1 105 ? 2.276   -14.436 3.610   1.00 49.88  ? 105 ASN A N   1 
ATOM   744  C CA  . ASN A 1 105 ? 0.930   -14.005 3.976   1.00 44.36  ? 105 ASN A CA  1 
ATOM   745  C C   . ASN A 1 105 ? 0.136   -13.612 2.735   1.00 43.84  ? 105 ASN A C   1 
ATOM   746  O O   . ASN A 1 105 ? 0.663   -13.594 1.619   1.00 41.01  ? 105 ASN A O   1 
ATOM   747  C CB  . ASN A 1 105 ? 0.980   -12.809 4.936   1.00 51.56  ? 105 ASN A CB  1 
ATOM   748  C CG  . ASN A 1 105 ? 1.591   -11.568 4.301   1.00 46.74  ? 105 ASN A CG  1 
ATOM   749  O OD1 . ASN A 1 105 ? 1.517   -11.381 3.091   1.00 51.84  ? 105 ASN A OD1 1 
ATOM   750  N ND2 . ASN A 1 105 ? 2.187   -10.705 5.124   1.00 58.15  ? 105 ASN A ND2 1 
ATOM   751  N N   . LEU A 1 106 ? -1.133  -13.278 2.944   1.00 36.90  ? 106 LEU A N   1 
ATOM   752  C CA  . LEU A 1 106 ? -2.018  -12.880 1.858   1.00 36.69  ? 106 LEU A CA  1 
ATOM   753  C C   . LEU A 1 106 ? -1.464  -11.685 1.092   1.00 34.97  ? 106 LEU A C   1 
ATOM   754  O O   . LEU A 1 106 ? -1.528  -11.641 -0.137  1.00 35.82  ? 106 LEU A O   1 
ATOM   755  C CB  . LEU A 1 106 ? -3.400  -12.530 2.408   1.00 33.99  ? 106 LEU A CB  1 
ATOM   756  C CG  . LEU A 1 106 ? -4.424  -12.003 1.394   1.00 39.81  ? 106 LEU A CG  1 
ATOM   757  C CD1 . LEU A 1 106 ? -4.652  -13.040 0.302   1.00 36.76  ? 106 LEU A CD1 1 
ATOM   758  C CD2 . LEU A 1 106 ? -5.728  -11.673 2.105   1.00 39.03  ? 106 LEU A CD2 1 
ATOM   759  N N   . ILE A 1 107 ? -0.926  -10.720 1.828   1.00 31.85  ? 107 ILE A N   1 
ATOM   760  C CA  . ILE A 1 107 ? -0.357  -9.513  1.233   1.00 35.55  ? 107 ILE A CA  1 
ATOM   761  C C   . ILE A 1 107 ? 0.687   -9.839  0.169   1.00 31.97  ? 107 ILE A C   1 
ATOM   762  O O   . ILE A 1 107 ? 0.704   -9.237  -0.908  1.00 30.27  ? 107 ILE A O   1 
ATOM   763  C CB  . ILE A 1 107 ? 0.286   -8.618  2.323   1.00 31.22  ? 107 ILE A CB  1 
ATOM   764  C CG1 . ILE A 1 107 ? -0.804  -8.106  3.272   1.00 32.66  ? 107 ILE A CG1 1 
ATOM   765  C CG2 . ILE A 1 107 ? 1.024   -7.438  1.685   1.00 27.46  ? 107 ILE A CG2 1 
ATOM   766  C CD1 . ILE A 1 107 ? -0.282  -7.165  4.347   1.00 35.24  ? 107 ILE A CD1 1 
ATOM   767  N N   . HIS A 1 108 ? 1.560   -10.791 0.471   1.00 34.01  ? 108 HIS A N   1 
ATOM   768  C CA  . HIS A 1 108 ? 2.594   -11.174 -0.479  1.00 35.52  ? 108 HIS A CA  1 
ATOM   769  C C   . HIS A 1 108 ? 1.922   -11.777 -1.700  1.00 34.63  ? 108 HIS A C   1 
ATOM   770  O O   . HIS A 1 108 ? 2.288   -11.474 -2.833  1.00 39.78  ? 108 HIS A O   1 
ATOM   771  C CB  . HIS A 1 108 ? 3.546   -12.178 0.171   1.00 31.27  ? 108 HIS A CB  1 
ATOM   772  C CG  . HIS A 1 108 ? 4.185   -11.669 1.425   1.00 32.53  ? 108 HIS A CG  1 
ATOM   773  N ND1 . HIS A 1 108 ? 4.775   -12.492 2.352   1.00 36.61  ? 108 HIS A ND1 1 
ATOM   774  C CD2 . HIS A 1 108 ? 4.325   -10.404 1.896   1.00 25.25  ? 108 HIS A CD2 1 
ATOM   775  C CE1 . HIS A 1 108 ? 5.254   -11.762 3.347   1.00 29.60  ? 108 HIS A CE1 1 
ATOM   776  N NE2 . HIS A 1 108 ? 4.994   -10.495 3.092   1.00 34.48  ? 108 HIS A NE2 1 
ATOM   777  N N   . ARG A 1 109 ? 0.917   -12.614 -1.458  1.00 37.52  ? 109 ARG A N   1 
ATOM   778  C CA  . ARG A 1 109 ? 0.181   -13.257 -2.540  1.00 37.18  ? 109 ARG A CA  1 
ATOM   779  C C   . ARG A 1 109 ? -0.454  -12.224 -3.466  1.00 34.56  ? 109 ARG A C   1 
ATOM   780  O O   . ARG A 1 109 ? -0.389  -12.352 -4.695  1.00 34.01  ? 109 ARG A O   1 
ATOM   781  C CB  . ARG A 1 109 ? -0.909  -14.167 -1.964  1.00 38.55  ? 109 ARG A CB  1 
ATOM   782  C CG  . ARG A 1 109 ? -1.844  -14.767 -3.006  1.00 41.40  ? 109 ARG A CG  1 
ATOM   783  C CD  . ARG A 1 109 ? -1.107  -15.685 -3.975  1.00 45.54  ? 109 ARG A CD  1 
ATOM   784  N NE  . ARG A 1 109 ? -1.992  -16.174 -5.031  1.00 49.97  ? 109 ARG A NE  1 
ATOM   785  C CZ  . ARG A 1 109 ? -1.595  -16.907 -6.067  1.00 50.83  ? 109 ARG A CZ  1 
ATOM   786  N NH1 . ARG A 1 109 ? -0.320  -17.248 -6.199  1.00 50.87  ? 109 ARG A NH1 1 
ATOM   787  N NH2 . ARG A 1 109 ? -2.476  -17.293 -6.978  1.00 47.93  ? 109 ARG A NH2 1 
ATOM   788  N N   . VAL A 1 110 ? -1.072  -11.203 -2.875  1.00 33.88  ? 110 VAL A N   1 
ATOM   789  C CA  . VAL A 1 110 ? -1.732  -10.160 -3.654  1.00 36.51  ? 110 VAL A CA  1 
ATOM   790  C C   . VAL A 1 110 ? -0.726  -9.421  -4.532  1.00 34.52  ? 110 VAL A C   1 
ATOM   791  O O   . VAL A 1 110 ? -1.051  -8.987  -5.637  1.00 33.15  ? 110 VAL A O   1 
ATOM   792  C CB  . VAL A 1 110 ? -2.454  -9.152  -2.733  1.00 42.65  ? 110 VAL A CB  1 
ATOM   793  C CG1 . VAL A 1 110 ? -3.096  -8.042  -3.565  1.00 39.25  ? 110 VAL A CG1 1 
ATOM   794  C CG2 . VAL A 1 110 ? -3.517  -9.880  -1.913  1.00 41.42  ? 110 VAL A CG2 1 
ATOM   795  N N   . GLY A 1 111 ? 0.496   -9.277  -4.034  1.00 35.03  ? 111 GLY A N   1 
ATOM   796  C CA  . GLY A 1 111 ? 1.522   -8.610  -4.813  1.00 30.99  ? 111 GLY A CA  1 
ATOM   797  C C   . GLY A 1 111 ? 1.891   -9.486  -5.997  1.00 26.67  ? 111 GLY A C   1 
ATOM   798  O O   . GLY A 1 111 ? 2.068   -9.002  -7.111  1.00 36.08  ? 111 GLY A O   1 
ATOM   799  N N   . GLU A 1 112 ? 2.002   -10.786 -5.754  1.00 28.33  ? 112 GLU A N   1 
ATOM   800  C CA  . GLU A 1 112 ? 2.346   -11.731 -6.811  1.00 32.54  ? 112 GLU A CA  1 
ATOM   801  C C   . GLU A 1 112 ? 1.242   -11.774 -7.867  1.00 32.43  ? 112 GLU A C   1 
ATOM   802  O O   . GLU A 1 112 ? 1.523   -11.851 -9.064  1.00 33.47  ? 112 GLU A O   1 
ATOM   803  C CB  . GLU A 1 112 ? 2.563   -13.125 -6.214  1.00 36.61  ? 112 GLU A CB  1 
ATOM   804  C CG  . GLU A 1 112 ? 2.490   -14.265 -7.220  1.00 34.56  ? 112 GLU A CG  1 
ATOM   805  C CD  . GLU A 1 112 ? 2.605   -15.621 -6.560  1.00 43.08  ? 112 GLU A CD  1 
ATOM   806  O OE1 . GLU A 1 112 ? 1.869   -15.869 -5.581  1.00 35.46  ? 112 GLU A OE1 1 
ATOM   807  O OE2 . GLU A 1 112 ? 3.424   -16.439 -7.026  1.00 37.18  ? 112 GLU A OE2 1 
ATOM   808  N N   . VAL A 1 113 ? -0.010  -11.723 -7.419  1.00 32.13  ? 113 VAL A N   1 
ATOM   809  C CA  . VAL A 1 113 ? -1.151  -11.753 -8.332  1.00 30.53  ? 113 VAL A CA  1 
ATOM   810  C C   . VAL A 1 113 ? -1.196  -10.486 -9.171  1.00 25.76  ? 113 VAL A C   1 
ATOM   811  O O   . VAL A 1 113 ? -1.416  -10.545 -10.380 1.00 31.72  ? 113 VAL A O   1 
ATOM   812  C CB  . VAL A 1 113 ? -2.493  -11.896 -7.571  1.00 32.47  ? 113 VAL A CB  1 
ATOM   813  C CG1 . VAL A 1 113 ? -3.656  -11.871 -8.558  1.00 36.13  ? 113 VAL A CG1 1 
ATOM   814  C CG2 . VAL A 1 113 ? -2.507  -13.203 -6.774  1.00 30.26  ? 113 VAL A CG2 1 
ATOM   815  N N   . ALA A 1 114 ? -0.986  -9.340  -8.528  1.00 26.08  ? 114 ALA A N   1 
ATOM   816  C CA  . ALA A 1 114 ? -0.988  -8.064  -9.238  1.00 27.86  ? 114 ALA A CA  1 
ATOM   817  C C   . ALA A 1 114 ? 0.074   -8.090  -10.333 1.00 28.12  ? 114 ALA A C   1 
ATOM   818  O O   . ALA A 1 114 ? -0.181  -7.677  -11.466 1.00 34.40  ? 114 ALA A O   1 
ATOM   819  C CB  . ALA A 1 114 ? -0.701  -6.910  -8.267  1.00 25.13  ? 114 ALA A CB  1 
ATOM   820  N N   . LEU A 1 115 ? 1.261   -8.584  -9.987  1.00 29.92  ? 115 LEU A N   1 
ATOM   821  C CA  . LEU A 1 115 ? 2.374   -8.660  -10.931 1.00 35.03  ? 115 LEU A CA  1 
ATOM   822  C C   . LEU A 1 115 ? 2.091   -9.575  -12.117 1.00 32.85  ? 115 LEU A C   1 
ATOM   823  O O   . LEU A 1 115 ? 2.318   -9.185  -13.262 1.00 39.73  ? 115 LEU A O   1 
ATOM   824  C CB  . LEU A 1 115 ? 3.652   -9.120  -10.216 1.00 27.50  ? 115 LEU A CB  1 
ATOM   825  C CG  . LEU A 1 115 ? 4.224   -8.115  -9.205  1.00 39.66  ? 115 LEU A CG  1 
ATOM   826  C CD1 . LEU A 1 115 ? 5.420   -8.715  -8.462  1.00 32.55  ? 115 LEU A CD1 1 
ATOM   827  C CD2 . LEU A 1 115 ? 4.629   -6.851  -9.937  1.00 35.82  ? 115 LEU A CD2 1 
ATOM   828  N N   . LYS A 1 116 ? 1.588   -10.781 -11.856 1.00 33.72  ? 116 LYS A N   1 
ATOM   829  C CA  . LYS A 1 116 ? 1.294   -11.713 -12.948 1.00 35.31  ? 116 LYS A CA  1 
ATOM   830  C C   . LYS A 1 116 ? 0.062   -11.316 -13.761 1.00 37.08  ? 116 LYS A C   1 
ATOM   831  O O   . LYS A 1 116 ? -0.057  -11.681 -14.929 1.00 40.14  ? 116 LYS A O   1 
ATOM   832  C CB  . LYS A 1 116 ? 1.122   -13.146 -12.419 1.00 26.78  ? 116 LYS A CB  1 
ATOM   833  C CG  . LYS A 1 116 ? -0.191  -13.443 -11.694 1.00 33.38  ? 116 LYS A CG  1 
ATOM   834  C CD  . LYS A 1 116 ? -0.141  -14.835 -11.068 1.00 29.26  ? 116 LYS A CD  1 
ATOM   835  C CE  . LYS A 1 116 ? -1.435  -15.216 -10.348 1.00 35.73  ? 116 LYS A CE  1 
ATOM   836  N NZ  . LYS A 1 116 ? -2.512  -15.640 -11.275 1.00 37.29  ? 116 LYS A NZ  1 
ATOM   837  N N   . GLU A 1 117 ? -0.853  -10.566 -13.152 1.00 33.59  ? 117 GLU A N   1 
ATOM   838  C CA  . GLU A 1 117 ? -2.062  -10.142 -13.859 1.00 36.31  ? 117 GLU A CA  1 
ATOM   839  C C   . GLU A 1 117 ? -1.890  -8.723  -14.387 1.00 36.68  ? 117 GLU A C   1 
ATOM   840  O O   . GLU A 1 117 ? -2.800  -8.158  -15.007 1.00 33.58  ? 117 GLU A O   1 
ATOM   841  C CB  . GLU A 1 117 ? -3.269  -10.182 -12.920 1.00 34.38  ? 117 GLU A CB  1 
ATOM   842  C CG  . GLU A 1 117 ? -3.567  -11.538 -12.297 1.00 34.86  ? 117 GLU A CG  1 
ATOM   843  C CD  . GLU A 1 117 ? -4.031  -12.584 -13.300 1.00 39.46  ? 117 GLU A CD  1 
ATOM   844  O OE1 . GLU A 1 117 ? -4.525  -12.213 -14.386 1.00 41.65  ? 117 GLU A OE1 1 
ATOM   845  O OE2 . GLU A 1 117 ? -3.915  -13.788 -12.991 1.00 36.28  ? 117 GLU A OE2 1 
ATOM   846  N N   . ARG A 1 118 ? -0.713  -8.153  -14.134 1.00 33.37  ? 118 ARG A N   1 
ATOM   847  C CA  . ARG A 1 118 ? -0.387  -6.795  -14.551 1.00 35.00  ? 118 ARG A CA  1 
ATOM   848  C C   . ARG A 1 118 ? -1.352  -5.768  -13.973 1.00 35.31  ? 118 ARG A C   1 
ATOM   849  O O   . ARG A 1 118 ? -1.744  -4.821  -14.650 1.00 41.18  ? 118 ARG A O   1 
ATOM   850  C CB  . ARG A 1 118 ? -0.367  -6.670  -16.080 1.00 33.78  ? 118 ARG A CB  1 
ATOM   851  C CG  . ARG A 1 118 ? 0.541   -7.671  -16.781 1.00 35.63  ? 118 ARG A CG  1 
ATOM   852  C CD  . ARG A 1 118 ? 1.971   -7.618  -16.284 1.00 41.64  ? 118 ARG A CD  1 
ATOM   853  N NE  . ARG A 1 118 ? 2.759   -8.712  -16.847 1.00 53.06  ? 118 ARG A NE  1 
ATOM   854  C CZ  . ARG A 1 118 ? 3.076   -8.821  -18.134 1.00 54.10  ? 118 ARG A CZ  1 
ATOM   855  N NH1 . ARG A 1 118 ? 2.681   -7.894  -18.998 1.00 56.08  ? 118 ARG A NH1 1 
ATOM   856  N NH2 . ARG A 1 118 ? 3.772   -9.865  -18.561 1.00 54.57  ? 118 ARG A NH2 1 
ATOM   857  N N   . VAL A 1 119 ? -1.751  -5.971  -12.722 1.00 35.38  ? 119 VAL A N   1 
ATOM   858  C CA  . VAL A 1 119 ? -2.622  -5.019  -12.041 1.00 28.89  ? 119 VAL A CA  1 
ATOM   859  C C   . VAL A 1 119 ? -1.680  -4.010  -11.383 1.00 33.68  ? 119 VAL A C   1 
ATOM   860  O O   . VAL A 1 119 ? -0.702  -4.397  -10.730 1.00 28.84  ? 119 VAL A O   1 
ATOM   861  C CB  . VAL A 1 119 ? -3.466  -5.709  -10.945 1.00 37.51  ? 119 VAL A CB  1 
ATOM   862  C CG1 . VAL A 1 119 ? -4.136  -4.659  -10.061 1.00 33.85  ? 119 VAL A CG1 1 
ATOM   863  C CG2 . VAL A 1 119 ? -4.517  -6.613  -11.588 1.00 31.76  ? 119 VAL A CG2 1 
ATOM   864  N N   . PRO A 1 120 ? -1.950  -2.707  -11.550 1.00 33.31  ? 120 PRO A N   1 
ATOM   865  C CA  . PRO A 1 120 ? -1.077  -1.701  -10.941 1.00 33.48  ? 120 PRO A CA  1 
ATOM   866  C C   . PRO A 1 120 ? -0.739  -2.032  -9.486  1.00 39.04  ? 120 PRO A C   1 
ATOM   867  O O   . PRO A 1 120 ? -1.627  -2.324  -8.680  1.00 35.73  ? 120 PRO A O   1 
ATOM   868  C CB  . PRO A 1 120 ? -1.888  -0.417  -11.084 1.00 39.61  ? 120 PRO A CB  1 
ATOM   869  C CG  . PRO A 1 120 ? -2.613  -0.637  -12.402 1.00 37.93  ? 120 PRO A CG  1 
ATOM   870  C CD  . PRO A 1 120 ? -3.074  -2.074  -12.267 1.00 34.98  ? 120 PRO A CD  1 
ATOM   871  N N   . LEU A 1 121 ? 0.551   -1.998  -9.169  1.00 33.65  ? 121 LEU A N   1 
ATOM   872  C CA  . LEU A 1 121 ? 1.037   -2.286  -7.819  1.00 36.42  ? 121 LEU A CA  1 
ATOM   873  C C   . LEU A 1 121 ? 1.863   -1.094  -7.337  1.00 31.87  ? 121 LEU A C   1 
ATOM   874  O O   . LEU A 1 121 ? 2.852   -0.715  -7.972  1.00 30.97  ? 121 LEU A O   1 
ATOM   875  C CB  . LEU A 1 121 ? 1.904   -3.548  -7.824  1.00 29.24  ? 121 LEU A CB  1 
ATOM   876  C CG  . LEU A 1 121 ? 2.549   -3.913  -6.479  1.00 31.48  ? 121 LEU A CG  1 
ATOM   877  C CD1 . LEU A 1 121 ? 1.468   -4.261  -5.445  1.00 26.53  ? 121 LEU A CD1 1 
ATOM   878  C CD2 . LEU A 1 121 ? 3.495   -5.080  -6.672  1.00 27.33  ? 121 LEU A CD2 1 
ATOM   879  N N   . VAL A 1 122 ? 1.460   -0.508  -6.213  1.00 36.81  ? 122 VAL A N   1 
ATOM   880  C CA  . VAL A 1 122 ? 2.161   0.656   -5.674  1.00 33.74  ? 122 VAL A CA  1 
ATOM   881  C C   . VAL A 1 122 ? 2.650   0.418   -4.244  1.00 34.09  ? 122 VAL A C   1 
ATOM   882  O O   . VAL A 1 122 ? 1.870   0.066   -3.360  1.00 35.20  ? 122 VAL A O   1 
ATOM   883  C CB  . VAL A 1 122 ? 1.242   1.896   -5.701  1.00 34.03  ? 122 VAL A CB  1 
ATOM   884  C CG1 . VAL A 1 122 ? 2.040   3.148   -5.392  1.00 29.09  ? 122 VAL A CG1 1 
ATOM   885  C CG2 . VAL A 1 122 ? 0.570   2.014   -7.067  1.00 36.61  ? 122 VAL A CG2 1 
ATOM   886  N N   . LEU A 1 123 ? 3.943   0.626   -4.023  1.00 28.99  ? 123 LEU A N   1 
ATOM   887  C CA  . LEU A 1 123 ? 4.549   0.422   -2.705  1.00 27.26  ? 123 LEU A CA  1 
ATOM   888  C C   . LEU A 1 123 ? 5.124   1.711   -2.120  1.00 31.75  ? 123 LEU A C   1 
ATOM   889  O O   . LEU A 1 123 ? 5.728   2.517   -2.836  1.00 32.41  ? 123 LEU A O   1 
ATOM   890  C CB  . LEU A 1 123 ? 5.668   -0.624  -2.806  1.00 28.71  ? 123 LEU A CB  1 
ATOM   891  C CG  . LEU A 1 123 ? 5.389   -2.134  -2.876  1.00 41.98  ? 123 LEU A CG  1 
ATOM   892  C CD1 . LEU A 1 123 ? 4.051   -2.435  -3.512  1.00 38.03  ? 123 LEU A CD1 1 
ATOM   893  C CD2 . LEU A 1 123 ? 6.538   -2.815  -3.630  1.00 37.43  ? 123 LEU A CD2 1 
ATOM   894  N N   . LEU A 1 124 ? 4.917   1.913   -0.820  1.00 31.73  ? 124 LEU A N   1 
ATOM   895  C CA  . LEU A 1 124 ? 5.461   3.087   -0.148  1.00 30.25  ? 124 LEU A CA  1 
ATOM   896  C C   . LEU A 1 124 ? 6.533   2.549   0.774   1.00 33.63  ? 124 LEU A C   1 
ATOM   897  O O   . LEU A 1 124 ? 6.227   1.907   1.777   1.00 33.78  ? 124 LEU A O   1 
ATOM   898  C CB  . LEU A 1 124 ? 4.402   3.839   0.677   1.00 32.40  ? 124 LEU A CB  1 
ATOM   899  C CG  . LEU A 1 124 ? 4.972   5.144   1.266   1.00 36.99  ? 124 LEU A CG  1 
ATOM   900  C CD1 . LEU A 1 124 ? 5.098   6.166   0.148   1.00 38.77  ? 124 LEU A CD1 1 
ATOM   901  C CD2 . LEU A 1 124 ? 4.070   5.685   2.372   1.00 40.20  ? 124 LEU A CD2 1 
ATOM   902  N N   . VAL A 1 125 ? 7.791   2.788   0.425   1.00 33.96  ? 125 VAL A N   1 
ATOM   903  C CA  . VAL A 1 125 ? 8.902   2.299   1.228   1.00 32.13  ? 125 VAL A CA  1 
ATOM   904  C C   . VAL A 1 125 ? 9.429   3.375   2.165   1.00 38.24  ? 125 VAL A C   1 
ATOM   905  O O   . VAL A 1 125 ? 9.588   4.534   1.786   1.00 36.32  ? 125 VAL A O   1 
ATOM   906  C CB  . VAL A 1 125 ? 10.050  1.788   0.332   1.00 30.27  ? 125 VAL A CB  1 
ATOM   907  C CG1 . VAL A 1 125 ? 11.205  1.318   1.199   1.00 29.79  ? 125 VAL A CG1 1 
ATOM   908  C CG2 . VAL A 1 125 ? 9.546   0.639   -0.551  1.00 29.05  ? 125 VAL A CG2 1 
ATOM   909  N N   . ARG A 1 126 ? 9.693   2.968   3.399   1.00 36.80  ? 126 ARG A N   1 
ATOM   910  C CA  . ARG A 1 126 ? 10.181  3.866   4.428   1.00 37.70  ? 126 ARG A CA  1 
ATOM   911  C C   . ARG A 1 126 ? 11.326  3.164   5.151   1.00 40.56  ? 126 ARG A C   1 
ATOM   912  O O   . ARG A 1 126 ? 11.104  2.354   6.049   1.00 36.22  ? 126 ARG A O   1 
ATOM   913  C CB  . ARG A 1 126 ? 9.031   4.191   5.388   1.00 44.21  ? 126 ARG A CB  1 
ATOM   914  C CG  . ARG A 1 126 ? 9.286   5.292   6.407   1.00 47.61  ? 126 ARG A CG  1 
ATOM   915  C CD  . ARG A 1 126 ? 10.139  4.797   7.552   1.00 46.46  ? 126 ARG A CD  1 
ATOM   916  N NE  . ARG A 1 126 ? 11.428  5.465   7.573   1.00 52.10  ? 126 ARG A NE  1 
ATOM   917  C CZ  . ARG A 1 126 ? 12.476  5.040   8.264   1.00 51.06  ? 126 ARG A CZ  1 
ATOM   918  N NH1 . ARG A 1 126 ? 12.390  3.935   8.995   1.00 50.81  ? 126 ARG A NH1 1 
ATOM   919  N NH2 . ARG A 1 126 ? 13.611  5.721   8.218   1.00 44.36  ? 126 ARG A NH2 1 
ATOM   920  N N   . GLU A 1 127 ? 12.550  3.463   4.729   1.00 39.43  ? 127 GLU A N   1 
ATOM   921  C CA  . GLU A 1 127 ? 13.742  2.878   5.328   1.00 35.32  ? 127 GLU A CA  1 
ATOM   922  C C   . GLU A 1 127 ? 14.928  3.822   5.123   1.00 37.82  ? 127 GLU A C   1 
ATOM   923  O O   . GLU A 1 127 ? 14.932  4.624   4.193   1.00 37.95  ? 127 GLU A O   1 
ATOM   924  C CB  . GLU A 1 127 ? 14.034  1.510   4.697   1.00 40.98  ? 127 GLU A CB  1 
ATOM   925  C CG  . GLU A 1 127 ? 15.305  0.849   5.210   1.00 41.06  ? 127 GLU A CG  1 
ATOM   926  C CD  . GLU A 1 127 ? 15.277  0.614   6.707   1.00 48.24  ? 127 GLU A CD  1 
ATOM   927  O OE1 . GLU A 1 127 ? 14.729  -0.425  7.138   1.00 44.15  ? 127 GLU A OE1 1 
ATOM   928  O OE2 . GLU A 1 127 ? 15.794  1.480   7.451   1.00 44.61  ? 127 GLU A OE2 1 
ATOM   929  N N   . ALA A 1 128 ? 15.927  3.729   5.996   1.00 34.47  ? 128 ALA A N   1 
ATOM   930  C CA  . ALA A 1 128 ? 17.106  4.579   5.904   1.00 38.71  ? 128 ALA A CA  1 
ATOM   931  C C   . ALA A 1 128 ? 18.205  4.113   6.856   1.00 37.12  ? 128 ALA A C   1 
ATOM   932  O O   . ALA A 1 128 ? 17.951  3.864   8.031   1.00 34.96  ? 128 ALA A O   1 
ATOM   933  C CB  . ALA A 1 128 ? 16.729  6.034   6.222   1.00 34.85  ? 128 ALA A CB  1 
ATOM   934  N N   . PRO A 1 129 ? 19.433  3.933   6.344   1.00 37.73  ? 129 PRO A N   1 
ATOM   935  C CA  . PRO A 1 129 ? 19.835  4.152   4.947   1.00 36.01  ? 129 PRO A CA  1 
ATOM   936  C C   . PRO A 1 129 ? 19.420  2.927   4.136   1.00 34.17  ? 129 PRO A C   1 
ATOM   937  O O   . PRO A 1 129 ? 18.924  1.952   4.699   1.00 35.68  ? 129 PRO A O   1 
ATOM   938  C CB  . PRO A 1 129 ? 21.363  4.250   5.024   1.00 34.14  ? 129 PRO A CB  1 
ATOM   939  C CG  . PRO A 1 129 ? 21.655  4.495   6.498   1.00 37.05  ? 129 PRO A CG  1 
ATOM   940  C CD  . PRO A 1 129 ? 20.615  3.674   7.182   1.00 37.48  ? 129 PRO A CD  1 
ATOM   941  N N   . TYR A 1 130 ? 19.619  2.979   2.822   1.00 34.95  ? 130 TYR A N   1 
ATOM   942  C CA  . TYR A 1 130 ? 19.302  1.835   1.977   1.00 31.60  ? 130 TYR A CA  1 
ATOM   943  C C   . TYR A 1 130 ? 20.559  0.979   1.835   1.00 34.82  ? 130 TYR A C   1 
ATOM   944  O O   . TYR A 1 130 ? 21.672  1.509   1.751   1.00 29.18  ? 130 TYR A O   1 
ATOM   945  C CB  . TYR A 1 130 ? 18.907  2.259   0.552   1.00 34.01  ? 130 TYR A CB  1 
ATOM   946  C CG  . TYR A 1 130 ? 17.613  3.024   0.375   1.00 29.75  ? 130 TYR A CG  1 
ATOM   947  C CD1 . TYR A 1 130 ? 16.451  2.646   1.043   1.00 28.10  ? 130 TYR A CD1 1 
ATOM   948  C CD2 . TYR A 1 130 ? 17.538  4.089   -0.523  1.00 29.91  ? 130 TYR A CD2 1 
ATOM   949  C CE1 . TYR A 1 130 ? 15.248  3.311   0.823   1.00 31.83  ? 130 TYR A CE1 1 
ATOM   950  C CE2 . TYR A 1 130 ? 16.339  4.760   -0.755  1.00 22.47  ? 130 TYR A CE2 1 
ATOM   951  C CZ  . TYR A 1 130 ? 15.199  4.363   -0.077  1.00 28.02  ? 130 TYR A CZ  1 
ATOM   952  O OH  . TYR A 1 130 ? 14.010  5.017   -0.295  1.00 29.55  ? 130 TYR A OH  1 
ATOM   953  N N   . ASN A 1 131 ? 20.397  -0.339  1.810   1.00 36.16  ? 131 ASN A N   1 
ATOM   954  C CA  . ASN A 1 131 ? 21.548  -1.198  1.572   1.00 33.29  ? 131 ASN A CA  1 
ATOM   955  C C   . ASN A 1 131 ? 21.311  -1.667  0.141   1.00 32.54  ? 131 ASN A C   1 
ATOM   956  O O   . ASN A 1 131 ? 20.282  -1.317  -0.451  1.00 35.03  ? 131 ASN A O   1 
ATOM   957  C CB  . ASN A 1 131 ? 21.630  -2.380  2.563   1.00 36.58  ? 131 ASN A CB  1 
ATOM   958  C CG  . ASN A 1 131 ? 20.448  -3.343  2.470   1.00 35.75  ? 131 ASN A CG  1 
ATOM   959  O OD1 . ASN A 1 131 ? 19.901  -3.584  1.395   1.00 34.03  ? 131 ASN A OD1 1 
ATOM   960  N ND2 . ASN A 1 131 ? 20.073  -3.923  3.607   1.00 27.20  ? 131 ASN A ND2 1 
ATOM   961  N N   . GLU A 1 132 ? 22.243  -2.423  -0.428  1.00 31.45  ? 132 GLU A N   1 
ATOM   962  C CA  . GLU A 1 132 ? 22.093  -2.904  -1.801  1.00 30.82  ? 132 GLU A CA  1 
ATOM   963  C C   . GLU A 1 132 ? 20.835  -3.733  -2.021  1.00 28.55  ? 132 GLU A C   1 
ATOM   964  O O   . GLU A 1 132 ? 20.208  -3.631  -3.065  1.00 24.00  ? 132 GLU A O   1 
ATOM   965  C CB  . GLU A 1 132 ? 23.309  -3.738  -2.219  1.00 26.44  ? 132 GLU A CB  1 
ATOM   966  C CG  . GLU A 1 132 ? 24.586  -2.948  -2.408  1.00 46.96  ? 132 GLU A CG  1 
ATOM   967  C CD  . GLU A 1 132 ? 25.785  -3.844  -2.622  1.00 52.69  ? 132 GLU A CD  1 
ATOM   968  O OE1 . GLU A 1 132 ? 25.703  -4.751  -3.479  1.00 45.98  ? 132 GLU A OE1 1 
ATOM   969  O OE2 . GLU A 1 132 ? 26.800  -3.639  -1.927  1.00 49.91  ? 132 GLU A OE2 1 
ATOM   970  N N   . ILE A 1 133 ? 20.474  -4.559  -1.046  1.00 28.07  ? 133 ILE A N   1 
ATOM   971  C CA  . ILE A 1 133 ? 19.284  -5.397  -1.186  1.00 31.67  ? 133 ILE A CA  1 
ATOM   972  C C   . ILE A 1 133 ? 18.026  -4.553  -1.362  1.00 30.52  ? 133 ILE A C   1 
ATOM   973  O O   . ILE A 1 133 ? 17.191  -4.840  -2.227  1.00 31.59  ? 133 ILE A O   1 
ATOM   974  C CB  . ILE A 1 133 ? 19.099  -6.323  0.033   1.00 35.41  ? 133 ILE A CB  1 
ATOM   975  C CG1 . ILE A 1 133 ? 20.325  -7.229  0.187   1.00 36.69  ? 133 ILE A CG1 1 
ATOM   976  C CG2 . ILE A 1 133 ? 17.840  -7.178  -0.146  1.00 31.37  ? 133 ILE A CG2 1 
ATOM   977  C CD1 . ILE A 1 133 ? 20.306  -8.069  1.456   1.00 36.15  ? 133 ILE A CD1 1 
ATOM   978  N N   . HIS A 1 134 ? 17.897  -3.512  -0.544  1.00 30.79  ? 134 HIS A N   1 
ATOM   979  C CA  . HIS A 1 134 ? 16.741  -2.621  -0.619  1.00 33.73  ? 134 HIS A CA  1 
ATOM   980  C C   . HIS A 1 134 ? 16.636  -2.041  -2.025  1.00 31.42  ? 134 HIS A C   1 
ATOM   981  O O   . HIS A 1 134 ? 15.556  -2.023  -2.624  1.00 30.00  ? 134 HIS A O   1 
ATOM   982  C CB  . HIS A 1 134 ? 16.888  -1.476  0.393   1.00 31.98  ? 134 HIS A CB  1 
ATOM   983  C CG  . HIS A 1 134 ? 16.907  -1.925  1.824   1.00 33.61  ? 134 HIS A CG  1 
ATOM   984  N ND1 . HIS A 1 134 ? 17.618  -1.266  2.800   1.00 33.91  ? 134 HIS A ND1 1 
ATOM   985  C CD2 . HIS A 1 134 ? 16.307  -2.975  2.433   1.00 28.41  ? 134 HIS A CD2 1 
ATOM   986  C CE1 . HIS A 1 134 ? 17.463  -1.894  3.955   1.00 26.49  ? 134 HIS A CE1 1 
ATOM   987  N NE2 . HIS A 1 134 ? 16.672  -2.932  3.758   1.00 29.53  ? 134 HIS A NE2 1 
ATOM   988  N N   . LEU A 1 135 ? 17.769  -1.571  -2.544  1.00 33.76  ? 135 LEU A N   1 
ATOM   989  C CA  . LEU A 1 135 ? 17.824  -0.971  -3.873  1.00 31.93  ? 135 LEU A CA  1 
ATOM   990  C C   . LEU A 1 135 ? 17.469  -1.943  -4.983  1.00 28.09  ? 135 LEU A C   1 
ATOM   991  O O   . LEU A 1 135 ? 16.712  -1.614  -5.897  1.00 28.70  ? 135 LEU A O   1 
ATOM   992  C CB  . LEU A 1 135 ? 19.220  -0.391  -4.163  1.00 35.91  ? 135 LEU A CB  1 
ATOM   993  C CG  . LEU A 1 135 ? 19.633  1.006   -3.671  1.00 45.45  ? 135 LEU A CG  1 
ATOM   994  C CD1 . LEU A 1 135 ? 18.402  1.863   -3.402  1.00 47.26  ? 135 LEU A CD1 1 
ATOM   995  C CD2 . LEU A 1 135 ? 20.496  0.893   -2.442  1.00 46.25  ? 135 LEU A CD2 1 
ATOM   996  N N   . GLU A 1 136 ? 18.023  -3.143  -4.920  1.00 27.10  ? 136 GLU A N   1 
ATOM   997  C CA  . GLU A 1 136 ? 17.749  -4.114  -5.960  1.00 29.78  ? 136 GLU A CA  1 
ATOM   998  C C   . GLU A 1 136 ? 16.313  -4.613  -5.925  1.00 30.38  ? 136 GLU A C   1 
ATOM   999  O O   . GLU A 1 136 ? 15.730  -4.890  -6.970  1.00 30.99  ? 136 GLU A O   1 
ATOM   1000 C CB  . GLU A 1 136 ? 18.747  -5.273  -5.875  1.00 36.59  ? 136 GLU A CB  1 
ATOM   1001 C CG  . GLU A 1 136 ? 20.138  -4.866  -6.358  1.00 50.78  ? 136 GLU A CG  1 
ATOM   1002 C CD  . GLU A 1 136 ? 21.145  -5.992  -6.292  1.00 60.84  ? 136 GLU A CD  1 
ATOM   1003 O OE1 . GLU A 1 136 ? 21.511  -6.399  -5.168  1.00 53.29  ? 136 GLU A OE1 1 
ATOM   1004 O OE2 . GLU A 1 136 ? 21.560  -6.472  -7.370  1.00 68.32  ? 136 GLU A OE2 1 
ATOM   1005 N N   . ASN A 1 137 ? 15.736  -4.725  -4.734  1.00 25.93  ? 137 ASN A N   1 
ATOM   1006 C CA  . ASN A 1 137 ? 14.358  -5.186  -4.640  1.00 27.77  ? 137 ASN A CA  1 
ATOM   1007 C C   . ASN A 1 137 ? 13.442  -4.148  -5.260  1.00 26.76  ? 137 ASN A C   1 
ATOM   1008 O O   . ASN A 1 137 ? 12.502  -4.488  -5.975  1.00 31.68  ? 137 ASN A O   1 
ATOM   1009 C CB  . ASN A 1 137 ? 13.965  -5.424  -3.182  1.00 25.21  ? 137 ASN A CB  1 
ATOM   1010 C CG  . ASN A 1 137 ? 14.541  -6.714  -2.629  1.00 30.69  ? 137 ASN A CG  1 
ATOM   1011 O OD1 . ASN A 1 137 ? 14.601  -6.912  -1.418  1.00 41.49  ? 137 ASN A OD1 1 
ATOM   1012 N ND2 . ASN A 1 137 ? 14.960  -7.599  -3.515  1.00 26.92  ? 137 ASN A ND2 1 
ATOM   1013 N N   . MET A 1 138 ? 13.718  -2.878  -4.982  1.00 28.32  ? 138 MET A N   1 
ATOM   1014 C CA  . MET A 1 138 ? 12.905  -1.804  -5.532  1.00 32.38  ? 138 MET A CA  1 
ATOM   1015 C C   . MET A 1 138 ? 13.072  -1.745  -7.042  1.00 29.08  ? 138 MET A C   1 
ATOM   1016 O O   . MET A 1 138 ? 12.123  -1.460  -7.761  1.00 28.04  ? 138 MET A O   1 
ATOM   1017 C CB  . MET A 1 138 ? 13.284  -0.457  -4.903  1.00 23.03  ? 138 MET A CB  1 
ATOM   1018 C CG  . MET A 1 138 ? 12.872  -0.327  -3.436  1.00 28.94  ? 138 MET A CG  1 
ATOM   1019 S SD  . MET A 1 138 ? 13.133  1.327   -2.736  1.00 33.84  ? 138 MET A SD  1 
ATOM   1020 C CE  . MET A 1 138 ? 14.855  1.248   -2.353  1.00 30.31  ? 138 MET A CE  1 
ATOM   1021 N N   . LEU A 1 139 ? 14.282  -2.031  -7.514  1.00 33.12  ? 139 LEU A N   1 
ATOM   1022 C CA  . LEU A 1 139 ? 14.576  -2.008  -8.943  1.00 32.70  ? 139 LEU A CA  1 
ATOM   1023 C C   . LEU A 1 139 ? 13.819  -3.120  -9.649  1.00 32.90  ? 139 LEU A C   1 
ATOM   1024 O O   . LEU A 1 139 ? 13.283  -2.927  -10.742 1.00 29.00  ? 139 LEU A O   1 
ATOM   1025 C CB  . LEU A 1 139 ? 16.073  -2.202  -9.183  1.00 37.33  ? 139 LEU A CB  1 
ATOM   1026 C CG  . LEU A 1 139 ? 16.826  -1.130  -9.966  1.00 42.38  ? 139 LEU A CG  1 
ATOM   1027 C CD1 . LEU A 1 139 ? 18.216  -1.657  -10.281 1.00 42.77  ? 139 LEU A CD1 1 
ATOM   1028 C CD2 . LEU A 1 139 ? 16.090  -0.775  -11.251 1.00 39.75  ? 139 LEU A CD2 1 
ATOM   1029 N N   . LYS A 1 140 ? 13.796  -4.297  -9.031  1.00 36.09  ? 140 LYS A N   1 
ATOM   1030 C CA  . LYS A 1 140 ? 13.088  -5.423  -9.617  1.00 36.04  ? 140 LYS A CA  1 
ATOM   1031 C C   . LYS A 1 140 ? 11.594  -5.107  -9.691  1.00 32.20  ? 140 LYS A C   1 
ATOM   1032 O O   . LYS A 1 140 ? 10.964  -5.349  -10.718 1.00 34.68  ? 140 LYS A O   1 
ATOM   1033 C CB  . LYS A 1 140 ? 13.326  -6.702  -8.808  1.00 40.09  ? 140 LYS A CB  1 
ATOM   1034 C CG  . LYS A 1 140 ? 12.560  -7.896  -9.352  1.00 45.84  ? 140 LYS A CG  1 
ATOM   1035 C CD  . LYS A 1 140 ? 13.418  -9.136  -9.520  1.00 53.99  ? 140 LYS A CD  1 
ATOM   1036 C CE  . LYS A 1 140 ? 12.669  -10.207 -10.323 1.00 60.71  ? 140 LYS A CE  1 
ATOM   1037 N NZ  . LYS A 1 140 ? 13.387  -11.517 -10.366 1.00 63.69  ? 140 LYS A NZ  1 
ATOM   1038 N N   . ILE A 1 141 ? 11.029  -4.567  -8.609  1.00 30.11  ? 141 ILE A N   1 
ATOM   1039 C CA  . ILE A 1 141 ? 9.603   -4.217  -8.606  1.00 30.31  ? 141 ILE A CA  1 
ATOM   1040 C C   . ILE A 1 141 ? 9.341   -3.249  -9.760  1.00 30.86  ? 141 ILE A C   1 
ATOM   1041 O O   . ILE A 1 141 ? 8.436   -3.453  -10.571 1.00 31.51  ? 141 ILE A O   1 
ATOM   1042 C CB  . ILE A 1 141 ? 9.173   -3.500  -7.294  1.00 33.80  ? 141 ILE A CB  1 
ATOM   1043 C CG1 . ILE A 1 141 ? 9.254   -4.456  -6.100  1.00 25.37  ? 141 ILE A CG1 1 
ATOM   1044 C CG2 . ILE A 1 141 ? 7.761   -2.931  -7.449  1.00 32.64  ? 141 ILE A CG2 1 
ATOM   1045 C CD1 . ILE A 1 141 ? 8.425   -5.706  -6.247  1.00 26.33  ? 141 ILE A CD1 1 
ATOM   1046 N N   . THR A 1 142 ? 10.161  -2.203  -9.825  1.00 32.81  ? 142 THR A N   1 
ATOM   1047 C CA  . THR A 1 142 ? 10.046  -1.171  -10.846 1.00 33.43  ? 142 THR A CA  1 
ATOM   1048 C C   . THR A 1 142 ? 10.104  -1.727  -12.267 1.00 36.97  ? 142 THR A C   1 
ATOM   1049 O O   . THR A 1 142 ? 9.225   -1.454  -13.081 1.00 34.05  ? 142 THR A O   1 
ATOM   1050 C CB  . THR A 1 142 ? 11.154  -0.125  -10.665 1.00 34.37  ? 142 THR A CB  1 
ATOM   1051 O OG1 . THR A 1 142 ? 11.034  0.462   -9.364  1.00 32.73  ? 142 THR A OG1 1 
ATOM   1052 C CG2 . THR A 1 142 ? 11.047  0.970   -11.726 1.00 38.62  ? 142 THR A CG2 1 
ATOM   1053 N N   . ARG A 1 143 ? 11.140  -2.507  -12.560 1.00 37.42  ? 143 ARG A N   1 
ATOM   1054 C CA  . ARG A 1 143 ? 11.285  -3.093  -13.885 1.00 40.87  ? 143 ARG A CA  1 
ATOM   1055 C C   . ARG A 1 143 ? 10.094  -3.976  -14.225 1.00 39.64  ? 143 ARG A C   1 
ATOM   1056 O O   . ARG A 1 143 ? 9.719   -4.094  -15.390 1.00 40.97  ? 143 ARG A O   1 
ATOM   1057 C CB  . ARG A 1 143 ? 12.586  -3.889  -13.969 1.00 40.24  ? 143 ARG A CB  1 
ATOM   1058 C CG  . ARG A 1 143 ? 13.800  -2.987  -14.061 1.00 49.87  ? 143 ARG A CG  1 
ATOM   1059 C CD  . ARG A 1 143 ? 15.108  -3.722  -13.853 1.00 50.56  ? 143 ARG A CD  1 
ATOM   1060 N NE  . ARG A 1 143 ? 16.251  -2.848  -14.122 1.00 56.14  ? 143 ARG A NE  1 
ATOM   1061 C CZ  . ARG A 1 143 ? 17.516  -3.140  -13.826 1.00 54.45  ? 143 ARG A CZ  1 
ATOM   1062 N NH1 . ARG A 1 143 ? 17.819  -4.289  -13.237 1.00 53.47  ? 143 ARG A NH1 1 
ATOM   1063 N NH2 . ARG A 1 143 ? 18.482  -2.289  -14.140 1.00 59.76  ? 143 ARG A NH2 1 
ATOM   1064 N N   . MET A 1 144 ? 9.486   -4.578  -13.209 1.00 35.73  ? 144 MET A N   1 
ATOM   1065 C CA  . MET A 1 144 ? 8.335   -5.439  -13.437 1.00 37.19  ? 144 MET A CA  1 
ATOM   1066 C C   . MET A 1 144 ? 7.044   -4.661  -13.662 1.00 33.42  ? 144 MET A C   1 
ATOM   1067 O O   . MET A 1 144 ? 5.983   -5.258  -13.854 1.00 34.74  ? 144 MET A O   1 
ATOM   1068 C CB  . MET A 1 144 ? 8.166   -6.419  -12.274 1.00 35.88  ? 144 MET A CB  1 
ATOM   1069 C CG  . MET A 1 144 ? 9.170   -7.554  -12.316 1.00 37.13  ? 144 MET A CG  1 
ATOM   1070 S SD  . MET A 1 144 ? 8.882   -8.778  -11.055 1.00 37.26  ? 144 MET A SD  1 
ATOM   1071 C CE  . MET A 1 144 ? 7.526   -9.747  -11.815 1.00 41.45  ? 144 MET A CE  1 
ATOM   1072 N N   . GLY A 1 145 ? 7.132   -3.332  -13.649 1.00 37.54  ? 145 GLY A N   1 
ATOM   1073 C CA  . GLY A 1 145 ? 5.947   -2.520  -13.874 1.00 31.32  ? 145 GLY A CA  1 
ATOM   1074 C C   . GLY A 1 145 ? 5.384   -1.899  -12.611 1.00 36.88  ? 145 GLY A C   1 
ATOM   1075 O O   . GLY A 1 145 ? 4.524   -1.022  -12.675 1.00 36.40  ? 145 GLY A O   1 
ATOM   1076 N N   . GLY A 1 146 ? 5.856   -2.362  -11.458 1.00 37.17  ? 146 GLY A N   1 
ATOM   1077 C CA  . GLY A 1 146 ? 5.376   -1.819  -10.203 1.00 28.03  ? 146 GLY A CA  1 
ATOM   1078 C C   . GLY A 1 146 ? 5.941   -0.429  -9.986  1.00 34.23  ? 146 GLY A C   1 
ATOM   1079 O O   . GLY A 1 146 ? 6.907   -0.033  -10.638 1.00 31.35  ? 146 GLY A O   1 
ATOM   1080 N N   . VAL A 1 147 ? 5.331   0.320   -9.077  1.00 31.55  ? 147 VAL A N   1 
ATOM   1081 C CA  . VAL A 1 147 ? 5.794   1.667   -8.772  1.00 34.37  ? 147 VAL A CA  1 
ATOM   1082 C C   . VAL A 1 147 ? 6.224   1.756   -7.322  1.00 33.33  ? 147 VAL A C   1 
ATOM   1083 O O   . VAL A 1 147 ? 5.464   1.414   -6.412  1.00 37.01  ? 147 VAL A O   1 
ATOM   1084 C CB  . VAL A 1 147 ? 4.697   2.714   -9.001  1.00 33.18  ? 147 VAL A CB  1 
ATOM   1085 C CG1 . VAL A 1 147 ? 5.163   4.067   -8.482  1.00 30.30  ? 147 VAL A CG1 1 
ATOM   1086 C CG2 . VAL A 1 147 ? 4.365   2.804   -10.485 1.00 32.10  ? 147 VAL A CG2 1 
ATOM   1087 N N   . VAL A 1 148 ? 7.447   2.216   -7.110  1.00 31.45  ? 148 VAL A N   1 
ATOM   1088 C CA  . VAL A 1 148 ? 7.966   2.355   -5.764  1.00 30.34  ? 148 VAL A CA  1 
ATOM   1089 C C   . VAL A 1 148 ? 7.996   3.817   -5.361  1.00 31.92  ? 148 VAL A C   1 
ATOM   1090 O O   . VAL A 1 148 ? 8.618   4.651   -6.022  1.00 27.79  ? 148 VAL A O   1 
ATOM   1091 C CB  . VAL A 1 148 ? 9.385   1.757   -5.643  1.00 30.54  ? 148 VAL A CB  1 
ATOM   1092 C CG1 . VAL A 1 148 ? 9.940   2.006   -4.236  1.00 31.12  ? 148 VAL A CG1 1 
ATOM   1093 C CG2 . VAL A 1 148 ? 9.338   0.262   -5.924  1.00 22.56  ? 148 VAL A CG2 1 
ATOM   1094 N N   . VAL A 1 149 ? 7.307   4.123   -4.270  1.00 33.59  ? 149 VAL A N   1 
ATOM   1095 C CA  . VAL A 1 149 ? 7.251   5.480   -3.762  1.00 34.29  ? 149 VAL A CA  1 
ATOM   1096 C C   . VAL A 1 149 ? 7.888   5.512   -2.382  1.00 32.65  ? 149 VAL A C   1 
ATOM   1097 O O   . VAL A 1 149 ? 7.402   4.865   -1.456  1.00 31.84  ? 149 VAL A O   1 
ATOM   1098 C CB  . VAL A 1 149 ? 5.793   5.974   -3.621  1.00 38.08  ? 149 VAL A CB  1 
ATOM   1099 C CG1 . VAL A 1 149 ? 5.787   7.449   -3.245  1.00 39.85  ? 149 VAL A CG1 1 
ATOM   1100 C CG2 . VAL A 1 149 ? 5.020   5.737   -4.919  1.00 30.40  ? 149 VAL A CG2 1 
ATOM   1101 N N   . PRO A 1 150 ? 8.998   6.246   -2.230  1.00 28.45  ? 150 PRO A N   1 
ATOM   1102 C CA  . PRO A 1 150 ? 9.633   6.309   -0.912  1.00 33.33  ? 150 PRO A CA  1 
ATOM   1103 C C   . PRO A 1 150 ? 8.837   7.300   -0.075  1.00 26.51  ? 150 PRO A C   1 
ATOM   1104 O O   . PRO A 1 150 ? 8.286   8.253   -0.613  1.00 31.79  ? 150 PRO A O   1 
ATOM   1105 C CB  . PRO A 1 150 ? 11.026  6.834   -1.232  1.00 31.16  ? 150 PRO A CB  1 
ATOM   1106 C CG  . PRO A 1 150 ? 10.735  7.802   -2.332  1.00 30.80  ? 150 PRO A CG  1 
ATOM   1107 C CD  . PRO A 1 150 ? 9.774   7.017   -3.218  1.00 34.45  ? 150 PRO A CD  1 
ATOM   1108 N N   . ALA A 1 151 ? 8.751   7.076   1.229   1.00 28.79  ? 151 ALA A N   1 
ATOM   1109 C CA  . ALA A 1 151 ? 8.016   8.010   2.070   1.00 34.44  ? 151 ALA A CA  1 
ATOM   1110 C C   . ALA A 1 151 ? 8.952   9.187   2.335   1.00 32.67  ? 151 ALA A C   1 
ATOM   1111 O O   . ALA A 1 151 ? 9.481   9.339   3.433   1.00 27.49  ? 151 ALA A O   1 
ATOM   1112 C CB  . ALA A 1 151 ? 7.603   7.340   3.378   1.00 25.47  ? 151 ALA A CB  1 
ATOM   1113 N N   . SER A 1 152 ? 9.166   10.008  1.307   1.00 34.53  ? 152 SER A N   1 
ATOM   1114 C CA  . SER A 1 152 ? 10.048  11.171  1.411   1.00 33.82  ? 152 SER A CA  1 
ATOM   1115 C C   . SER A 1 152 ? 9.275   12.445  1.091   1.00 38.56  ? 152 SER A C   1 
ATOM   1116 O O   . SER A 1 152 ? 9.293   12.924  -0.051  1.00 38.64  ? 152 SER A O   1 
ATOM   1117 C CB  . SER A 1 152 ? 11.227  11.031  0.432   1.00 40.43  ? 152 SER A CB  1 
ATOM   1118 O OG  . SER A 1 152 ? 11.937  9.819   0.642   1.00 45.95  ? 152 SER A OG  1 
ATOM   1119 N N   . PRO A 1 153 ? 8.583   13.017  2.091   1.00 37.63  ? 153 PRO A N   1 
ATOM   1120 C CA  . PRO A 1 153 ? 7.830   14.238  1.810   1.00 43.10  ? 153 PRO A CA  1 
ATOM   1121 C C   . PRO A 1 153 ? 8.737   15.371  1.361   1.00 42.88  ? 153 PRO A C   1 
ATOM   1122 O O   . PRO A 1 153 ? 9.909   15.422  1.725   1.00 44.16  ? 153 PRO A O   1 
ATOM   1123 C CB  . PRO A 1 153 ? 7.134   14.527  3.140   1.00 45.39  ? 153 PRO A CB  1 
ATOM   1124 C CG  . PRO A 1 153 ? 8.080   13.952  4.139   1.00 45.87  ? 153 PRO A CG  1 
ATOM   1125 C CD  . PRO A 1 153 ? 8.468   12.648  3.510   1.00 34.70  ? 153 PRO A CD  1 
ATOM   1126 N N   . ALA A 1 154 ? 8.197   16.270  0.555   1.00 42.80  ? 154 ALA A N   1 
ATOM   1127 C CA  . ALA A 1 154 ? 8.973   17.401  0.079   1.00 44.72  ? 154 ALA A CA  1 
ATOM   1128 C C   . ALA A 1 154 ? 8.465   18.675  0.745   1.00 49.15  ? 154 ALA A C   1 
ATOM   1129 O O   . ALA A 1 154 ? 7.454   18.654  1.439   1.00 46.38  ? 154 ALA A O   1 
ATOM   1130 C CB  . ALA A 1 154 ? 8.850   17.508  -1.408  1.00 38.22  ? 154 ALA A CB  1 
ATOM   1131 N N   . PHE A 1 155 ? 9.172   19.781  0.533   1.00 52.60  ? 155 PHE A N   1 
ATOM   1132 C CA  . PHE A 1 155 ? 8.785   21.055  1.118   1.00 50.62  ? 155 PHE A CA  1 
ATOM   1133 C C   . PHE A 1 155 ? 8.311   22.053  0.065   1.00 51.30  ? 155 PHE A C   1 
ATOM   1134 O O   . PHE A 1 155 ? 8.325   23.257  0.307   1.00 50.05  ? 155 PHE A O   1 
ATOM   1135 C CB  . PHE A 1 155 ? 9.957   21.657  1.904   1.00 49.09  ? 155 PHE A CB  1 
ATOM   1136 C CG  . PHE A 1 155 ? 10.411  20.813  3.069   1.00 49.19  ? 155 PHE A CG  1 
ATOM   1137 C CD1 . PHE A 1 155 ? 11.096  19.616  2.862   1.00 47.23  ? 155 PHE A CD1 1 
ATOM   1138 C CD2 . PHE A 1 155 ? 10.144  21.211  4.375   1.00 39.59  ? 155 PHE A CD2 1 
ATOM   1139 C CE1 . PHE A 1 155 ? 11.505  18.830  3.939   1.00 47.43  ? 155 PHE A CE1 1 
ATOM   1140 C CE2 . PHE A 1 155 ? 10.548  20.432  5.462   1.00 44.32  ? 155 PHE A CE2 1 
ATOM   1141 C CZ  . PHE A 1 155 ? 11.231  19.238  5.245   1.00 44.71  ? 155 PHE A CZ  1 
ATOM   1142 N N   . TYR A 1 156 ? 7.893   21.560  -1.098  1.00 56.96  ? 156 TYR A N   1 
ATOM   1143 C CA  . TYR A 1 156 ? 7.420   22.440  -2.161  1.00 61.95  ? 156 TYR A CA  1 
ATOM   1144 C C   . TYR A 1 156 ? 6.311   23.345  -1.641  1.00 62.48  ? 156 TYR A C   1 
ATOM   1145 O O   . TYR A 1 156 ? 6.394   24.567  -1.731  1.00 63.69  ? 156 TYR A O   1 
ATOM   1146 C CB  . TYR A 1 156 ? 6.841   21.647  -3.342  1.00 69.56  ? 156 TYR A CB  1 
ATOM   1147 C CG  . TYR A 1 156 ? 7.750   20.641  -4.009  1.00 78.32  ? 156 TYR A CG  1 
ATOM   1148 C CD1 . TYR A 1 156 ? 7.626   19.285  -3.730  1.00 81.87  ? 156 TYR A CD1 1 
ATOM   1149 C CD2 . TYR A 1 156 ? 8.712   21.036  -4.941  1.00 80.39  ? 156 TYR A CD2 1 
ATOM   1150 C CE1 . TYR A 1 156 ? 8.433   18.336  -4.366  1.00 83.90  ? 156 TYR A CE1 1 
ATOM   1151 C CE2 . TYR A 1 156 ? 9.523   20.100  -5.577  1.00 82.73  ? 156 TYR A CE2 1 
ATOM   1152 C CZ  . TYR A 1 156 ? 9.380   18.753  -5.284  1.00 83.87  ? 156 TYR A CZ  1 
ATOM   1153 O OH  . TYR A 1 156 ? 10.178  17.820  -5.910  1.00 88.62  ? 156 TYR A OH  1 
ATOM   1154 N N   . HIS A 1 157 ? 5.271   22.716  -1.102  1.00 62.17  ? 157 HIS A N   1 
ATOM   1155 C CA  . HIS A 1 157 ? 4.095   23.413  -0.590  1.00 63.28  ? 157 HIS A CA  1 
ATOM   1156 C C   . HIS A 1 157 ? 4.269   24.059  0.782   1.00 60.87  ? 157 HIS A C   1 
ATOM   1157 O O   . HIS A 1 157 ? 3.283   24.382  1.441   1.00 60.31  ? 157 HIS A O   1 
ATOM   1158 C CB  . HIS A 1 157 ? 2.915   22.439  -0.531  1.00 65.84  ? 157 HIS A CB  1 
ATOM   1159 C CG  . HIS A 1 157 ? 2.765   21.590  -1.757  1.00 69.59  ? 157 HIS A CG  1 
ATOM   1160 N ND1 . HIS A 1 157 ? 2.687   22.124  -3.027  1.00 71.49  ? 157 HIS A ND1 1 
ATOM   1161 C CD2 . HIS A 1 157 ? 2.657   20.250  -1.905  1.00 69.56  ? 157 HIS A CD2 1 
ATOM   1162 C CE1 . HIS A 1 157 ? 2.538   21.146  -3.902  1.00 73.87  ? 157 HIS A CE1 1 
ATOM   1163 N NE2 . HIS A 1 157 ? 2.516   19.999  -3.249  1.00 70.01  ? 157 HIS A NE2 1 
ATOM   1164 N N   . LYS A 1 158 ? 5.511   24.253  1.208   1.00 60.49  ? 158 LYS A N   1 
ATOM   1165 C CA  . LYS A 1 158 ? 5.791   24.855  2.510   1.00 60.51  ? 158 LYS A CA  1 
ATOM   1166 C C   . LYS A 1 158 ? 4.895   24.248  3.589   1.00 61.45  ? 158 LYS A C   1 
ATOM   1167 O O   . LYS A 1 158 ? 3.988   24.908  4.095   1.00 61.80  ? 158 LYS A O   1 
ATOM   1168 C CB  . LYS A 1 158 ? 5.574   26.376  2.454   1.00 64.51  ? 158 LYS A CB  1 
ATOM   1169 C CG  . LYS A 1 158 ? 6.451   27.109  1.442   1.00 66.84  ? 158 LYS A CG  1 
ATOM   1170 C CD  . LYS A 1 158 ? 6.287   28.622  1.551   1.00 71.89  ? 158 LYS A CD  1 
ATOM   1171 C CE  . LYS A 1 158 ? 7.073   29.378  0.487   1.00 73.14  ? 158 LYS A CE  1 
ATOM   1172 N NZ  . LYS A 1 158 ? 6.931   30.852  0.644   1.00 69.33  ? 158 LYS A NZ  1 
ATOM   1173 N N   . PRO A 1 159 ? 5.134   22.976  3.953   1.00 61.62  ? 159 PRO A N   1 
ATOM   1174 C CA  . PRO A 1 159 ? 4.301   22.354  4.985   1.00 56.82  ? 159 PRO A CA  1 
ATOM   1175 C C   . PRO A 1 159 ? 4.496   22.994  6.357   1.00 56.52  ? 159 PRO A C   1 
ATOM   1176 O O   . PRO A 1 159 ? 5.546   23.568  6.637   1.00 54.54  ? 159 PRO A O   1 
ATOM   1177 C CB  . PRO A 1 159 ? 4.746   20.891  4.950   1.00 56.90  ? 159 PRO A CB  1 
ATOM   1178 C CG  . PRO A 1 159 ? 6.187   20.992  4.550   1.00 59.82  ? 159 PRO A CG  1 
ATOM   1179 C CD  . PRO A 1 159 ? 6.144   22.028  3.447   1.00 59.01  ? 159 PRO A CD  1 
ATOM   1180 N N   . GLN A 1 160 ? 3.473   22.901  7.203   1.00 54.25  ? 160 GLN A N   1 
ATOM   1181 C CA  . GLN A 1 160 ? 3.534   23.453  8.555   1.00 56.48  ? 160 GLN A CA  1 
ATOM   1182 C C   . GLN A 1 160 ? 3.437   22.366  9.617   1.00 51.61  ? 160 GLN A C   1 
ATOM   1183 O O   . GLN A 1 160 ? 4.048   22.470  10.679  1.00 52.00  ? 160 GLN A O   1 
ATOM   1184 C CB  . GLN A 1 160 ? 2.422   24.486  8.775   1.00 58.34  ? 160 GLN A CB  1 
ATOM   1185 C CG  . GLN A 1 160 ? 1.977   24.602  10.229  1.00 72.93  ? 160 GLN A CG  1 
ATOM   1186 C CD  . GLN A 1 160 ? 0.618   23.962  10.474  1.00 81.83  ? 160 GLN A CD  1 
ATOM   1187 O OE1 . GLN A 1 160 ? 0.184   23.090  9.715   1.00 84.49  ? 160 GLN A OE1 1 
ATOM   1188 N NE2 . GLN A 1 160 ? -0.055  24.383  11.542  1.00 84.24  ? 160 GLN A NE2 1 
ATOM   1189 N N   . SER A 1 161 ? 2.672   21.320  9.332   1.00 46.99  ? 161 SER A N   1 
ATOM   1190 C CA  . SER A 1 161 ? 2.514   20.233  10.289  1.00 48.26  ? 161 SER A CA  1 
ATOM   1191 C C   . SER A 1 161 ? 2.910   18.894  9.694   1.00 43.33  ? 161 SER A C   1 
ATOM   1192 O O   . SER A 1 161 ? 3.132   18.772  8.488   1.00 40.90  ? 161 SER A O   1 
ATOM   1193 C CB  . SER A 1 161 ? 1.064   20.152  10.765  1.00 49.39  ? 161 SER A CB  1 
ATOM   1194 O OG  . SER A 1 161 ? 0.214   19.708  9.721   1.00 50.11  ? 161 SER A OG  1 
ATOM   1195 N N   . ILE A 1 162 ? 2.998   17.890  10.556  1.00 41.10  ? 162 ILE A N   1 
ATOM   1196 C CA  . ILE A 1 162 ? 3.346   16.549  10.123  1.00 46.38  ? 162 ILE A CA  1 
ATOM   1197 C C   . ILE A 1 162 ? 2.217   16.086  9.221   1.00 47.73  ? 162 ILE A C   1 
ATOM   1198 O O   . ILE A 1 162 ? 2.410   15.273  8.320   1.00 50.22  ? 162 ILE A O   1 
ATOM   1199 C CB  . ILE A 1 162 ? 3.475   15.597  11.328  1.00 38.25  ? 162 ILE A CB  1 
ATOM   1200 C CG1 . ILE A 1 162 ? 4.643   16.051  12.211  1.00 47.43  ? 162 ILE A CG1 1 
ATOM   1201 C CG2 . ILE A 1 162 ? 3.669   14.163  10.847  1.00 47.92  ? 162 ILE A CG2 1 
ATOM   1202 C CD1 . ILE A 1 162 ? 4.907   15.165  13.414  1.00 41.26  ? 162 ILE A CD1 1 
ATOM   1203 N N   . ASP A 1 163 ? 1.037   16.638  9.475   1.00 51.06  ? 163 ASP A N   1 
ATOM   1204 C CA  . ASP A 1 163 ? -0.156  16.317  8.713   1.00 47.04  ? 163 ASP A CA  1 
ATOM   1205 C C   . ASP A 1 163 ? 0.015   16.767  7.266   1.00 48.73  ? 163 ASP A C   1 
ATOM   1206 O O   . ASP A 1 163 ? -0.445  16.099  6.338   1.00 47.43  ? 163 ASP A O   1 
ATOM   1207 C CB  . ASP A 1 163 ? -1.364  17.020  9.333   1.00 52.28  ? 163 ASP A CB  1 
ATOM   1208 C CG  . ASP A 1 163 ? -2.665  16.627  8.676   1.00 56.65  ? 163 ASP A CG  1 
ATOM   1209 O OD1 . ASP A 1 163 ? -3.085  15.463  8.848   1.00 53.87  ? 163 ASP A OD1 1 
ATOM   1210 O OD2 . ASP A 1 163 ? -3.264  17.479  7.985   1.00 61.10  ? 163 ASP A OD2 1 
ATOM   1211 N N   . ASP A 1 164 ? 0.676   17.906  7.078   1.00 45.88  ? 164 ASP A N   1 
ATOM   1212 C CA  . ASP A 1 164 ? 0.905   18.431  5.738   1.00 44.81  ? 164 ASP A CA  1 
ATOM   1213 C C   . ASP A 1 164 ? 1.845   17.530  4.948   1.00 44.83  ? 164 ASP A C   1 
ATOM   1214 O O   . ASP A 1 164 ? 1.743   17.441  3.729   1.00 46.91  ? 164 ASP A O   1 
ATOM   1215 C CB  . ASP A 1 164 ? 1.485   19.847  5.799   1.00 45.90  ? 164 ASP A CB  1 
ATOM   1216 C CG  . ASP A 1 164 ? 0.473   20.873  6.275   1.00 52.97  ? 164 ASP A CG  1 
ATOM   1217 O OD1 . ASP A 1 164 ? -0.730  20.554  6.288   1.00 48.08  ? 164 ASP A OD1 1 
ATOM   1218 O OD2 . ASP A 1 164 ? 0.886   22.002  6.620   1.00 43.77  ? 164 ASP A OD2 1 
ATOM   1219 N N   . MET A 1 165 ? 2.763   16.866  5.642   1.00 40.78  ? 165 MET A N   1 
ATOM   1220 C CA  . MET A 1 165 ? 3.698   15.973  4.972   1.00 43.10  ? 165 MET A CA  1 
ATOM   1221 C C   . MET A 1 165 ? 3.043   14.632  4.649   1.00 44.64  ? 165 MET A C   1 
ATOM   1222 O O   . MET A 1 165 ? 3.337   14.017  3.623   1.00 39.27  ? 165 MET A O   1 
ATOM   1223 C CB  . MET A 1 165 ? 4.944   15.768  5.833   1.00 43.06  ? 165 MET A CB  1 
ATOM   1224 C CG  . MET A 1 165 ? 5.819   17.016  5.919   1.00 47.75  ? 165 MET A CG  1 
ATOM   1225 S SD  . MET A 1 165 ? 7.399   16.716  6.725   1.00 62.58  ? 165 MET A SD  1 
ATOM   1226 C CE  . MET A 1 165 ? 6.925   16.884  8.432   1.00 54.07  ? 165 MET A CE  1 
ATOM   1227 N N   . ILE A 1 166 ? 2.148   14.185  5.525   1.00 42.57  ? 166 ILE A N   1 
ATOM   1228 C CA  . ILE A 1 166 ? 1.435   12.932  5.309   1.00 40.16  ? 166 ILE A CA  1 
ATOM   1229 C C   . ILE A 1 166 ? 0.548   13.065  4.071   1.00 44.74  ? 166 ILE A C   1 
ATOM   1230 O O   . ILE A 1 166 ? 0.487   12.166  3.235   1.00 41.02  ? 166 ILE A O   1 
ATOM   1231 C CB  . ILE A 1 166 ? 0.542   12.584  6.512   1.00 41.68  ? 166 ILE A CB  1 
ATOM   1232 C CG1 . ILE A 1 166 ? 1.401   12.410  7.767   1.00 43.85  ? 166 ILE A CG1 1 
ATOM   1233 C CG2 . ILE A 1 166 ? -0.241  11.314  6.225   1.00 44.70  ? 166 ILE A CG2 1 
ATOM   1234 C CD1 . ILE A 1 166 ? 0.601   12.152  9.029   1.00 44.90  ? 166 ILE A CD1 1 
ATOM   1235 N N   . ASN A 1 167 ? -0.140  14.197  3.959   1.00 41.30  ? 167 ASN A N   1 
ATOM   1236 C CA  . ASN A 1 167 ? -1.017  14.443  2.822   1.00 44.39  ? 167 ASN A CA  1 
ATOM   1237 C C   . ASN A 1 167 ? -0.223  14.522  1.529   1.00 40.15  ? 167 ASN A C   1 
ATOM   1238 O O   . ASN A 1 167 ? -0.702  14.109  0.473   1.00 41.43  ? 167 ASN A O   1 
ATOM   1239 C CB  . ASN A 1 167 ? -1.812  15.735  3.039   1.00 46.81  ? 167 ASN A CB  1 
ATOM   1240 C CG  . ASN A 1 167 ? -2.982  15.547  3.987   1.00 51.11  ? 167 ASN A CG  1 
ATOM   1241 O OD1 . ASN A 1 167 ? -2.966  14.664  4.843   1.00 51.70  ? 167 ASN A OD1 1 
ATOM   1242 N ND2 . ASN A 1 167 ? -3.999  16.386  3.844   1.00 58.08  ? 167 ASN A ND2 1 
ATOM   1243 N N   . PHE A 1 168 ? 0.990   15.064  1.609   1.00 35.91  ? 168 PHE A N   1 
ATOM   1244 C CA  . PHE A 1 168 ? 1.841   15.168  0.426   1.00 39.54  ? 168 PHE A CA  1 
ATOM   1245 C C   . PHE A 1 168 ? 2.114   13.771  -0.118  1.00 37.11  ? 168 PHE A C   1 
ATOM   1246 O O   . PHE A 1 168 ? 1.896   13.493  -1.297  1.00 39.82  ? 168 PHE A O   1 
ATOM   1247 C CB  . PHE A 1 168 ? 3.178   15.835  0.760   1.00 41.26  ? 168 PHE A CB  1 
ATOM   1248 C CG  . PHE A 1 168 ? 4.182   15.746  -0.357  1.00 46.74  ? 168 PHE A CG  1 
ATOM   1249 C CD1 . PHE A 1 168 ? 4.117   16.612  -1.444  1.00 44.51  ? 168 PHE A CD1 1 
ATOM   1250 C CD2 . PHE A 1 168 ? 5.153   14.748  -0.357  1.00 38.19  ? 168 PHE A CD2 1 
ATOM   1251 C CE1 . PHE A 1 168 ? 4.999   16.479  -2.523  1.00 46.95  ? 168 PHE A CE1 1 
ATOM   1252 C CE2 . PHE A 1 168 ? 6.038   14.605  -1.429  1.00 48.54  ? 168 PHE A CE2 1 
ATOM   1253 C CZ  . PHE A 1 168 ? 5.959   15.473  -2.514  1.00 48.34  ? 168 PHE A CZ  1 
ATOM   1254 N N   . VAL A 1 169 ? 2.595   12.891  0.754   1.00 34.86  ? 169 VAL A N   1 
ATOM   1255 C CA  . VAL A 1 169 ? 2.905   11.527  0.359   1.00 37.90  ? 169 VAL A CA  1 
ATOM   1256 C C   . VAL A 1 169 ? 1.650   10.800  -0.136  1.00 42.71  ? 169 VAL A C   1 
ATOM   1257 O O   . VAL A 1 169 ? 1.694   10.086  -1.141  1.00 37.81  ? 169 VAL A O   1 
ATOM   1258 C CB  . VAL A 1 169 ? 3.533   10.752  1.528   1.00 38.55  ? 169 VAL A CB  1 
ATOM   1259 C CG1 . VAL A 1 169 ? 3.858   9.331   1.099   1.00 41.47  ? 169 VAL A CG1 1 
ATOM   1260 C CG2 . VAL A 1 169 ? 4.799   11.470  1.994   1.00 31.90  ? 169 VAL A CG2 1 
ATOM   1261 N N   . VAL A 1 170 ? 0.534   10.988  0.565   1.00 40.09  ? 170 VAL A N   1 
ATOM   1262 C CA  . VAL A 1 170 ? -0.723  10.359  0.172   1.00 38.75  ? 170 VAL A CA  1 
ATOM   1263 C C   . VAL A 1 170 ? -1.150  10.862  -1.207  1.00 34.63  ? 170 VAL A C   1 
ATOM   1264 O O   . VAL A 1 170 ? -1.678  10.103  -2.017  1.00 40.37  ? 170 VAL A O   1 
ATOM   1265 C CB  . VAL A 1 170 ? -1.845  10.655  1.194   1.00 37.95  ? 170 VAL A CB  1 
ATOM   1266 C CG1 . VAL A 1 170 ? -3.159  10.043  0.727   1.00 43.18  ? 170 VAL A CG1 1 
ATOM   1267 C CG2 . VAL A 1 170 ? -1.469  10.083  2.547   1.00 38.46  ? 170 VAL A CG2 1 
ATOM   1268 N N   . GLY A 1 171 ? -0.914  12.142  -1.467  1.00 34.59  ? 171 GLY A N   1 
ATOM   1269 C CA  . GLY A 1 171 ? -1.272  12.710  -2.754  1.00 37.58  ? 171 GLY A CA  1 
ATOM   1270 C C   . GLY A 1 171 ? -0.421  12.114  -3.862  1.00 37.90  ? 171 GLY A C   1 
ATOM   1271 O O   . GLY A 1 171 ? -0.890  11.912  -4.986  1.00 36.90  ? 171 GLY A O   1 
ATOM   1272 N N   . LYS A 1 172 ? 0.841   11.844  -3.545  1.00 30.66  ? 172 LYS A N   1 
ATOM   1273 C CA  . LYS A 1 172 ? 1.759   11.252  -4.506  1.00 37.49  ? 172 LYS A CA  1 
ATOM   1274 C C   . LYS A 1 172 ? 1.281   9.848   -4.859  1.00 36.50  ? 172 LYS A C   1 
ATOM   1275 O O   . LYS A 1 172 ? 1.315   9.440   -6.018  1.00 37.03  ? 172 LYS A O   1 
ATOM   1276 C CB  . LYS A 1 172 ? 3.174   11.186  -3.918  1.00 39.02  ? 172 LYS A CB  1 
ATOM   1277 C CG  . LYS A 1 172 ? 4.068   12.355  -4.303  1.00 43.11  ? 172 LYS A CG  1 
ATOM   1278 C CD  . LYS A 1 172 ? 4.422   12.277  -5.782  1.00 56.93  ? 172 LYS A CD  1 
ATOM   1279 C CE  . LYS A 1 172 ? 5.427   13.337  -6.184  1.00 57.68  ? 172 LYS A CE  1 
ATOM   1280 N NZ  . LYS A 1 172 ? 5.764   13.250  -7.636  1.00 56.69  ? 172 LYS A NZ  1 
ATOM   1281 N N   . LEU A 1 173 ? 0.831   9.117   -3.845  1.00 35.27  ? 173 LEU A N   1 
ATOM   1282 C CA  . LEU A 1 173 ? 0.346   7.759   -4.049  1.00 36.24  ? 173 LEU A CA  1 
ATOM   1283 C C   . LEU A 1 173 ? -0.890  7.730   -4.933  1.00 34.46  ? 173 LEU A C   1 
ATOM   1284 O O   . LEU A 1 173 ? -1.035  6.851   -5.779  1.00 36.83  ? 173 LEU A O   1 
ATOM   1285 C CB  . LEU A 1 173 ? 0.046   7.111   -2.705  1.00 30.36  ? 173 LEU A CB  1 
ATOM   1286 C CG  . LEU A 1 173 ? 1.313   6.788   -1.913  1.00 39.71  ? 173 LEU A CG  1 
ATOM   1287 C CD1 . LEU A 1 173 ? 0.962   6.491   -0.461  1.00 33.16  ? 173 LEU A CD1 1 
ATOM   1288 C CD2 . LEU A 1 173 ? 2.022   5.599   -2.568  1.00 32.74  ? 173 LEU A CD2 1 
ATOM   1289 N N   . LEU A 1 174 ? -1.782  8.692   -4.733  1.00 34.50  ? 174 LEU A N   1 
ATOM   1290 C CA  . LEU A 1 174 ? -2.989  8.754   -5.539  1.00 38.64  ? 174 LEU A CA  1 
ATOM   1291 C C   . LEU A 1 174 ? -2.657  9.157   -6.971  1.00 37.67  ? 174 LEU A C   1 
ATOM   1292 O O   . LEU A 1 174 ? -3.249  8.639   -7.913  1.00 35.33  ? 174 LEU A O   1 
ATOM   1293 C CB  . LEU A 1 174 ? -4.000  9.721   -4.913  1.00 37.26  ? 174 LEU A CB  1 
ATOM   1294 C CG  . LEU A 1 174 ? -4.676  9.143   -3.657  1.00 43.01  ? 174 LEU A CG  1 
ATOM   1295 C CD1 . LEU A 1 174 ? -5.427  10.237  -2.922  1.00 43.40  ? 174 LEU A CD1 1 
ATOM   1296 C CD2 . LEU A 1 174 ? -5.604  7.997   -4.037  1.00 43.72  ? 174 LEU A CD2 1 
ATOM   1297 N N   . ASP A 1 175 ? -1.702  10.070  -7.142  1.00 37.11  ? 175 ASP A N   1 
ATOM   1298 C CA  . ASP A 1 175 ? -1.312  10.497  -8.482  1.00 38.53  ? 175 ASP A CA  1 
ATOM   1299 C C   . ASP A 1 175 ? -0.760  9.327   -9.285  1.00 38.82  ? 175 ASP A C   1 
ATOM   1300 O O   . ASP A 1 175 ? -0.898  9.288   -10.507 1.00 32.67  ? 175 ASP A O   1 
ATOM   1301 C CB  . ASP A 1 175 ? -0.253  11.603  -8.427  1.00 39.95  ? 175 ASP A CB  1 
ATOM   1302 C CG  . ASP A 1 175 ? -0.804  12.914  -7.908  1.00 45.99  ? 175 ASP A CG  1 
ATOM   1303 O OD1 . ASP A 1 175 ? -2.039  13.108  -7.966  1.00 47.82  ? 175 ASP A OD1 1 
ATOM   1304 O OD2 . ASP A 1 175 ? 0.003   13.757  -7.459  1.00 49.99  ? 175 ASP A OD2 1 
ATOM   1305 N N   . VAL A 1 176 ? -0.123  8.379   -8.601  1.00 34.33  ? 176 VAL A N   1 
ATOM   1306 C CA  . VAL A 1 176 ? 0.432   7.221   -9.283  1.00 32.20  ? 176 VAL A CA  1 
ATOM   1307 C C   . VAL A 1 176 ? -0.660  6.500   -10.071 1.00 36.34  ? 176 VAL A C   1 
ATOM   1308 O O   . VAL A 1 176 ? -0.428  6.032   -11.186 1.00 34.09  ? 176 VAL A O   1 
ATOM   1309 C CB  . VAL A 1 176 ? 1.075   6.227   -8.293  1.00 30.14  ? 176 VAL A CB  1 
ATOM   1310 C CG1 . VAL A 1 176 ? 1.495   4.957   -9.029  1.00 34.43  ? 176 VAL A CG1 1 
ATOM   1311 C CG2 . VAL A 1 176 ? 2.281   6.867   -7.625  1.00 27.10  ? 176 VAL A CG2 1 
ATOM   1312 N N   . LEU A 1 177 ? -1.857  6.414   -9.504  1.00 37.47  ? 177 LEU A N   1 
ATOM   1313 C CA  . LEU A 1 177 ? -2.940  5.735   -10.197 1.00 41.76  ? 177 LEU A CA  1 
ATOM   1314 C C   . LEU A 1 177 ? -3.932  6.690   -10.856 1.00 41.37  ? 177 LEU A C   1 
ATOM   1315 O O   . LEU A 1 177 ? -5.031  6.291   -11.241 1.00 38.48  ? 177 LEU A O   1 
ATOM   1316 C CB  . LEU A 1 177 ? -3.646  4.781   -9.228  1.00 43.44  ? 177 LEU A CB  1 
ATOM   1317 C CG  . LEU A 1 177 ? -3.114  3.338   -9.198  1.00 53.13  ? 177 LEU A CG  1 
ATOM   1318 C CD1 . LEU A 1 177 ? -1.606  3.278   -9.386  1.00 59.55  ? 177 LEU A CD1 1 
ATOM   1319 C CD2 . LEU A 1 177 ? -3.522  2.711   -7.878  1.00 56.04  ? 177 LEU A CD2 1 
ATOM   1320 N N   . ARG A 1 178 ? -3.527  7.950   -11.001 1.00 39.04  ? 178 ARG A N   1 
ATOM   1321 C CA  . ARG A 1 178 ? -4.361  8.970   -11.633 1.00 46.57  ? 178 ARG A CA  1 
ATOM   1322 C C   . ARG A 1 178 ? -5.698  9.223   -10.949 1.00 45.58  ? 178 ARG A C   1 
ATOM   1323 O O   . ARG A 1 178 ? -6.668  9.596   -11.603 1.00 49.01  ? 178 ARG A O   1 
ATOM   1324 C CB  . ARG A 1 178 ? -4.615  8.610   -13.100 1.00 48.08  ? 178 ARG A CB  1 
ATOM   1325 C CG  . ARG A 1 178 ? -3.514  9.026   -14.060 1.00 55.19  ? 178 ARG A CG  1 
ATOM   1326 C CD  . ARG A 1 178 ? -2.157  8.521   -13.622 1.00 53.21  ? 178 ARG A CD  1 
ATOM   1327 N NE  . ARG A 1 178 ? -1.107  8.857   -14.580 1.00 48.89  ? 178 ARG A NE  1 
ATOM   1328 C CZ  . ARG A 1 178 ? 0.193   8.735   -14.328 1.00 50.17  ? 178 ARG A CZ  1 
ATOM   1329 N NH1 . ARG A 1 178 ? 0.599   8.288   -13.145 1.00 39.26  ? 178 ARG A NH1 1 
ATOM   1330 N NH2 . ARG A 1 178 ? 1.086   9.057   -15.256 1.00 43.97  ? 178 ARG A NH2 1 
ATOM   1331 N N   . ILE A 1 179 ? -5.760  9.016   -9.641  1.00 48.53  ? 179 ILE A N   1 
ATOM   1332 C CA  . ILE A 1 179 ? -7.004  9.258   -8.922  1.00 46.75  ? 179 ILE A CA  1 
ATOM   1333 C C   . ILE A 1 179 ? -7.047  10.732  -8.524  1.00 49.95  ? 179 ILE A C   1 
ATOM   1334 O O   . ILE A 1 179 ? -6.173  11.209  -7.800  1.00 53.33  ? 179 ILE A O   1 
ATOM   1335 C CB  . ILE A 1 179 ? -7.099  8.377   -7.661  1.00 46.71  ? 179 ILE A CB  1 
ATOM   1336 C CG1 . ILE A 1 179 ? -7.140  6.899   -8.063  1.00 35.10  ? 179 ILE A CG1 1 
ATOM   1337 C CG2 . ILE A 1 179 ? -8.339  8.745   -6.861  1.00 40.04  ? 179 ILE A CG2 1 
ATOM   1338 C CD1 . ILE A 1 179 ? -7.255  5.945   -6.891  1.00 46.46  ? 179 ILE A CD1 1 
ATOM   1339 N N   . GLU A 1 180 ? -8.055  11.451  -9.013  1.00 50.25  ? 180 GLU A N   1 
ATOM   1340 C CA  . GLU A 1 180 ? -8.205  12.876  -8.720  1.00 53.63  ? 180 GLU A CA  1 
ATOM   1341 C C   . GLU A 1 180 ? -8.430  13.111  -7.229  1.00 52.48  ? 180 GLU A C   1 
ATOM   1342 O O   . GLU A 1 180 ? -9.168  12.364  -6.579  1.00 51.31  ? 180 GLU A O   1 
ATOM   1343 C CB  . GLU A 1 180 ? -9.378  13.468  -9.521  1.00 61.23  ? 180 GLU A CB  1 
ATOM   1344 C CG  . GLU A 1 180 ? -10.753 12.864  -9.204  1.00 67.97  ? 180 GLU A CG  1 
ATOM   1345 C CD  . GLU A 1 180 ? -11.906 13.581  -9.902  1.00 75.62  ? 180 GLU A CD  1 
ATOM   1346 O OE1 . GLU A 1 180 ? -11.930 13.605  -11.150 1.00 76.09  ? 180 GLU A OE1 1 
ATOM   1347 O OE2 . GLU A 1 180 ? -12.792 14.118  -9.202  1.00 76.77  ? 180 GLU A OE2 1 
ATOM   1348 N N   . HIS A 1 181 ? -7.800  14.158  -6.695  1.00 53.70  ? 181 HIS A N   1 
ATOM   1349 C CA  . HIS A 1 181 ? -7.915  14.494  -5.276  1.00 53.50  ? 181 HIS A CA  1 
ATOM   1350 C C   . HIS A 1 181 ? -7.658  15.982  -5.005  1.00 57.39  ? 181 HIS A C   1 
ATOM   1351 O O   . HIS A 1 181 ? -7.284  16.729  -5.913  1.00 60.57  ? 181 HIS A O   1 
ATOM   1352 C CB  . HIS A 1 181 ? -6.935  13.640  -4.476  1.00 50.72  ? 181 HIS A CB  1 
ATOM   1353 C CG  . HIS A 1 181 ? -5.511  13.821  -4.892  1.00 49.95  ? 181 HIS A CG  1 
ATOM   1354 N ND1 . HIS A 1 181 ? -4.780  14.938  -4.566  1.00 50.28  ? 181 HIS A ND1 1 
ATOM   1355 C CD2 . HIS A 1 181 ? -4.693  13.037  -5.640  1.00 42.83  ? 181 HIS A CD2 1 
ATOM   1356 C CE1 . HIS A 1 181 ? -3.569  14.843  -5.092  1.00 46.57  ? 181 HIS A CE1 1 
ATOM   1357 N NE2 . HIS A 1 181 ? -3.496  13.698  -5.750  1.00 46.69  ? 181 HIS A NE2 1 
ATOM   1358 N N   . ASN A 1 182 ? -7.861  16.401  -3.752  1.00 62.90  ? 182 ASN A N   1 
ATOM   1359 C CA  . ASN A 1 182 ? -7.674  17.797  -3.339  1.00 67.69  ? 182 ASN A CA  1 
ATOM   1360 C C   . ASN A 1 182 ? -6.802  17.933  -2.091  1.00 70.74  ? 182 ASN A C   1 
ATOM   1361 O O   . ASN A 1 182 ? -7.120  18.722  -1.197  1.00 75.81  ? 182 ASN A O   1 
ATOM   1362 C CB  . ASN A 1 182 ? -9.030  18.447  -3.045  1.00 70.88  ? 182 ASN A CB  1 
ATOM   1363 C CG  . ASN A 1 182 ? -10.191 17.659  -3.620  1.00 74.17  ? 182 ASN A CG  1 
ATOM   1364 O OD1 . ASN A 1 182 ? -10.391 17.639  -4.832  1.00 72.94  ? 182 ASN A OD1 1 
ATOM   1365 N ND2 . ASN A 1 182 ? -10.955 16.998  -2.751  1.00 72.46  ? 182 ASN A ND2 1 
ATOM   1366 N N   . LEU A 1 183 ? -5.709  17.176  -2.037  1.00 69.82  ? 183 LEU A N   1 
ATOM   1367 C CA  . LEU A 1 183 ? -4.816  17.220  -0.887  1.00 71.49  ? 183 LEU A CA  1 
ATOM   1368 C C   . LEU A 1 183 ? -3.625  18.124  -1.164  1.00 74.45  ? 183 LEU A C   1 
ATOM   1369 O O   . LEU A 1 183 ? -3.342  19.003  -0.324  1.00 76.27  ? 183 LEU A O   1 
ATOM   1370 C CB  . LEU A 1 183 ? -4.315  15.815  -0.532  1.00 70.35  ? 183 LEU A CB  1 
ATOM   1371 C CG  . LEU A 1 183 ? -5.279  14.629  -0.629  1.00 67.75  ? 183 LEU A CG  1 
ATOM   1372 C CD1 . LEU A 1 183 ? -4.937  13.811  -1.869  1.00 73.16  ? 183 LEU A CD1 1 
ATOM   1373 C CD2 . LEU A 1 183 ? -5.129  13.742  0.569   1.00 74.15  ? 183 LEU A CD2 1 
HETATM 1374 O O   . HOH B 2 .   ? -4.950  -16.918 -9.988  1.00 40.81  ? 190 HOH A O   1 
HETATM 1375 O O   . HOH B 2 .   ? -10.320 8.976   -10.357 1.00 38.19  ? 191 HOH A O   1 
HETATM 1376 O O   . HOH B 2 .   ? 9.316   2.597   -9.210  1.00 32.33  ? 192 HOH A O   1 
HETATM 1377 O O   . HOH B 2 .   ? 6.178   -16.342 -6.561  1.00 30.08  ? 193 HOH A O   1 
HETATM 1378 O O   . HOH B 2 .   ? 16.451  -10.159 -2.945  1.00 36.31  ? 194 HOH A O   1 
HETATM 1379 O O   . HOH B 2 .   ? 12.578  5.374   1.880   1.00 27.73  ? 195 HOH A O   1 
HETATM 1380 O O   . HOH B 2 .   ? -4.138  12.617  -9.384  1.00 36.38  ? 196 HOH A O   1 
HETATM 1381 O O   . HOH B 2 .   ? 5.708   -11.660 -6.230  1.00 25.39  ? 197 HOH A O   1 
HETATM 1382 O O   . HOH B 2 .   ? 13.947  -5.536  0.973   1.00 31.16  ? 198 HOH A O   1 
HETATM 1383 O O   . HOH B 2 .   ? 4.217   -6.861  8.240   1.00 41.18  ? 199 HOH A O   1 
HETATM 1384 O O   . HOH B 2 .   ? 10.533  -5.421  7.301   1.00 42.59  ? 200 HOH A O   1 
HETATM 1385 O O   . HOH B 2 .   ? 18.384  -6.126  3.488   1.00 28.60  ? 201 HOH A O   1 
HETATM 1386 O O   . HOH B 2 .   ? 16.009  -5.652  -11.965 1.00 48.77  ? 202 HOH A O   1 
HETATM 1387 O O   . HOH B 2 .   ? 6.630   -6.976  7.465   1.00 46.13  ? 203 HOH A O   1 
HETATM 1388 O O   . HOH B 2 .   ? 5.435   21.498  12.634  1.00 43.97  ? 204 HOH A O   1 
HETATM 1389 O O   . HOH B 2 .   ? -5.404  -9.755  10.032  1.00 75.63  ? 205 HOH A O   1 
HETATM 1390 O O   . HOH B 2 .   ? -2.141  15.657  -9.082  1.00 39.02  ? 206 HOH A O   1 
HETATM 1391 O O   . HOH B 2 .   ? 1.829   -4.851  -11.653 1.00 53.39  ? 207 HOH A O   1 
HETATM 1392 O O   . HOH B 2 .   ? -17.368 -12.013 -2.716  1.00 45.20  ? 208 HOH A O   1 
HETATM 1393 O O   . HOH B 2 .   ? 3.117   10.327  -7.924  1.00 45.54  ? 209 HOH A O   1 
HETATM 1394 O O   . HOH B 2 .   ? 9.728   1.961   8.674   1.00 52.49  ? 210 HOH A O   1 
HETATM 1395 O O   . HOH B 2 .   ? 10.223  -1.376  6.969   1.00 44.22  ? 211 HOH A O   1 
HETATM 1396 O O   . HOH B 2 .   ? -9.496  0.140   -12.930 1.00 68.56  ? 212 HOH A O   1 
HETATM 1397 O O   . HOH B 2 .   ? 4.883   -7.941  -13.809 1.00 41.68  ? 213 HOH A O   1 
HETATM 1398 O O   . HOH B 2 .   ? -1.763  -10.446 -17.216 1.00 41.37  ? 214 HOH A O   1 
HETATM 1399 O O   . HOH B 2 .   ? -4.380  -10.672 -16.322 1.00 42.29  ? 215 HOH A O   1 
HETATM 1400 O O   . HOH B 2 .   ? 2.895   12.931  -8.662  1.00 45.25  ? 216 HOH A O   1 
HETATM 1401 O O   . HOH B 2 .   ? -9.514  -16.523 -3.822  1.00 51.92  ? 217 HOH A O   1 
HETATM 1402 O O   . HOH B 2 .   ? -5.974  -3.982  -13.235 1.00 51.99  ? 218 HOH A O   1 
HETATM 1403 O O   . HOH B 2 .   ? -10.409 -12.915 5.221   1.00 50.63  ? 219 HOH A O   1 
HETATM 1404 O O   . HOH B 2 .   ? -17.027 9.837   2.541   1.00 69.29  ? 220 HOH A O   1 
HETATM 1405 O O   . HOH B 2 .   ? -6.440  -7.879  7.897   1.00 52.94  ? 221 HOH A O   1 
HETATM 1406 O O   . HOH B 2 .   ? 1.782   -9.309  16.330  1.00 65.85  ? 222 HOH A O   1 
HETATM 1407 O O   . HOH B 2 .   ? -3.231  -0.404  16.239  1.00 64.38  ? 223 HOH A O   1 
HETATM 1408 O O   . HOH B 2 .   ? -4.000  3.335   17.475  1.00 65.40  ? 224 HOH A O   1 
HETATM 1409 O O   . HOH B 2 .   ? -15.160 -10.168 -5.079  1.00 32.55  ? 225 HOH A O   1 
HETATM 1410 O O   . HOH B 2 .   ? -13.429 -16.998 -14.852 1.00 65.66  ? 226 HOH A O   1 
HETATM 1411 O O   . HOH B 2 .   ? 14.555  -14.682 -1.750  0.50 126.26 ? 227 HOH A O   1 
HETATM 1412 O O   . HOH B 2 .   ? 8.827   -0.769  -16.377 1.00 56.54  ? 228 HOH A O   1 
HETATM 1413 O O   . HOH B 2 .   ? 9.885   22.083  -7.814  1.00 80.38  ? 229 HOH A O   1 
HETATM 1414 O O   . HOH B 2 .   ? 0.112   24.343  2.675   1.00 66.54  ? 230 HOH A O   1 
HETATM 1415 O O   . HOH B 2 .   ? 8.396   24.239  5.234   1.00 55.24  ? 231 HOH A O   1 
HETATM 1416 O O   . HOH B 2 .   ? -3.257  22.423  6.563   1.00 63.06  ? 232 HOH A O   1 
HETATM 1417 O O   . HOH B 2 .   ? -2.025  18.725  4.031   1.00 65.05  ? 233 HOH A O   1 
HETATM 1418 O O   . HOH B 2 .   ? 17.157  -13.417 -5.406  0.50 40.09  ? 234 HOH A O   1 
HETATM 1419 O O   . HOH B 2 .   ? 21.058  -3.392  -16.065 1.00 83.88  ? 235 HOH A O   1 
HETATM 1420 O O   . HOH B 2 .   ? 20.469  -3.988  -12.362 1.00 67.38  ? 236 HOH A O   1 
HETATM 1421 O O   . HOH B 2 .   ? 2.973   -8.040  5.232   1.00 40.91  ? 237 HOH A O   1 
HETATM 1422 O O   . HOH B 2 .   ? 11.108  -7.015  9.622   1.00 67.85  ? 238 HOH A O   1 
HETATM 1423 O O   . HOH B 2 .   ? -11.974 3.124   -14.996 1.00 85.88  ? 239 HOH A O   1 
HETATM 1424 O O   . HOH B 2 .   ? 7.930   1.643   -15.751 1.00 92.90  ? 240 HOH A O   1 
HETATM 1425 O O   . HOH B 2 .   ? -2.895  21.480  -2.135  1.00 56.50  ? 241 HOH A O   1 
HETATM 1426 O O   . HOH B 2 .   ? -0.846  21.141  -0.543  1.00 62.53  ? 242 HOH A O   1 
HETATM 1427 O O   . HOH B 2 .   ? -7.688  9.253   -14.711 1.00 69.52  ? 243 HOH A O   1 
HETATM 1428 O O   . HOH B 2 .   ? -7.932  11.638  -13.669 1.00 57.92  ? 244 HOH A O   1 
HETATM 1429 O O   . HOH B 2 .   ? -14.779 13.254  5.355   1.00 59.21  ? 245 HOH A O   1 
HETATM 1430 O O   . HOH B 2 .   ? -12.857 11.272  8.074   1.00 62.94  ? 246 HOH A O   1 
HETATM 1431 O O   . HOH B 2 .   ? -14.350 7.270   11.531  1.00 49.79  ? 247 HOH A O   1 
HETATM 1432 O O   . HOH B 2 .   ? -12.846 8.953   5.323   1.00 47.12  ? 248 HOH A O   1 
HETATM 1433 O O   . HOH B 2 .   ? 2.957   -8.813  10.058  1.00 60.60  ? 249 HOH A O   1 
HETATM 1434 O O   . HOH B 2 .   ? 8.049   -17.844 7.402   0.50 60.98  ? 250 HOH A O   1 
HETATM 1435 O O   . HOH B 2 .   ? -0.784  1.043   -14.617 1.00 60.96  ? 251 HOH A O   1 
HETATM 1436 O O   . HOH B 2 .   ? -23.355 8.871   4.617   1.00 68.58  ? 252 HOH A O   1 
HETATM 1437 O O   . HOH B 2 .   ? -13.706 17.373  -3.182  1.00 84.22  ? 253 HOH A O   1 
HETATM 1438 O O   . HOH B 2 .   ? -15.425 13.482  -2.578  1.00 56.45  ? 254 HOH A O   1 
HETATM 1439 O O   . HOH B 2 .   ? 3.344   0.617   24.135  1.00 62.49  ? 255 HOH A O   1 
HETATM 1440 O O   . HOH B 2 .   ? -7.233  1.272   15.566  1.00 53.98  ? 256 HOH A O   1 
HETATM 1441 O O   . HOH B 2 .   ? -15.054 -6.618  6.180   1.00 45.00  ? 257 HOH A O   1 
HETATM 1442 O O   . HOH B 2 .   ? 4.662   26.809  8.238   1.00 69.73  ? 258 HOH A O   1 
HETATM 1443 O O   . HOH B 2 .   ? 6.451   -18.622 9.655   0.50 92.80  ? 259 HOH A O   1 
HETATM 1444 O O   . HOH B 2 .   ? -16.180 10.892  7.730   1.00 70.19  ? 260 HOH A O   1 
HETATM 1445 O O   . HOH B 2 .   ? -19.371 11.994  -2.116  1.00 82.76  ? 261 HOH A O   1 
HETATM 1446 O O   . HOH B 2 .   ? 1.104   7.708   14.002  1.00 49.19  ? 262 HOH A O   1 
HETATM 1447 O O   . HOH B 2 .   ? -5.528  -0.262  10.888  1.00 66.42  ? 263 HOH A O   1 
HETATM 1448 O O   . HOH B 2 .   ? 14.644  -7.511  -13.335 1.00 77.37  ? 264 HOH A O   1 
HETATM 1449 O O   . HOH B 2 .   ? 4.610   1.191   -15.849 1.00 77.16  ? 265 HOH A O   1 
HETATM 1450 O O   . HOH B 2 .   ? 5.883   -10.294 6.654   1.00 57.91  ? 266 HOH A O   1 
HETATM 1451 O O   . HOH B 2 .   ? -7.617  -1.066  13.010  1.00 20.00  ? 267 HOH A O   1 
HETATM 1452 O O   . HOH B 2 .   ? 10.599  -1.424  10.339  1.00 20.00  ? 268 HOH A O   1 
# 
loop_
_pdbx_poly_seq_scheme.asym_id 
_pdbx_poly_seq_scheme.entity_id 
_pdbx_poly_seq_scheme.seq_id 
_pdbx_poly_seq_scheme.mon_id 
_pdbx_poly_seq_scheme.ndb_seq_num 
_pdbx_poly_seq_scheme.pdb_seq_num 
_pdbx_poly_seq_scheme.auth_seq_num 
_pdbx_poly_seq_scheme.pdb_mon_id 
_pdbx_poly_seq_scheme.auth_mon_id 
_pdbx_poly_seq_scheme.pdb_strand_id 
_pdbx_poly_seq_scheme.pdb_ins_code 
_pdbx_poly_seq_scheme.hetero 
A 1 1   MET 1   1   1   MET MET A . n 
A 1 2   GLN 2   2   2   GLN GLN A . n 
A 1 3   LYS 3   3   3   LYS LYS A . n 
A 1 4   ILE 4   4   4   ILE ILE A . n 
A 1 5   ALA 5   5   5   ALA ALA A . n 
A 1 6   LEU 6   6   6   LEU LEU A . n 
A 1 7   CYS 7   7   7   CYS CYS A . n 
A 1 8   ILE 8   8   8   ILE ILE A . n 
A 1 9   THR 9   9   9   THR THR A . n 
A 1 10  GLY 10  10  10  GLY GLY A . n 
A 1 11  ALA 11  11  11  ALA ALA A . n 
A 1 12  SER 12  12  12  SER SER A . n 
A 1 13  GLY 13  13  13  GLY GLY A . n 
A 1 14  VAL 14  14  14  VAL VAL A . n 
A 1 15  ILE 15  15  15  ILE ILE A . n 
A 1 16  TYR 16  16  16  TYR TYR A . n 
A 1 17  GLY 17  17  17  GLY GLY A . n 
A 1 18  ILE 18  18  18  ILE ILE A . n 
A 1 19  LYS 19  19  19  LYS LYS A . n 
A 1 20  LEU 20  20  20  LEU LEU A . n 
A 1 21  LEU 21  21  21  LEU LEU A . n 
A 1 22  GLN 22  22  22  GLN GLN A . n 
A 1 23  VAL 23  23  23  VAL VAL A . n 
A 1 24  LEU 24  24  24  LEU LEU A . n 
A 1 25  GLU 25  25  25  GLU GLU A . n 
A 1 26  GLU 26  26  26  GLU GLU A . n 
A 1 27  LEU 27  27  27  LEU LEU A . n 
A 1 28  ASP 28  28  28  ASP ASP A . n 
A 1 29  PHE 29  29  29  PHE PHE A . n 
A 1 30  SER 30  30  30  SER SER A . n 
A 1 31  VAL 31  31  31  VAL VAL A . n 
A 1 32  ASP 32  32  32  ASP ASP A . n 
A 1 33  LEU 33  33  33  LEU LEU A . n 
A 1 34  VAL 34  34  34  VAL VAL A . n 
A 1 35  ILE 35  35  35  ILE ILE A . n 
A 1 36  SER 36  36  36  SER SER A . n 
A 1 37  ARG 37  37  37  ARG ARG A . n 
A 1 38  ASN 38  38  38  ASN ASN A . n 
A 1 39  ALA 39  39  39  ALA ALA A . n 
A 1 40  LYS 40  40  40  LYS LYS A . n 
A 1 41  VAL 41  41  41  VAL VAL A . n 
A 1 42  VAL 42  42  42  VAL VAL A . n 
A 1 43  LEU 43  43  43  LEU LEU A . n 
A 1 44  LYS 44  44  44  LYS LYS A . n 
A 1 45  GLU 45  45  45  GLU GLU A . n 
A 1 46  GLU 46  46  46  GLU GLU A . n 
A 1 47  HIS 47  47  ?   ?   ?   A . n 
A 1 48  SER 48  48  ?   ?   ?   A . n 
A 1 49  LEU 49  49  ?   ?   ?   A . n 
A 1 50  THR 50  50  ?   ?   ?   A . n 
A 1 51  PHE 51  51  ?   ?   ?   A . n 
A 1 52  GLU 52  52  ?   ?   ?   A . n 
A 1 53  GLU 53  53  ?   ?   ?   A . n 
A 1 54  VAL 54  54  54  VAL VAL A . n 
A 1 55  LEU 55  55  55  LEU LEU A . n 
A 1 56  LYS 56  56  56  LYS LYS A . n 
A 1 57  GLY 57  57  57  GLY GLY A . n 
A 1 58  LEU 58  58  58  LEU LEU A . n 
A 1 59  LYS 59  59  59  LYS LYS A . n 
A 1 60  ASN 60  60  60  ASN ASN A . n 
A 1 61  VAL 61  61  61  VAL VAL A . n 
A 1 62  ARG 62  62  62  ARG ARG A . n 
A 1 63  ILE 63  63  63  ILE ILE A . n 
A 1 64  HIS 64  64  64  HIS HIS A . n 
A 1 65  GLU 65  65  65  GLU GLU A . n 
A 1 66  GLU 66  66  66  GLU GLU A . n 
A 1 67  ASN 67  67  67  ASN ASN A . n 
A 1 68  ASP 68  68  68  ASP ASP A . n 
A 1 69  PHE 69  69  69  PHE PHE A . n 
A 1 70  THR 70  70  70  THR THR A . n 
A 1 71  SER 71  71  71  SER SER A . n 
A 1 72  PRO 72  72  72  PRO PRO A . n 
A 1 73  LEU 73  73  73  LEU LEU A . n 
A 1 74  ALA 74  74  74  ALA ALA A . n 
A 1 75  SER 75  75  75  SER SER A . n 
A 1 76  GLY 76  76  76  GLY GLY A . n 
A 1 77  SER 77  77  77  SER SER A . n 
A 1 78  ARG 78  78  78  ARG ARG A . n 
A 1 79  LEU 79  79  79  LEU LEU A . n 
A 1 80  VAL 80  80  80  VAL VAL A . n 
A 1 81  HIS 81  81  81  HIS HIS A . n 
A 1 82  TYR 82  82  82  TYR TYR A . n 
A 1 83  ARG 83  83  83  ARG ARG A . n 
A 1 84  GLY 84  84  84  GLY GLY A . n 
A 1 85  VAL 85  85  85  VAL VAL A . n 
A 1 86  TYR 86  86  86  TYR TYR A . n 
A 1 87  VAL 87  87  87  VAL VAL A . n 
A 1 88  VAL 88  88  88  VAL VAL A . n 
A 1 89  PRO 89  89  89  PRO PRO A . n 
A 1 90  CYS 90  90  90  CYS CYS A . n 
A 1 91  SER 91  91  91  SER SER A . n 
A 1 92  THR 92  92  92  THR THR A . n 
A 1 93  ASN 93  93  93  ASN ASN A . n 
A 1 94  THR 94  94  94  THR THR A . n 
A 1 95  LEU 95  95  95  LEU LEU A . n 
A 1 96  SER 96  96  96  SER SER A . n 
A 1 97  CYS 97  97  97  CYS CYS A . n 
A 1 98  ILE 98  98  98  ILE ILE A . n 
A 1 99  ALA 99  99  99  ALA ALA A . n 
A 1 100 ASN 100 100 100 ASN ASN A . n 
A 1 101 GLY 101 101 101 GLY GLY A . n 
A 1 102 ILE 102 102 102 ILE ILE A . n 
A 1 103 ASN 103 103 103 ASN ASN A . n 
A 1 104 LYS 104 104 104 LYS LYS A . n 
A 1 105 ASN 105 105 105 ASN ASN A . n 
A 1 106 LEU 106 106 106 LEU LEU A . n 
A 1 107 ILE 107 107 107 ILE ILE A . n 
A 1 108 HIS 108 108 108 HIS HIS A . n 
A 1 109 ARG 109 109 109 ARG ARG A . n 
A 1 110 VAL 110 110 110 VAL VAL A . n 
A 1 111 GLY 111 111 111 GLY GLY A . n 
A 1 112 GLU 112 112 112 GLU GLU A . n 
A 1 113 VAL 113 113 113 VAL VAL A . n 
A 1 114 ALA 114 114 114 ALA ALA A . n 
A 1 115 LEU 115 115 115 LEU LEU A . n 
A 1 116 LYS 116 116 116 LYS LYS A . n 
A 1 117 GLU 117 117 117 GLU GLU A . n 
A 1 118 ARG 118 118 118 ARG ARG A . n 
A 1 119 VAL 119 119 119 VAL VAL A . n 
A 1 120 PRO 120 120 120 PRO PRO A . n 
A 1 121 LEU 121 121 121 LEU LEU A . n 
A 1 122 VAL 122 122 122 VAL VAL A . n 
A 1 123 LEU 123 123 123 LEU LEU A . n 
A 1 124 LEU 124 124 124 LEU LEU A . n 
A 1 125 VAL 125 125 125 VAL VAL A . n 
A 1 126 ARG 126 126 126 ARG ARG A . n 
A 1 127 GLU 127 127 127 GLU GLU A . n 
A 1 128 ALA 128 128 128 ALA ALA A . n 
A 1 129 PRO 129 129 129 PRO PRO A . n 
A 1 130 TYR 130 130 130 TYR TYR A . n 
A 1 131 ASN 131 131 131 ASN ASN A . n 
A 1 132 GLU 132 132 132 GLU GLU A . n 
A 1 133 ILE 133 133 133 ILE ILE A . n 
A 1 134 HIS 134 134 134 HIS HIS A . n 
A 1 135 LEU 135 135 135 LEU LEU A . n 
A 1 136 GLU 136 136 136 GLU GLU A . n 
A 1 137 ASN 137 137 137 ASN ASN A . n 
A 1 138 MET 138 138 138 MET MET A . n 
A 1 139 LEU 139 139 139 LEU LEU A . n 
A 1 140 LYS 140 140 140 LYS LYS A . n 
A 1 141 ILE 141 141 141 ILE ILE A . n 
A 1 142 THR 142 142 142 THR THR A . n 
A 1 143 ARG 143 143 143 ARG ARG A . n 
A 1 144 MET 144 144 144 MET MET A . n 
A 1 145 GLY 145 145 145 GLY GLY A . n 
A 1 146 GLY 146 146 146 GLY GLY A . n 
A 1 147 VAL 147 147 147 VAL VAL A . n 
A 1 148 VAL 148 148 148 VAL VAL A . n 
A 1 149 VAL 149 149 149 VAL VAL A . n 
A 1 150 PRO 150 150 150 PRO PRO A . n 
A 1 151 ALA 151 151 151 ALA ALA A . n 
A 1 152 SER 152 152 152 SER SER A . n 
A 1 153 PRO 153 153 153 PRO PRO A . n 
A 1 154 ALA 154 154 154 ALA ALA A . n 
A 1 155 PHE 155 155 155 PHE PHE A . n 
A 1 156 TYR 156 156 156 TYR TYR A . n 
A 1 157 HIS 157 157 157 HIS HIS A . n 
A 1 158 LYS 158 158 158 LYS LYS A . n 
A 1 159 PRO 159 159 159 PRO PRO A . n 
A 1 160 GLN 160 160 160 GLN GLN A . n 
A 1 161 SER 161 161 161 SER SER A . n 
A 1 162 ILE 162 162 162 ILE ILE A . n 
A 1 163 ASP 163 163 163 ASP ASP A . n 
A 1 164 ASP 164 164 164 ASP ASP A . n 
A 1 165 MET 165 165 165 MET MET A . n 
A 1 166 ILE 166 166 166 ILE ILE A . n 
A 1 167 ASN 167 167 167 ASN ASN A . n 
A 1 168 PHE 168 168 168 PHE PHE A . n 
A 1 169 VAL 169 169 169 VAL VAL A . n 
A 1 170 VAL 170 170 170 VAL VAL A . n 
A 1 171 GLY 171 171 171 GLY GLY A . n 
A 1 172 LYS 172 172 172 LYS LYS A . n 
A 1 173 LEU 173 173 173 LEU LEU A . n 
A 1 174 LEU 174 174 174 LEU LEU A . n 
A 1 175 ASP 175 175 175 ASP ASP A . n 
A 1 176 VAL 176 176 176 VAL VAL A . n 
A 1 177 LEU 177 177 177 LEU LEU A . n 
A 1 178 ARG 178 178 178 ARG ARG A . n 
A 1 179 ILE 179 179 179 ILE ILE A . n 
A 1 180 GLU 180 180 180 GLU GLU A . n 
A 1 181 HIS 181 181 181 HIS HIS A . n 
A 1 182 ASN 182 182 182 ASN ASN A . n 
A 1 183 LEU 183 183 183 LEU LEU A . n 
A 1 184 TYR 184 184 ?   ?   ?   A . n 
A 1 185 LYS 185 185 ?   ?   ?   A . n 
A 1 186 ARG 186 186 ?   ?   ?   A . n 
A 1 187 TRP 187 187 ?   ?   ?   A . n 
A 1 188 ARG 188 188 ?   ?   ?   A . n 
A 1 189 GLY 189 189 ?   ?   ?   A . n 
# 
_pdbx_SG_project.id                    1 
_pdbx_SG_project.project_name          'NPPSFA, National Project on Protein Structural and Functional Analyses' 
_pdbx_SG_project.full_name_of_center   'RIKEN Structural Genomics/Proteomics Initiative' 
_pdbx_SG_project.initial_of_center     RSGI 
# 
loop_
_pdbx_nonpoly_scheme.asym_id 
_pdbx_nonpoly_scheme.entity_id 
_pdbx_nonpoly_scheme.mon_id 
_pdbx_nonpoly_scheme.ndb_seq_num 
_pdbx_nonpoly_scheme.pdb_seq_num 
_pdbx_nonpoly_scheme.auth_seq_num 
_pdbx_nonpoly_scheme.pdb_mon_id 
_pdbx_nonpoly_scheme.auth_mon_id 
_pdbx_nonpoly_scheme.pdb_strand_id 
_pdbx_nonpoly_scheme.pdb_ins_code 
B 2 HOH 1  190 3   HOH HOH A . 
B 2 HOH 2  191 4   HOH HOH A . 
B 2 HOH 3  192 6   HOH HOH A . 
B 2 HOH 4  193 7   HOH HOH A . 
B 2 HOH 5  194 8   HOH HOH A . 
B 2 HOH 6  195 9   HOH HOH A . 
B 2 HOH 7  196 10  HOH HOH A . 
B 2 HOH 8  197 11  HOH HOH A . 
B 2 HOH 9  198 12  HOH HOH A . 
B 2 HOH 10 199 13  HOH HOH A . 
B 2 HOH 11 200 14  HOH HOH A . 
B 2 HOH 12 201 16  HOH HOH A . 
B 2 HOH 13 202 17  HOH HOH A . 
B 2 HOH 14 203 18  HOH HOH A . 
B 2 HOH 15 204 19  HOH HOH A . 
B 2 HOH 16 205 20  HOH HOH A . 
B 2 HOH 17 206 22  HOH HOH A . 
B 2 HOH 18 207 24  HOH HOH A . 
B 2 HOH 19 208 25  HOH HOH A . 
B 2 HOH 20 209 26  HOH HOH A . 
B 2 HOH 21 210 28  HOH HOH A . 
B 2 HOH 22 211 29  HOH HOH A . 
B 2 HOH 23 212 32  HOH HOH A . 
B 2 HOH 24 213 33  HOH HOH A . 
B 2 HOH 25 214 34  HOH HOH A . 
B 2 HOH 26 215 37  HOH HOH A . 
B 2 HOH 27 216 39  HOH HOH A . 
B 2 HOH 28 217 42  HOH HOH A . 
B 2 HOH 29 218 44  HOH HOH A . 
B 2 HOH 30 219 45  HOH HOH A . 
B 2 HOH 31 220 48  HOH HOH A . 
B 2 HOH 32 221 50  HOH HOH A . 
B 2 HOH 33 222 51  HOH HOH A . 
B 2 HOH 34 223 52  HOH HOH A . 
B 2 HOH 35 224 54  HOH HOH A . 
B 2 HOH 36 225 57  HOH HOH A . 
B 2 HOH 37 226 58  HOH HOH A . 
B 2 HOH 38 227 60  HOH HOH A . 
B 2 HOH 39 228 62  HOH HOH A . 
B 2 HOH 40 229 63  HOH HOH A . 
B 2 HOH 41 230 65  HOH HOH A . 
B 2 HOH 42 231 66  HOH HOH A . 
B 2 HOH 43 232 67  HOH HOH A . 
B 2 HOH 44 233 68  HOH HOH A . 
B 2 HOH 45 234 72  HOH HOH A . 
B 2 HOH 46 235 73  HOH HOH A . 
B 2 HOH 47 236 74  HOH HOH A . 
B 2 HOH 48 237 78  HOH HOH A . 
B 2 HOH 49 238 79  HOH HOH A . 
B 2 HOH 50 239 81  HOH HOH A . 
B 2 HOH 51 240 83  HOH HOH A . 
B 2 HOH 52 241 85  HOH HOH A . 
B 2 HOH 53 242 86  HOH HOH A . 
B 2 HOH 54 243 87  HOH HOH A . 
B 2 HOH 55 244 88  HOH HOH A . 
B 2 HOH 56 245 90  HOH HOH A . 
B 2 HOH 57 246 91  HOH HOH A . 
B 2 HOH 58 247 96  HOH HOH A . 
B 2 HOH 59 248 98  HOH HOH A . 
B 2 HOH 60 249 99  HOH HOH A . 
B 2 HOH 61 250 100 HOH HOH A . 
B 2 HOH 62 251 101 HOH HOH A . 
B 2 HOH 63 252 106 HOH HOH A . 
B 2 HOH 64 253 107 HOH HOH A . 
B 2 HOH 65 254 109 HOH HOH A . 
B 2 HOH 66 255 111 HOH HOH A . 
B 2 HOH 67 256 114 HOH HOH A . 
B 2 HOH 68 257 116 HOH HOH A . 
B 2 HOH 69 258 117 HOH HOH A . 
B 2 HOH 70 259 118 HOH HOH A . 
B 2 HOH 71 260 119 HOH HOH A . 
B 2 HOH 72 261 120 HOH HOH A . 
B 2 HOH 73 262 121 HOH HOH A . 
B 2 HOH 74 263 122 HOH HOH A . 
B 2 HOH 75 264 123 HOH HOH A . 
B 2 HOH 76 265 124 HOH HOH A . 
B 2 HOH 77 266 125 HOH HOH A . 
B 2 HOH 78 267 126 HOH HOH A . 
B 2 HOH 79 268 127 HOH HOH A . 
# 
loop_
_pdbx_struct_assembly.id 
_pdbx_struct_assembly.details 
_pdbx_struct_assembly.method_details 
_pdbx_struct_assembly.oligomeric_details 
_pdbx_struct_assembly.oligomeric_count 
1 author_and_software_defined_assembly PISA dimeric     2  
2 software_defined_assembly            PISA dodecameric 12 
# 
loop_
_pdbx_struct_assembly_gen.assembly_id 
_pdbx_struct_assembly_gen.oper_expression 
_pdbx_struct_assembly_gen.asym_id_list 
1 1,2                        A,B 
2 1,3,4,2,5,6,7,8,9,10,11,12 A,B 
# 
loop_
_pdbx_struct_assembly_prop.biol_id 
_pdbx_struct_assembly_prop.type 
_pdbx_struct_assembly_prop.value 
_pdbx_struct_assembly_prop.details 
1 'ABSA (A^2)' 3250   ? 
1 MORE         -23.9  ? 
1 'SSA (A^2)'  15880  ? 
2 'ABSA (A^2)' 42150  ? 
2 MORE         -127.8 ? 
2 'SSA (A^2)'  72620  ? 
# 
loop_
_pdbx_struct_oper_list.id 
_pdbx_struct_oper_list.type 
_pdbx_struct_oper_list.name 
_pdbx_struct_oper_list.symmetry_operation 
_pdbx_struct_oper_list.matrix[1][1] 
_pdbx_struct_oper_list.matrix[1][2] 
_pdbx_struct_oper_list.matrix[1][3] 
_pdbx_struct_oper_list.vector[1] 
_pdbx_struct_oper_list.matrix[2][1] 
_pdbx_struct_oper_list.matrix[2][2] 
_pdbx_struct_oper_list.matrix[2][3] 
_pdbx_struct_oper_list.vector[2] 
_pdbx_struct_oper_list.matrix[3][1] 
_pdbx_struct_oper_list.matrix[3][2] 
_pdbx_struct_oper_list.matrix[3][3] 
_pdbx_struct_oper_list.vector[3] 
1  'identity operation'         1_555  x,y,z           1.0000000000  0.0000000000  0.0000000000  0.0000000000  0.0000000000  1.0000000000  0.0000000000  0.0000000000   0.0000000000  0.0000000000  1.0000000000  0.0000000000   
2  'crystal symmetry operation' 16_555 x,-y+1/2,-z+1/2 -0.5976003576 -0.5646231077 -0.5692754683 25.4239927997 -0.5646231077 -0.2077546295 0.7987732846  16.2272845959  -0.5692754683 0.7987732846  -0.1946450128 1.8766059875   
3  'crystal symmetry operation' 5_555  z,x,y           -0.0337072174 0.9062465046  -0.4214037214 27.6122285455 -0.4527598774 -0.3897419558 -0.8019412081 -15.2132814817 -0.8909951273 0.1637634906  0.4234491731  14.3643421178  
4  'crystal symmetry operation' 9_555  y,z,x           -0.0337072174 -0.4527598774 -0.8909951273 6.8413267652  0.9062465046  -0.3897419558 0.1637634906  -33.3050944870 -0.4214037214 -0.8019412081 0.4234491731  -6.6468302575  
5  'crystal symmetry operation' 18_555 z,-x+1/2,-y+1/2 0.7830038026  -0.4147424588 0.4635663254  9.3354178287  -0.5986082700 -0.2999071208 0.7427811643  15.2712646966  -0.1690360444 -0.8590951122 -0.4830966817 -28.7902687232 
6  'crystal symmetry operation' 23_555 y,-z+1/2,-x+1/2 -0.2516494717 0.9471522357  0.1989351294  43.9243168374 -0.5058510677 -0.3039598282 0.8072937013  13.9744905471  0.8250983218  0.1025234859  0.5556092999  -27.3274408663 
7  'crystal symmetry operation' 27_555 -x+1/2,y,-z+1/2 -0.7976428619 -0.3505921766 0.4907657186  50.3118805396 -0.3505921766 -0.3925844403 -0.8502720640 -18.6318941212 0.4907657186  -0.8502720640 0.1902273022  -34.0552810422 
8  'crystal symmetry operation' 32_555 -z+1/2,x,-y+1/2 -0.2516494717 -0.5058510677 0.8250983218  40.6703676906 0.9471522357  -0.3039598282 0.1025234859  -34.5536266530 0.1989351294  0.8072937013  0.5556092999  -4.8362275611  
9  'crystal symmetry operation' 34_555 -y+1/2,z,-x+1/2 -0.4976471135 0.1042159116  0.8610960424  53.2694142203 0.0143470219  0.9936089048  -0.1119620797 -2.3037338005  -0.8672609258 -0.0433634420 -0.4959617913 -3.6438095514  
10 'crystal symmetry operation' 38_555 -x+1/2,-y+1/2,z 0.3952432195  0.9152152843  0.0785097497  25.2644290217 0.9152152843  -0.3996609301 0.0514987795  -35.5115521831 0.0785097497  0.0514987795  -0.9955822894 -35.0186820178 
11 'crystal symmetry operation' 43_555 -z+1/2,-x+1/2,y -0.4976471135 0.0143470219  -0.8672609258 23.3822882962 0.1042159116  0.9936089048  -0.0433634420 -3.4205182701  0.8610960424  -0.1119620797 -0.4959617913 -47.9352029060 
12 'crystal symmetry operation' 48_555 -y+1/2,-z+1/2,x 0.7830038026  -0.5986082700 -0.1690360444 -3.0347554619 -0.4147424588 -0.2999071208 -0.8590951122 -16.2818239680 0.4635663254  0.7427811643  -0.4830966817 -29.5792763972  
# 
loop_
_pdbx_struct_special_symmetry.id 
_pdbx_struct_special_symmetry.PDB_model_num 
_pdbx_struct_special_symmetry.auth_asym_id 
_pdbx_struct_special_symmetry.auth_comp_id 
_pdbx_struct_special_symmetry.auth_seq_id 
_pdbx_struct_special_symmetry.PDB_ins_code 
_pdbx_struct_special_symmetry.label_asym_id 
_pdbx_struct_special_symmetry.label_comp_id 
_pdbx_struct_special_symmetry.label_seq_id 
1 1 A HOH 227 ? B HOH . 
2 1 A HOH 234 ? B HOH . 
3 1 A HOH 250 ? B HOH . 
4 1 A HOH 259 ? B HOH . 
# 
loop_
_pdbx_audit_revision_history.ordinal 
_pdbx_audit_revision_history.data_content_type 
_pdbx_audit_revision_history.major_revision 
_pdbx_audit_revision_history.minor_revision 
_pdbx_audit_revision_history.revision_date 
1 'Structure model' 1 0 2008-03-18 
2 'Structure model' 1 1 2011-07-13 
3 'Structure model' 1 2 2023-10-25 
# 
_pdbx_audit_revision_details.ordinal             1 
_pdbx_audit_revision_details.revision_ordinal    1 
_pdbx_audit_revision_details.data_content_type   'Structure model' 
_pdbx_audit_revision_details.provider            repository 
_pdbx_audit_revision_details.type                'Initial release' 
_pdbx_audit_revision_details.description         ? 
_pdbx_audit_revision_details.details             ? 
# 
loop_
_pdbx_audit_revision_group.ordinal 
_pdbx_audit_revision_group.revision_ordinal 
_pdbx_audit_revision_group.data_content_type 
_pdbx_audit_revision_group.group 
1 2 'Structure model' 'Version format compliance' 
2 3 'Structure model' 'Data collection'           
3 3 'Structure model' 'Database references'       
4 3 'Structure model' 'Refinement description'    
# 
loop_
_pdbx_audit_revision_category.ordinal 
_pdbx_audit_revision_category.revision_ordinal 
_pdbx_audit_revision_category.data_content_type 
_pdbx_audit_revision_category.category 
1 3 'Structure model' chem_comp_atom                
2 3 'Structure model' chem_comp_bond                
3 3 'Structure model' database_2                    
4 3 'Structure model' pdbx_initial_refinement_model 
# 
loop_
_pdbx_audit_revision_item.ordinal 
_pdbx_audit_revision_item.revision_ordinal 
_pdbx_audit_revision_item.data_content_type 
_pdbx_audit_revision_item.item 
1 3 'Structure model' '_database_2.pdbx_DOI'                
2 3 'Structure model' '_database_2.pdbx_database_accession' 
# 
loop_
_software.name 
_software.classification 
_software.version 
_software.citation_id 
_software.pdbx_ordinal 
HKL-2000  'data collection' .   ? 1 
AMoRE     phasing           .   ? 2 
CNS       refinement        1.1 ? 3 
HKL-2000  'data reduction'  .   ? 4 
SCALEPACK 'data scaling'    .   ? 5 
# 
_pdbx_validate_symm_contact.id                1 
_pdbx_validate_symm_contact.PDB_model_num     1 
_pdbx_validate_symm_contact.auth_atom_id_1    CE 
_pdbx_validate_symm_contact.auth_asym_id_1    A 
_pdbx_validate_symm_contact.auth_comp_id_1    MET 
_pdbx_validate_symm_contact.auth_seq_id_1     165 
_pdbx_validate_symm_contact.PDB_ins_code_1    ? 
_pdbx_validate_symm_contact.label_alt_id_1    ? 
_pdbx_validate_symm_contact.site_symmetry_1   1_555 
_pdbx_validate_symm_contact.auth_atom_id_2    CE 
_pdbx_validate_symm_contact.auth_asym_id_2    A 
_pdbx_validate_symm_contact.auth_comp_id_2    MET 
_pdbx_validate_symm_contact.auth_seq_id_2     165 
_pdbx_validate_symm_contact.PDB_ins_code_2    ? 
_pdbx_validate_symm_contact.label_alt_id_2    ? 
_pdbx_validate_symm_contact.site_symmetry_2   16_555 
_pdbx_validate_symm_contact.dist              1.90 
# 
loop_
_pdbx_validate_rmsd_angle.id 
_pdbx_validate_rmsd_angle.PDB_model_num 
_pdbx_validate_rmsd_angle.auth_atom_id_1 
_pdbx_validate_rmsd_angle.auth_asym_id_1 
_pdbx_validate_rmsd_angle.auth_comp_id_1 
_pdbx_validate_rmsd_angle.auth_seq_id_1 
_pdbx_validate_rmsd_angle.PDB_ins_code_1 
_pdbx_validate_rmsd_angle.label_alt_id_1 
_pdbx_validate_rmsd_angle.auth_atom_id_2 
_pdbx_validate_rmsd_angle.auth_asym_id_2 
_pdbx_validate_rmsd_angle.auth_comp_id_2 
_pdbx_validate_rmsd_angle.auth_seq_id_2 
_pdbx_validate_rmsd_angle.PDB_ins_code_2 
_pdbx_validate_rmsd_angle.label_alt_id_2 
_pdbx_validate_rmsd_angle.auth_atom_id_3 
_pdbx_validate_rmsd_angle.auth_asym_id_3 
_pdbx_validate_rmsd_angle.auth_comp_id_3 
_pdbx_validate_rmsd_angle.auth_seq_id_3 
_pdbx_validate_rmsd_angle.PDB_ins_code_3 
_pdbx_validate_rmsd_angle.label_alt_id_3 
_pdbx_validate_rmsd_angle.angle_value 
_pdbx_validate_rmsd_angle.angle_target_value 
_pdbx_validate_rmsd_angle.angle_deviation 
_pdbx_validate_rmsd_angle.angle_standard_deviation 
_pdbx_validate_rmsd_angle.linker_flag 
1 1 CA A GLU 45 ? ? CB A GLU 45 ? ? CG  A GLU 45 ? ? 127.22 113.40 13.82  2.20 N 
2 1 N  A VAL 54 ? ? CA A VAL 54 ? ? CB  A VAL 54 ? ? 125.68 111.50 14.18  2.20 N 
3 1 CA A VAL 54 ? ? CB A VAL 54 ? ? CG1 A VAL 54 ? ? 94.14  110.90 -16.76 1.50 N 
4 1 CA A VAL 54 ? ? CB A VAL 54 ? ? CG2 A VAL 54 ? ? 127.90 110.90 17.00  1.50 N 
# 
loop_
_pdbx_validate_torsion.id 
_pdbx_validate_torsion.PDB_model_num 
_pdbx_validate_torsion.auth_comp_id 
_pdbx_validate_torsion.auth_asym_id 
_pdbx_validate_torsion.auth_seq_id 
_pdbx_validate_torsion.PDB_ins_code 
_pdbx_validate_torsion.label_alt_id 
_pdbx_validate_torsion.phi 
_pdbx_validate_torsion.psi 
1 1 GLU A 45  ? ? -59.67 -6.15 
2 1 LYS A 158 ? ? 44.74  70.39 
# 
loop_
_pdbx_unobs_or_zero_occ_residues.id 
_pdbx_unobs_or_zero_occ_residues.PDB_model_num 
_pdbx_unobs_or_zero_occ_residues.polymer_flag 
_pdbx_unobs_or_zero_occ_residues.occupancy_flag 
_pdbx_unobs_or_zero_occ_residues.auth_asym_id 
_pdbx_unobs_or_zero_occ_residues.auth_comp_id 
_pdbx_unobs_or_zero_occ_residues.auth_seq_id 
_pdbx_unobs_or_zero_occ_residues.PDB_ins_code 
_pdbx_unobs_or_zero_occ_residues.label_asym_id 
_pdbx_unobs_or_zero_occ_residues.label_comp_id 
_pdbx_unobs_or_zero_occ_residues.label_seq_id 
1  1 Y 1 A HIS 47  ? A HIS 47  
2  1 Y 1 A SER 48  ? A SER 48  
3  1 Y 1 A LEU 49  ? A LEU 49  
4  1 Y 1 A THR 50  ? A THR 50  
5  1 Y 1 A PHE 51  ? A PHE 51  
6  1 Y 1 A GLU 52  ? A GLU 52  
7  1 Y 1 A GLU 53  ? A GLU 53  
8  1 Y 1 A TYR 184 ? A TYR 184 
9  1 Y 1 A LYS 185 ? A LYS 185 
10 1 Y 1 A ARG 186 ? A ARG 186 
11 1 Y 1 A TRP 187 ? A TRP 187 
12 1 Y 1 A ARG 188 ? A ARG 188 
13 1 Y 1 A GLY 189 ? A GLY 189 
# 
loop_
_chem_comp_atom.comp_id 
_chem_comp_atom.atom_id 
_chem_comp_atom.type_symbol 
_chem_comp_atom.pdbx_aromatic_flag 
_chem_comp_atom.pdbx_stereo_config 
_chem_comp_atom.pdbx_ordinal 
ALA N    N N N 1   
ALA CA   C N S 2   
ALA C    C N N 3   
ALA O    O N N 4   
ALA CB   C N N 5   
ALA OXT  O N N 6   
ALA H    H N N 7   
ALA H2   H N N 8   
ALA HA   H N N 9   
ALA HB1  H N N 10  
ALA HB2  H N N 11  
ALA HB3  H N N 12  
ALA HXT  H N N 13  
ARG N    N N N 14  
ARG CA   C N S 15  
ARG C    C N N 16  
ARG O    O N N 17  
ARG CB   C N N 18  
ARG CG   C N N 19  
ARG CD   C N N 20  
ARG NE   N N N 21  
ARG CZ   C N N 22  
ARG NH1  N N N 23  
ARG NH2  N N N 24  
ARG OXT  O N N 25  
ARG H    H N N 26  
ARG H2   H N N 27  
ARG HA   H N N 28  
ARG HB2  H N N 29  
ARG HB3  H N N 30  
ARG HG2  H N N 31  
ARG HG3  H N N 32  
ARG HD2  H N N 33  
ARG HD3  H N N 34  
ARG HE   H N N 35  
ARG HH11 H N N 36  
ARG HH12 H N N 37  
ARG HH21 H N N 38  
ARG HH22 H N N 39  
ARG HXT  H N N 40  
ASN N    N N N 41  
ASN CA   C N S 42  
ASN C    C N N 43  
ASN O    O N N 44  
ASN CB   C N N 45  
ASN CG   C N N 46  
ASN OD1  O N N 47  
ASN ND2  N N N 48  
ASN OXT  O N N 49  
ASN H    H N N 50  
ASN H2   H N N 51  
ASN HA   H N N 52  
ASN HB2  H N N 53  
ASN HB3  H N N 54  
ASN HD21 H N N 55  
ASN HD22 H N N 56  
ASN HXT  H N N 57  
ASP N    N N N 58  
ASP CA   C N S 59  
ASP C    C N N 60  
ASP O    O N N 61  
ASP CB   C N N 62  
ASP CG   C N N 63  
ASP OD1  O N N 64  
ASP OD2  O N N 65  
ASP OXT  O N N 66  
ASP H    H N N 67  
ASP H2   H N N 68  
ASP HA   H N N 69  
ASP HB2  H N N 70  
ASP HB3  H N N 71  
ASP HD2  H N N 72  
ASP HXT  H N N 73  
CYS N    N N N 74  
CYS CA   C N R 75  
CYS C    C N N 76  
CYS O    O N N 77  
CYS CB   C N N 78  
CYS SG   S N N 79  
CYS OXT  O N N 80  
CYS H    H N N 81  
CYS H2   H N N 82  
CYS HA   H N N 83  
CYS HB2  H N N 84  
CYS HB3  H N N 85  
CYS HG   H N N 86  
CYS HXT  H N N 87  
GLN N    N N N 88  
GLN CA   C N S 89  
GLN C    C N N 90  
GLN O    O N N 91  
GLN CB   C N N 92  
GLN CG   C N N 93  
GLN CD   C N N 94  
GLN OE1  O N N 95  
GLN NE2  N N N 96  
GLN OXT  O N N 97  
GLN H    H N N 98  
GLN H2   H N N 99  
GLN HA   H N N 100 
GLN HB2  H N N 101 
GLN HB3  H N N 102 
GLN HG2  H N N 103 
GLN HG3  H N N 104 
GLN HE21 H N N 105 
GLN HE22 H N N 106 
GLN HXT  H N N 107 
GLU N    N N N 108 
GLU CA   C N S 109 
GLU C    C N N 110 
GLU O    O N N 111 
GLU CB   C N N 112 
GLU CG   C N N 113 
GLU CD   C N N 114 
GLU OE1  O N N 115 
GLU OE2  O N N 116 
GLU OXT  O N N 117 
GLU H    H N N 118 
GLU H2   H N N 119 
GLU HA   H N N 120 
GLU HB2  H N N 121 
GLU HB3  H N N 122 
GLU HG2  H N N 123 
GLU HG3  H N N 124 
GLU HE2  H N N 125 
GLU HXT  H N N 126 
GLY N    N N N 127 
GLY CA   C N N 128 
GLY C    C N N 129 
GLY O    O N N 130 
GLY OXT  O N N 131 
GLY H    H N N 132 
GLY H2   H N N 133 
GLY HA2  H N N 134 
GLY HA3  H N N 135 
GLY HXT  H N N 136 
HIS N    N N N 137 
HIS CA   C N S 138 
HIS C    C N N 139 
HIS O    O N N 140 
HIS CB   C N N 141 
HIS CG   C Y N 142 
HIS ND1  N Y N 143 
HIS CD2  C Y N 144 
HIS CE1  C Y N 145 
HIS NE2  N Y N 146 
HIS OXT  O N N 147 
HIS H    H N N 148 
HIS H2   H N N 149 
HIS HA   H N N 150 
HIS HB2  H N N 151 
HIS HB3  H N N 152 
HIS HD1  H N N 153 
HIS HD2  H N N 154 
HIS HE1  H N N 155 
HIS HE2  H N N 156 
HIS HXT  H N N 157 
HOH O    O N N 158 
HOH H1   H N N 159 
HOH H2   H N N 160 
ILE N    N N N 161 
ILE CA   C N S 162 
ILE C    C N N 163 
ILE O    O N N 164 
ILE CB   C N S 165 
ILE CG1  C N N 166 
ILE CG2  C N N 167 
ILE CD1  C N N 168 
ILE OXT  O N N 169 
ILE H    H N N 170 
ILE H2   H N N 171 
ILE HA   H N N 172 
ILE HB   H N N 173 
ILE HG12 H N N 174 
ILE HG13 H N N 175 
ILE HG21 H N N 176 
ILE HG22 H N N 177 
ILE HG23 H N N 178 
ILE HD11 H N N 179 
ILE HD12 H N N 180 
ILE HD13 H N N 181 
ILE HXT  H N N 182 
LEU N    N N N 183 
LEU CA   C N S 184 
LEU C    C N N 185 
LEU O    O N N 186 
LEU CB   C N N 187 
LEU CG   C N N 188 
LEU CD1  C N N 189 
LEU CD2  C N N 190 
LEU OXT  O N N 191 
LEU H    H N N 192 
LEU H2   H N N 193 
LEU HA   H N N 194 
LEU HB2  H N N 195 
LEU HB3  H N N 196 
LEU HG   H N N 197 
LEU HD11 H N N 198 
LEU HD12 H N N 199 
LEU HD13 H N N 200 
LEU HD21 H N N 201 
LEU HD22 H N N 202 
LEU HD23 H N N 203 
LEU HXT  H N N 204 
LYS N    N N N 205 
LYS CA   C N S 206 
LYS C    C N N 207 
LYS O    O N N 208 
LYS CB   C N N 209 
LYS CG   C N N 210 
LYS CD   C N N 211 
LYS CE   C N N 212 
LYS NZ   N N N 213 
LYS OXT  O N N 214 
LYS H    H N N 215 
LYS H2   H N N 216 
LYS HA   H N N 217 
LYS HB2  H N N 218 
LYS HB3  H N N 219 
LYS HG2  H N N 220 
LYS HG3  H N N 221 
LYS HD2  H N N 222 
LYS HD3  H N N 223 
LYS HE2  H N N 224 
LYS HE3  H N N 225 
LYS HZ1  H N N 226 
LYS HZ2  H N N 227 
LYS HZ3  H N N 228 
LYS HXT  H N N 229 
MET N    N N N 230 
MET CA   C N S 231 
MET C    C N N 232 
MET O    O N N 233 
MET CB   C N N 234 
MET CG   C N N 235 
MET SD   S N N 236 
MET CE   C N N 237 
MET OXT  O N N 238 
MET H    H N N 239 
MET H2   H N N 240 
MET HA   H N N 241 
MET HB2  H N N 242 
MET HB3  H N N 243 
MET HG2  H N N 244 
MET HG3  H N N 245 
MET HE1  H N N 246 
MET HE2  H N N 247 
MET HE3  H N N 248 
MET HXT  H N N 249 
PHE N    N N N 250 
PHE CA   C N S 251 
PHE C    C N N 252 
PHE O    O N N 253 
PHE CB   C N N 254 
PHE CG   C Y N 255 
PHE CD1  C Y N 256 
PHE CD2  C Y N 257 
PHE CE1  C Y N 258 
PHE CE2  C Y N 259 
PHE CZ   C Y N 260 
PHE OXT  O N N 261 
PHE H    H N N 262 
PHE H2   H N N 263 
PHE HA   H N N 264 
PHE HB2  H N N 265 
PHE HB3  H N N 266 
PHE HD1  H N N 267 
PHE HD2  H N N 268 
PHE HE1  H N N 269 
PHE HE2  H N N 270 
PHE HZ   H N N 271 
PHE HXT  H N N 272 
PRO N    N N N 273 
PRO CA   C N S 274 
PRO C    C N N 275 
PRO O    O N N 276 
PRO CB   C N N 277 
PRO CG   C N N 278 
PRO CD   C N N 279 
PRO OXT  O N N 280 
PRO H    H N N 281 
PRO HA   H N N 282 
PRO HB2  H N N 283 
PRO HB3  H N N 284 
PRO HG2  H N N 285 
PRO HG3  H N N 286 
PRO HD2  H N N 287 
PRO HD3  H N N 288 
PRO HXT  H N N 289 
SER N    N N N 290 
SER CA   C N S 291 
SER C    C N N 292 
SER O    O N N 293 
SER CB   C N N 294 
SER OG   O N N 295 
SER OXT  O N N 296 
SER H    H N N 297 
SER H2   H N N 298 
SER HA   H N N 299 
SER HB2  H N N 300 
SER HB3  H N N 301 
SER HG   H N N 302 
SER HXT  H N N 303 
THR N    N N N 304 
THR CA   C N S 305 
THR C    C N N 306 
THR O    O N N 307 
THR CB   C N R 308 
THR OG1  O N N 309 
THR CG2  C N N 310 
THR OXT  O N N 311 
THR H    H N N 312 
THR H2   H N N 313 
THR HA   H N N 314 
THR HB   H N N 315 
THR HG1  H N N 316 
THR HG21 H N N 317 
THR HG22 H N N 318 
THR HG23 H N N 319 
THR HXT  H N N 320 
TRP N    N N N 321 
TRP CA   C N S 322 
TRP C    C N N 323 
TRP O    O N N 324 
TRP CB   C N N 325 
TRP CG   C Y N 326 
TRP CD1  C Y N 327 
TRP CD2  C Y N 328 
TRP NE1  N Y N 329 
TRP CE2  C Y N 330 
TRP CE3  C Y N 331 
TRP CZ2  C Y N 332 
TRP CZ3  C Y N 333 
TRP CH2  C Y N 334 
TRP OXT  O N N 335 
TRP H    H N N 336 
TRP H2   H N N 337 
TRP HA   H N N 338 
TRP HB2  H N N 339 
TRP HB3  H N N 340 
TRP HD1  H N N 341 
TRP HE1  H N N 342 
TRP HE3  H N N 343 
TRP HZ2  H N N 344 
TRP HZ3  H N N 345 
TRP HH2  H N N 346 
TRP HXT  H N N 347 
TYR N    N N N 348 
TYR CA   C N S 349 
TYR C    C N N 350 
TYR O    O N N 351 
TYR CB   C N N 352 
TYR CG   C Y N 353 
TYR CD1  C Y N 354 
TYR CD2  C Y N 355 
TYR CE1  C Y N 356 
TYR CE2  C Y N 357 
TYR CZ   C Y N 358 
TYR OH   O N N 359 
TYR OXT  O N N 360 
TYR H    H N N 361 
TYR H2   H N N 362 
TYR HA   H N N 363 
TYR HB2  H N N 364 
TYR HB3  H N N 365 
TYR HD1  H N N 366 
TYR HD2  H N N 367 
TYR HE1  H N N 368 
TYR HE2  H N N 369 
TYR HH   H N N 370 
TYR HXT  H N N 371 
VAL N    N N N 372 
VAL CA   C N S 373 
VAL C    C N N 374 
VAL O    O N N 375 
VAL CB   C N N 376 
VAL CG1  C N N 377 
VAL CG2  C N N 378 
VAL OXT  O N N 379 
VAL H    H N N 380 
VAL H2   H N N 381 
VAL HA   H N N 382 
VAL HB   H N N 383 
VAL HG11 H N N 384 
VAL HG12 H N N 385 
VAL HG13 H N N 386 
VAL HG21 H N N 387 
VAL HG22 H N N 388 
VAL HG23 H N N 389 
VAL HXT  H N N 390 
# 
loop_
_chem_comp_bond.comp_id 
_chem_comp_bond.atom_id_1 
_chem_comp_bond.atom_id_2 
_chem_comp_bond.value_order 
_chem_comp_bond.pdbx_aromatic_flag 
_chem_comp_bond.pdbx_stereo_config 
_chem_comp_bond.pdbx_ordinal 
ALA N   CA   sing N N 1   
ALA N   H    sing N N 2   
ALA N   H2   sing N N 3   
ALA CA  C    sing N N 4   
ALA CA  CB   sing N N 5   
ALA CA  HA   sing N N 6   
ALA C   O    doub N N 7   
ALA C   OXT  sing N N 8   
ALA CB  HB1  sing N N 9   
ALA CB  HB2  sing N N 10  
ALA CB  HB3  sing N N 11  
ALA OXT HXT  sing N N 12  
ARG N   CA   sing N N 13  
ARG N   H    sing N N 14  
ARG N   H2   sing N N 15  
ARG CA  C    sing N N 16  
ARG CA  CB   sing N N 17  
ARG CA  HA   sing N N 18  
ARG C   O    doub N N 19  
ARG C   OXT  sing N N 20  
ARG CB  CG   sing N N 21  
ARG CB  HB2  sing N N 22  
ARG CB  HB3  sing N N 23  
ARG CG  CD   sing N N 24  
ARG CG  HG2  sing N N 25  
ARG CG  HG3  sing N N 26  
ARG CD  NE   sing N N 27  
ARG CD  HD2  sing N N 28  
ARG CD  HD3  sing N N 29  
ARG NE  CZ   sing N N 30  
ARG NE  HE   sing N N 31  
ARG CZ  NH1  sing N N 32  
ARG CZ  NH2  doub N N 33  
ARG NH1 HH11 sing N N 34  
ARG NH1 HH12 sing N N 35  
ARG NH2 HH21 sing N N 36  
ARG NH2 HH22 sing N N 37  
ARG OXT HXT  sing N N 38  
ASN N   CA   sing N N 39  
ASN N   H    sing N N 40  
ASN N   H2   sing N N 41  
ASN CA  C    sing N N 42  
ASN CA  CB   sing N N 43  
ASN CA  HA   sing N N 44  
ASN C   O    doub N N 45  
ASN C   OXT  sing N N 46  
ASN CB  CG   sing N N 47  
ASN CB  HB2  sing N N 48  
ASN CB  HB3  sing N N 49  
ASN CG  OD1  doub N N 50  
ASN CG  ND2  sing N N 51  
ASN ND2 HD21 sing N N 52  
ASN ND2 HD22 sing N N 53  
ASN OXT HXT  sing N N 54  
ASP N   CA   sing N N 55  
ASP N   H    sing N N 56  
ASP N   H2   sing N N 57  
ASP CA  C    sing N N 58  
ASP CA  CB   sing N N 59  
ASP CA  HA   sing N N 60  
ASP C   O    doub N N 61  
ASP C   OXT  sing N N 62  
ASP CB  CG   sing N N 63  
ASP CB  HB2  sing N N 64  
ASP CB  HB3  sing N N 65  
ASP CG  OD1  doub N N 66  
ASP CG  OD2  sing N N 67  
ASP OD2 HD2  sing N N 68  
ASP OXT HXT  sing N N 69  
CYS N   CA   sing N N 70  
CYS N   H    sing N N 71  
CYS N   H2   sing N N 72  
CYS CA  C    sing N N 73  
CYS CA  CB   sing N N 74  
CYS CA  HA   sing N N 75  
CYS C   O    doub N N 76  
CYS C   OXT  sing N N 77  
CYS CB  SG   sing N N 78  
CYS CB  HB2  sing N N 79  
CYS CB  HB3  sing N N 80  
CYS SG  HG   sing N N 81  
CYS OXT HXT  sing N N 82  
GLN N   CA   sing N N 83  
GLN N   H    sing N N 84  
GLN N   H2   sing N N 85  
GLN CA  C    sing N N 86  
GLN CA  CB   sing N N 87  
GLN CA  HA   sing N N 88  
GLN C   O    doub N N 89  
GLN C   OXT  sing N N 90  
GLN CB  CG   sing N N 91  
GLN CB  HB2  sing N N 92  
GLN CB  HB3  sing N N 93  
GLN CG  CD   sing N N 94  
GLN CG  HG2  sing N N 95  
GLN CG  HG3  sing N N 96  
GLN CD  OE1  doub N N 97  
GLN CD  NE2  sing N N 98  
GLN NE2 HE21 sing N N 99  
GLN NE2 HE22 sing N N 100 
GLN OXT HXT  sing N N 101 
GLU N   CA   sing N N 102 
GLU N   H    sing N N 103 
GLU N   H2   sing N N 104 
GLU CA  C    sing N N 105 
GLU CA  CB   sing N N 106 
GLU CA  HA   sing N N 107 
GLU C   O    doub N N 108 
GLU C   OXT  sing N N 109 
GLU CB  CG   sing N N 110 
GLU CB  HB2  sing N N 111 
GLU CB  HB3  sing N N 112 
GLU CG  CD   sing N N 113 
GLU CG  HG2  sing N N 114 
GLU CG  HG3  sing N N 115 
GLU CD  OE1  doub N N 116 
GLU CD  OE2  sing N N 117 
GLU OE2 HE2  sing N N 118 
GLU OXT HXT  sing N N 119 
GLY N   CA   sing N N 120 
GLY N   H    sing N N 121 
GLY N   H2   sing N N 122 
GLY CA  C    sing N N 123 
GLY CA  HA2  sing N N 124 
GLY CA  HA3  sing N N 125 
GLY C   O    doub N N 126 
GLY C   OXT  sing N N 127 
GLY OXT HXT  sing N N 128 
HIS N   CA   sing N N 129 
HIS N   H    sing N N 130 
HIS N   H2   sing N N 131 
HIS CA  C    sing N N 132 
HIS CA  CB   sing N N 133 
HIS CA  HA   sing N N 134 
HIS C   O    doub N N 135 
HIS C   OXT  sing N N 136 
HIS CB  CG   sing N N 137 
HIS CB  HB2  sing N N 138 
HIS CB  HB3  sing N N 139 
HIS CG  ND1  sing Y N 140 
HIS CG  CD2  doub Y N 141 
HIS ND1 CE1  doub Y N 142 
HIS ND1 HD1  sing N N 143 
HIS CD2 NE2  sing Y N 144 
HIS CD2 HD2  sing N N 145 
HIS CE1 NE2  sing Y N 146 
HIS CE1 HE1  sing N N 147 
HIS NE2 HE2  sing N N 148 
HIS OXT HXT  sing N N 149 
HOH O   H1   sing N N 150 
HOH O   H2   sing N N 151 
ILE N   CA   sing N N 152 
ILE N   H    sing N N 153 
ILE N   H2   sing N N 154 
ILE CA  C    sing N N 155 
ILE CA  CB   sing N N 156 
ILE CA  HA   sing N N 157 
ILE C   O    doub N N 158 
ILE C   OXT  sing N N 159 
ILE CB  CG1  sing N N 160 
ILE CB  CG2  sing N N 161 
ILE CB  HB   sing N N 162 
ILE CG1 CD1  sing N N 163 
ILE CG1 HG12 sing N N 164 
ILE CG1 HG13 sing N N 165 
ILE CG2 HG21 sing N N 166 
ILE CG2 HG22 sing N N 167 
ILE CG2 HG23 sing N N 168 
ILE CD1 HD11 sing N N 169 
ILE CD1 HD12 sing N N 170 
ILE CD1 HD13 sing N N 171 
ILE OXT HXT  sing N N 172 
LEU N   CA   sing N N 173 
LEU N   H    sing N N 174 
LEU N   H2   sing N N 175 
LEU CA  C    sing N N 176 
LEU CA  CB   sing N N 177 
LEU CA  HA   sing N N 178 
LEU C   O    doub N N 179 
LEU C   OXT  sing N N 180 
LEU CB  CG   sing N N 181 
LEU CB  HB2  sing N N 182 
LEU CB  HB3  sing N N 183 
LEU CG  CD1  sing N N 184 
LEU CG  CD2  sing N N 185 
LEU CG  HG   sing N N 186 
LEU CD1 HD11 sing N N 187 
LEU CD1 HD12 sing N N 188 
LEU CD1 HD13 sing N N 189 
LEU CD2 HD21 sing N N 190 
LEU CD2 HD22 sing N N 191 
LEU CD2 HD23 sing N N 192 
LEU OXT HXT  sing N N 193 
LYS N   CA   sing N N 194 
LYS N   H    sing N N 195 
LYS N   H2   sing N N 196 
LYS CA  C    sing N N 197 
LYS CA  CB   sing N N 198 
LYS CA  HA   sing N N 199 
LYS C   O    doub N N 200 
LYS C   OXT  sing N N 201 
LYS CB  CG   sing N N 202 
LYS CB  HB2  sing N N 203 
LYS CB  HB3  sing N N 204 
LYS CG  CD   sing N N 205 
LYS CG  HG2  sing N N 206 
LYS CG  HG3  sing N N 207 
LYS CD  CE   sing N N 208 
LYS CD  HD2  sing N N 209 
LYS CD  HD3  sing N N 210 
LYS CE  NZ   sing N N 211 
LYS CE  HE2  sing N N 212 
LYS CE  HE3  sing N N 213 
LYS NZ  HZ1  sing N N 214 
LYS NZ  HZ2  sing N N 215 
LYS NZ  HZ3  sing N N 216 
LYS OXT HXT  sing N N 217 
MET N   CA   sing N N 218 
MET N   H    sing N N 219 
MET N   H2   sing N N 220 
MET CA  C    sing N N 221 
MET CA  CB   sing N N 222 
MET CA  HA   sing N N 223 
MET C   O    doub N N 224 
MET C   OXT  sing N N 225 
MET CB  CG   sing N N 226 
MET CB  HB2  sing N N 227 
MET CB  HB3  sing N N 228 
MET CG  SD   sing N N 229 
MET CG  HG2  sing N N 230 
MET CG  HG3  sing N N 231 
MET SD  CE   sing N N 232 
MET CE  HE1  sing N N 233 
MET CE  HE2  sing N N 234 
MET CE  HE3  sing N N 235 
MET OXT HXT  sing N N 236 
PHE N   CA   sing N N 237 
PHE N   H    sing N N 238 
PHE N   H2   sing N N 239 
PHE CA  C    sing N N 240 
PHE CA  CB   sing N N 241 
PHE CA  HA   sing N N 242 
PHE C   O    doub N N 243 
PHE C   OXT  sing N N 244 
PHE CB  CG   sing N N 245 
PHE CB  HB2  sing N N 246 
PHE CB  HB3  sing N N 247 
PHE CG  CD1  doub Y N 248 
PHE CG  CD2  sing Y N 249 
PHE CD1 CE1  sing Y N 250 
PHE CD1 HD1  sing N N 251 
PHE CD2 CE2  doub Y N 252 
PHE CD2 HD2  sing N N 253 
PHE CE1 CZ   doub Y N 254 
PHE CE1 HE1  sing N N 255 
PHE CE2 CZ   sing Y N 256 
PHE CE2 HE2  sing N N 257 
PHE CZ  HZ   sing N N 258 
PHE OXT HXT  sing N N 259 
PRO N   CA   sing N N 260 
PRO N   CD   sing N N 261 
PRO N   H    sing N N 262 
PRO CA  C    sing N N 263 
PRO CA  CB   sing N N 264 
PRO CA  HA   sing N N 265 
PRO C   O    doub N N 266 
PRO C   OXT  sing N N 267 
PRO CB  CG   sing N N 268 
PRO CB  HB2  sing N N 269 
PRO CB  HB3  sing N N 270 
PRO CG  CD   sing N N 271 
PRO CG  HG2  sing N N 272 
PRO CG  HG3  sing N N 273 
PRO CD  HD2  sing N N 274 
PRO CD  HD3  sing N N 275 
PRO OXT HXT  sing N N 276 
SER N   CA   sing N N 277 
SER N   H    sing N N 278 
SER N   H2   sing N N 279 
SER CA  C    sing N N 280 
SER CA  CB   sing N N 281 
SER CA  HA   sing N N 282 
SER C   O    doub N N 283 
SER C   OXT  sing N N 284 
SER CB  OG   sing N N 285 
SER CB  HB2  sing N N 286 
SER CB  HB3  sing N N 287 
SER OG  HG   sing N N 288 
SER OXT HXT  sing N N 289 
THR N   CA   sing N N 290 
THR N   H    sing N N 291 
THR N   H2   sing N N 292 
THR CA  C    sing N N 293 
THR CA  CB   sing N N 294 
THR CA  HA   sing N N 295 
THR C   O    doub N N 296 
THR C   OXT  sing N N 297 
THR CB  OG1  sing N N 298 
THR CB  CG2  sing N N 299 
THR CB  HB   sing N N 300 
THR OG1 HG1  sing N N 301 
THR CG2 HG21 sing N N 302 
THR CG2 HG22 sing N N 303 
THR CG2 HG23 sing N N 304 
THR OXT HXT  sing N N 305 
TRP N   CA   sing N N 306 
TRP N   H    sing N N 307 
TRP N   H2   sing N N 308 
TRP CA  C    sing N N 309 
TRP CA  CB   sing N N 310 
TRP CA  HA   sing N N 311 
TRP C   O    doub N N 312 
TRP C   OXT  sing N N 313 
TRP CB  CG   sing N N 314 
TRP CB  HB2  sing N N 315 
TRP CB  HB3  sing N N 316 
TRP CG  CD1  doub Y N 317 
TRP CG  CD2  sing Y N 318 
TRP CD1 NE1  sing Y N 319 
TRP CD1 HD1  sing N N 320 
TRP CD2 CE2  doub Y N 321 
TRP CD2 CE3  sing Y N 322 
TRP NE1 CE2  sing Y N 323 
TRP NE1 HE1  sing N N 324 
TRP CE2 CZ2  sing Y N 325 
TRP CE3 CZ3  doub Y N 326 
TRP CE3 HE3  sing N N 327 
TRP CZ2 CH2  doub Y N 328 
TRP CZ2 HZ2  sing N N 329 
TRP CZ3 CH2  sing Y N 330 
TRP CZ3 HZ3  sing N N 331 
TRP CH2 HH2  sing N N 332 
TRP OXT HXT  sing N N 333 
TYR N   CA   sing N N 334 
TYR N   H    sing N N 335 
TYR N   H2   sing N N 336 
TYR CA  C    sing N N 337 
TYR CA  CB   sing N N 338 
TYR CA  HA   sing N N 339 
TYR C   O    doub N N 340 
TYR C   OXT  sing N N 341 
TYR CB  CG   sing N N 342 
TYR CB  HB2  sing N N 343 
TYR CB  HB3  sing N N 344 
TYR CG  CD1  doub Y N 345 
TYR CG  CD2  sing Y N 346 
TYR CD1 CE1  sing Y N 347 
TYR CD1 HD1  sing N N 348 
TYR CD2 CE2  doub Y N 349 
TYR CD2 HD2  sing N N 350 
TYR CE1 CZ   doub Y N 351 
TYR CE1 HE1  sing N N 352 
TYR CE2 CZ   sing Y N 353 
TYR CE2 HE2  sing N N 354 
TYR CZ  OH   sing N N 355 
TYR OH  HH   sing N N 356 
TYR OXT HXT  sing N N 357 
VAL N   CA   sing N N 358 
VAL N   H    sing N N 359 
VAL N   H2   sing N N 360 
VAL CA  C    sing N N 361 
VAL CA  CB   sing N N 362 
VAL CA  HA   sing N N 363 
VAL C   O    doub N N 364 
VAL C   OXT  sing N N 365 
VAL CB  CG1  sing N N 366 
VAL CB  CG2  sing N N 367 
VAL CB  HB   sing N N 368 
VAL CG1 HG11 sing N N 369 
VAL CG1 HG12 sing N N 370 
VAL CG1 HG13 sing N N 371 
VAL CG2 HG21 sing N N 372 
VAL CG2 HG22 sing N N 373 
VAL CG2 HG23 sing N N 374 
VAL OXT HXT  sing N N 375 
# 
_pdbx_entity_nonpoly.entity_id   2 
_pdbx_entity_nonpoly.name        water 
_pdbx_entity_nonpoly.comp_id     HOH 
# 
_pdbx_initial_refinement_model.id               1 
_pdbx_initial_refinement_model.entity_id_list   ? 
_pdbx_initial_refinement_model.type             'experimental model' 
_pdbx_initial_refinement_model.source_name      PDB 
_pdbx_initial_refinement_model.accession_code   1SBZ 
_pdbx_initial_refinement_model.details          'PDB ENTRY 1SBZ' 
# 
